data_7PRY
#
_entry.id   7PRY
#
_cell.length_a   86.393
_cell.length_b   166.778
_cell.length_c   120.180
_cell.angle_alpha   90.000
_cell.angle_beta   108.518
_cell.angle_gamma   90.000
#
_symmetry.space_group_name_H-M   'P 1 21 1'
#
loop_
_entity.id
_entity.type
_entity.pdbx_description
1 polymer 'COVOX-45 Fab heavy chain'
2 polymer 'COVOX-45 Fab light chain'
3 polymer 'Beta-6 Fab heavy chain'
4 polymer 'Beta-6 Fab light chain'
5 polymer 'Spike protein S1'
6 branched 2-acetamido-2-deoxy-beta-D-glucopyranose-(1-4)-[alpha-L-fucopyranose-(1-6)]2-acetamido-2-deoxy-beta-D-glucopyranose
#
loop_
_entity_poly.entity_id
_entity_poly.type
_entity_poly.pdbx_seq_one_letter_code
_entity_poly.pdbx_strand_id
1 'polypeptide(L)'
;QVQLVESGGGVVQPGRSLRLSCAASGFTFSTYAMHWVRQAPGKGLEWVAVLSYDGSNKYYADSVKGRFTISRDNSKNTLY
LQMNSLRAEDTAVYYCAKGGSYAYYYYMDVWGKGTTVTVSSASTKGPSVFPLAPSSKSTSGGTAALGCLVKDYFPEPVTV
SWNSGALTSGVHTFPAVLQSSGLYSLSSVVTVPSSSLGTQTYICNVNHKPSNTKVDKKVEPKSCDK
;
A,F
2 'polypeptide(L)'
;DIQLTQSPSSLSASVGDRVTITCQASQDISNYLNWYQQKPGKAPKLLIYDASNLETGVPSRFSGGGSGTDFTFTITSLQP
EDIATYYCQQYDNLPLTFGGGTKVDIKRTVAAPSVFIFPPSDEQLKSGTASVVCLLNNFYPREAKVQWKVDNALQSGNSQ
ESVTEQDSKDSTYSLSSTLTLSKADYEKHKVYACEVTHQGLSSPVTKSFNRGEC
;
B,G
3 'polypeptide(L)'
;EVQLVESGPGLVKPSETLSLTCTVSGGSISSSSHYWGWIRQPPGKGLEWIGSIYYSESAYYNPSLKSRVTMSIDTSKNQF
SLKLNSVTAADTAVYYCARVTEPRWTSCYFDYWGQGTLVTVSSASTKGPSVFPLAPSSKSTSGGTAALGCLVKDYFPEPV
TVSWNSGALTSGVHTFPAVLQSSGLYSLSSVVTVPSSSLGTQTYICNVNHKPSNTKVDKKVEPKSCDK
;
H,C
4 'polypeptide(L)'
;EIVMTQSPATLSLSPGERATLSCRTSQSVTSYLAWYQQRPGQAPRLLIYDASDRATGIPARFSGSGSGTDFTLTISNLEP
EDFAVYYCQLRSNWPPITFGQGTRLETKRTVAAPSVFIFPPSDEQLKSGTASVVCLLNNFYPREAKVQWKVDNALQSGNS
QESVTEQDSKDSTYSLSSTLTLSKADYEKHKVYACEVTHQGLSSPVTKSFNRGEC
;
L,D
5 'polypeptide(L)'
;MGCVAETGHHHHHHTNLCPFGEVFNATRFASVYAWNRKRISNCVADYSVLYNSASFSTFKCYGVSPTKLNDLCFTNVYAD
SFVIRGDEVRQIAPGQTGNIADYNYKLPDDFTGCVIAWNSNNLDSKVGGNYNYLYRLFRKSNLKPFERDISTEIYQAGST
PCNGVKGFNCYFPLQSYGFQPTYGVGYQPYRVVVLSFELLHAPATVCGKK
;
E,I
#
loop_
_chem_comp.id
_chem_comp.type
_chem_comp.name
_chem_comp.formula
FUC L-saccharide, alpha linking alpha-L-fucopyranose 'C6 H12 O5'
NAG D-saccharide, beta linking 2-acetamido-2-deoxy-beta-D-glucopyranose 'C8 H15 N O6'
#
# COMPACT_ATOMS: atom_id res chain seq x y z
N GLN A 1 -3.58 25.12 6.26
CA GLN A 1 -2.70 24.09 5.72
C GLN A 1 -3.51 22.97 5.08
N VAL A 2 -4.10 23.24 3.91
CA VAL A 2 -4.85 22.23 3.19
C VAL A 2 -3.88 21.19 2.61
N GLN A 3 -4.12 19.93 2.93
CA GLN A 3 -3.26 18.84 2.49
C GLN A 3 -4.00 17.97 1.48
N LEU A 4 -3.35 17.71 0.34
CA LEU A 4 -3.90 16.85 -0.71
C LEU A 4 -2.83 15.82 -1.07
N VAL A 5 -3.08 14.57 -0.72
CA VAL A 5 -2.12 13.48 -0.90
C VAL A 5 -2.68 12.50 -1.92
N GLU A 6 -2.00 12.38 -3.06
CA GLU A 6 -2.39 11.44 -4.09
C GLU A 6 -1.74 10.08 -3.86
N SER A 7 -2.39 9.03 -4.37
CA SER A 7 -1.87 7.68 -4.26
C SER A 7 -2.53 6.82 -5.32
N GLY A 8 -2.06 5.59 -5.44
CA GLY A 8 -2.57 4.65 -6.42
C GLY A 8 -1.97 4.76 -7.80
N GLY A 9 -1.07 5.71 -8.04
CA GLY A 9 -0.47 5.85 -9.36
C GLY A 9 0.67 4.86 -9.55
N GLY A 10 0.72 4.26 -10.75
CA GLY A 10 1.75 3.30 -11.06
C GLY A 10 1.77 2.88 -12.52
N VAL A 11 2.17 1.63 -12.80
CA VAL A 11 2.25 1.12 -14.16
C VAL A 11 1.03 0.24 -14.43
N VAL A 12 0.49 0.33 -15.64
CA VAL A 12 -0.72 -0.40 -16.01
C VAL A 12 -0.71 -0.56 -17.53
N GLN A 13 -1.13 -1.73 -17.99
CA GLN A 13 -1.10 -2.03 -19.42
C GLN A 13 -2.25 -1.34 -20.14
N PRO A 14 -2.10 -1.09 -21.44
CA PRO A 14 -3.18 -0.47 -22.21
C PRO A 14 -4.43 -1.34 -22.21
N GLY A 15 -5.58 -0.71 -21.98
CA GLY A 15 -6.85 -1.40 -21.91
C GLY A 15 -7.29 -1.80 -20.52
N ARG A 16 -6.36 -1.84 -19.56
CA ARG A 16 -6.66 -2.20 -18.19
C ARG A 16 -7.25 -0.99 -17.46
N SER A 17 -7.49 -1.13 -16.15
CA SER A 17 -8.07 -0.06 -15.36
C SER A 17 -7.20 0.24 -14.15
N LEU A 18 -7.33 1.47 -13.65
CA LEU A 18 -6.59 1.92 -12.49
C LEU A 18 -7.43 2.94 -11.74
N ARG A 19 -7.28 2.99 -10.41
CA ARG A 19 -8.08 3.86 -9.57
C ARG A 19 -7.15 4.71 -8.70
N LEU A 20 -7.19 6.03 -8.90
CA LEU A 20 -6.42 6.95 -8.10
C LEU A 20 -7.24 7.44 -6.91
N SER A 21 -6.53 7.97 -5.90
CA SER A 21 -7.17 8.45 -4.69
C SER A 21 -6.48 9.73 -4.20
N CYS A 22 -7.27 10.61 -3.61
CA CYS A 22 -6.80 11.89 -3.10
C CYS A 22 -7.34 12.08 -1.69
N ALA A 23 -6.43 12.19 -0.71
CA ALA A 23 -6.79 12.29 0.70
C ALA A 23 -6.69 13.75 1.13
N ALA A 24 -7.84 14.39 1.33
CA ALA A 24 -7.89 15.78 1.73
C ALA A 24 -7.91 15.92 3.25
N SER A 25 -7.33 17.02 3.73
CA SER A 25 -7.32 17.32 5.16
C SER A 25 -7.17 18.82 5.35
N GLY A 26 -7.67 19.31 6.49
CA GLY A 26 -7.55 20.71 6.83
C GLY A 26 -8.67 21.60 6.35
N PHE A 27 -9.80 21.04 5.93
CA PHE A 27 -10.95 21.83 5.50
C PHE A 27 -12.14 20.90 5.35
N THR A 28 -13.34 21.48 5.42
CA THR A 28 -14.57 20.70 5.26
C THR A 28 -14.64 20.11 3.86
N PHE A 29 -14.16 18.87 3.71
CA PHE A 29 -14.13 18.25 2.39
C PHE A 29 -15.52 18.02 1.83
N SER A 30 -16.50 17.74 2.70
CA SER A 30 -17.86 17.47 2.24
C SER A 30 -18.50 18.68 1.58
N THR A 31 -18.00 19.89 1.85
CA THR A 31 -18.59 21.09 1.29
C THR A 31 -17.92 21.54 0.00
N TYR A 32 -16.63 21.26 -0.19
CA TYR A 32 -15.92 21.77 -1.34
C TYR A 32 -16.05 20.85 -2.54
N ALA A 33 -15.77 21.41 -3.71
CA ALA A 33 -15.70 20.66 -4.95
C ALA A 33 -14.26 20.21 -5.21
N MET A 34 -14.11 19.20 -6.06
CA MET A 34 -12.80 18.59 -6.27
C MET A 34 -12.52 18.44 -7.76
N HIS A 35 -11.24 18.57 -8.11
CA HIS A 35 -10.78 18.52 -9.49
C HIS A 35 -9.78 17.39 -9.68
N TRP A 36 -9.53 17.09 -10.96
CA TRP A 36 -8.41 16.25 -11.37
C TRP A 36 -7.74 16.90 -12.57
N VAL A 37 -6.42 17.08 -12.49
CA VAL A 37 -5.63 17.66 -13.57
C VAL A 37 -4.47 16.72 -13.84
N ARG A 38 -4.09 16.58 -15.10
CA ARG A 38 -2.94 15.78 -15.48
C ARG A 38 -2.06 16.59 -16.42
N GLN A 39 -0.82 16.14 -16.56
CA GLN A 39 0.15 16.81 -17.44
C GLN A 39 1.08 15.75 -18.00
N ALA A 40 0.97 15.51 -19.30
CA ALA A 40 1.79 14.51 -19.97
C ALA A 40 3.25 14.96 -20.00
N PRO A 41 4.19 14.02 -20.12
CA PRO A 41 5.62 14.40 -20.18
C PRO A 41 5.90 15.32 -21.35
N GLY A 42 6.47 16.49 -21.05
CA GLY A 42 6.79 17.46 -22.07
C GLY A 42 5.61 18.21 -22.63
N LYS A 43 4.42 18.01 -22.09
CA LYS A 43 3.21 18.66 -22.59
C LYS A 43 2.71 19.67 -21.57
N GLY A 44 1.60 20.33 -21.91
CA GLY A 44 0.99 21.30 -21.04
C GLY A 44 -0.05 20.68 -20.14
N LEU A 45 -0.66 21.54 -19.32
CA LEU A 45 -1.66 21.09 -18.37
C LEU A 45 -3.00 20.83 -19.07
N GLU A 46 -3.77 19.89 -18.52
CA GLU A 46 -5.05 19.51 -19.09
C GLU A 46 -6.02 19.19 -17.97
N TRP A 47 -7.14 19.91 -17.93
CA TRP A 47 -8.17 19.62 -16.94
C TRP A 47 -8.88 18.32 -17.30
N VAL A 48 -9.08 17.46 -16.29
CA VAL A 48 -9.63 16.12 -16.51
C VAL A 48 -11.10 16.05 -16.12
N ALA A 49 -11.40 16.25 -14.84
CA ALA A 49 -12.77 16.09 -14.35
C ALA A 49 -12.99 16.95 -13.11
N VAL A 50 -14.25 17.09 -12.73
CA VAL A 50 -14.63 17.87 -11.55
C VAL A 50 -15.89 17.27 -10.93
N LEU A 51 -15.97 17.36 -9.61
CA LEU A 51 -17.08 16.83 -8.84
C LEU A 51 -17.76 17.92 -8.03
N SER A 52 -19.03 17.70 -7.71
CA SER A 52 -19.76 18.62 -6.87
C SER A 52 -19.43 18.34 -5.40
N TYR A 53 -20.04 19.11 -4.51
CA TYR A 53 -19.73 18.96 -3.08
C TYR A 53 -20.21 17.62 -2.55
N ASP A 54 -21.39 17.16 -2.98
CA ASP A 54 -21.95 15.90 -2.54
C ASP A 54 -21.78 14.79 -3.55
N GLY A 55 -20.92 14.99 -4.55
CA GLY A 55 -20.64 13.96 -5.53
C GLY A 55 -21.83 13.57 -6.40
N SER A 56 -22.76 14.50 -6.62
CA SER A 56 -23.94 14.22 -7.43
C SER A 56 -23.83 14.73 -8.86
N ASN A 57 -22.96 15.72 -9.12
CA ASN A 57 -22.72 16.21 -10.47
C ASN A 57 -21.25 16.07 -10.80
N LYS A 58 -20.97 15.50 -11.96
CA LYS A 58 -19.61 15.30 -12.44
C LYS A 58 -19.49 15.87 -13.85
N TYR A 59 -18.34 16.45 -14.15
CA TYR A 59 -18.08 17.00 -15.47
C TYR A 59 -16.67 16.62 -15.89
N TYR A 60 -16.55 16.04 -17.09
CA TYR A 60 -15.29 15.52 -17.58
C TYR A 60 -14.85 16.31 -18.82
N ALA A 61 -13.70 15.92 -19.36
CA ALA A 61 -13.23 16.41 -20.65
C ALA A 61 -13.50 15.35 -21.71
N ASP A 62 -13.60 15.80 -22.97
CA ASP A 62 -13.88 14.87 -24.06
C ASP A 62 -12.79 13.82 -24.19
N SER A 63 -11.57 14.15 -23.79
CA SER A 63 -10.46 13.21 -23.91
C SER A 63 -10.61 12.03 -22.96
N VAL A 64 -11.35 12.19 -21.87
CA VAL A 64 -11.57 11.13 -20.88
C VAL A 64 -13.04 10.81 -20.69
N LYS A 65 -13.91 11.42 -21.50
CA LYS A 65 -15.34 11.20 -21.37
C LYS A 65 -15.69 9.75 -21.67
N GLY A 66 -16.60 9.19 -20.86
CA GLY A 66 -17.01 7.81 -20.95
C GLY A 66 -15.94 6.79 -20.59
N ARG A 67 -14.72 7.22 -20.34
CA ARG A 67 -13.62 6.32 -20.07
C ARG A 67 -13.10 6.46 -18.64
N PHE A 68 -13.18 7.66 -18.08
CA PHE A 68 -12.85 7.92 -16.69
C PHE A 68 -14.14 8.13 -15.90
N THR A 69 -14.04 7.90 -14.59
CA THR A 69 -15.17 8.08 -13.68
C THR A 69 -14.66 8.69 -12.40
N ILE A 70 -15.17 9.86 -12.04
CA ILE A 70 -14.77 10.57 -10.84
C ILE A 70 -15.83 10.33 -9.75
N SER A 71 -15.37 9.97 -8.55
CA SER A 71 -16.26 9.73 -7.43
C SER A 71 -15.58 10.24 -6.17
N ARG A 72 -16.34 10.27 -5.08
CA ARG A 72 -15.81 10.75 -3.81
C ARG A 72 -16.54 10.04 -2.67
N ASP A 73 -15.88 10.01 -1.52
CA ASP A 73 -16.43 9.41 -0.31
C ASP A 73 -16.24 10.42 0.81
N ASN A 74 -17.29 11.19 1.09
CA ASN A 74 -17.19 12.26 2.09
C ASN A 74 -16.95 11.73 3.50
N SER A 75 -17.38 10.50 3.78
CA SER A 75 -17.13 9.92 5.09
C SER A 75 -15.64 9.67 5.32
N LYS A 76 -14.92 9.27 4.28
CA LYS A 76 -13.50 9.00 4.36
C LYS A 76 -12.64 10.20 3.96
N ASN A 77 -13.26 11.30 3.53
CA ASN A 77 -12.52 12.50 3.10
C ASN A 77 -11.52 12.17 1.98
N THR A 78 -11.98 11.39 0.99
CA THR A 78 -11.13 10.97 -0.11
C THR A 78 -11.81 11.25 -1.44
N LEU A 79 -10.99 11.54 -2.45
CA LEU A 79 -11.45 11.77 -3.81
C LEU A 79 -10.92 10.67 -4.71
N TYR A 80 -11.78 10.13 -5.57
CA TYR A 80 -11.43 9.01 -6.43
C TYR A 80 -11.43 9.42 -7.89
N LEU A 81 -10.71 8.63 -8.69
CA LEU A 81 -10.71 8.78 -10.15
C LEU A 81 -10.51 7.40 -10.75
N GLN A 82 -11.62 6.76 -11.12
CA GLN A 82 -11.57 5.45 -11.75
C GLN A 82 -11.24 5.62 -13.23
N MET A 83 -10.11 5.06 -13.65
CA MET A 83 -9.62 5.18 -15.02
C MET A 83 -9.69 3.82 -15.70
N ASN A 84 -10.60 3.68 -16.67
CA ASN A 84 -10.75 2.46 -17.43
C ASN A 84 -10.24 2.65 -18.86
N SER A 85 -9.73 1.56 -19.45
CA SER A 85 -9.26 1.52 -20.83
C SER A 85 -8.22 2.62 -21.08
N LEU A 86 -7.06 2.42 -20.45
CA LEU A 86 -6.01 3.44 -20.48
C LEU A 86 -5.16 3.31 -21.75
N ARG A 87 -4.75 4.45 -22.30
CA ARG A 87 -3.87 4.51 -23.45
C ARG A 87 -2.57 5.26 -23.09
N ALA A 88 -1.73 5.47 -24.11
CA ALA A 88 -0.46 6.13 -23.87
C ALA A 88 -0.62 7.60 -23.52
N GLU A 89 -1.71 8.23 -23.97
CA GLU A 89 -1.92 9.63 -23.68
C GLU A 89 -2.21 9.85 -22.21
N ASP A 90 -2.82 8.87 -21.55
CA ASP A 90 -3.17 9.00 -20.15
C ASP A 90 -1.95 9.01 -19.24
N THR A 91 -0.78 8.61 -19.74
CA THR A 91 0.47 8.71 -18.99
C THR A 91 0.75 10.17 -18.66
N ALA A 92 0.64 10.53 -17.39
CA ALA A 92 0.80 11.91 -16.95
C ALA A 92 0.95 11.92 -15.43
N VAL A 93 1.19 13.11 -14.90
CA VAL A 93 1.20 13.33 -13.45
C VAL A 93 -0.16 13.86 -13.07
N TYR A 94 -0.91 13.10 -12.29
CA TYR A 94 -2.29 13.43 -11.94
C TYR A 94 -2.32 14.17 -10.61
N TYR A 95 -2.87 15.38 -10.61
CA TYR A 95 -3.06 16.17 -9.41
C TYR A 95 -4.54 16.23 -9.07
N CYS A 96 -4.84 16.30 -7.78
CA CYS A 96 -6.17 16.70 -7.34
C CYS A 96 -6.11 18.14 -6.82
N ALA A 97 -7.21 18.86 -7.01
CA ALA A 97 -7.27 20.27 -6.63
C ALA A 97 -8.61 20.55 -5.96
N LYS A 98 -8.58 21.39 -4.93
CA LYS A 98 -9.80 21.80 -4.28
C LYS A 98 -10.56 22.80 -5.16
N GLY A 99 -11.87 22.63 -5.25
CA GLY A 99 -12.72 23.49 -6.05
C GLY A 99 -13.28 24.66 -5.28
N GLY A 100 -14.46 25.12 -5.71
CA GLY A 100 -15.10 26.28 -5.12
C GLY A 100 -15.94 25.93 -3.90
N SER A 101 -16.66 26.94 -3.41
CA SER A 101 -17.43 26.81 -2.18
C SER A 101 -18.33 25.58 -2.20
N TYR A 102 -19.20 25.48 -3.20
CA TYR A 102 -20.11 24.34 -3.25
C TYR A 102 -20.12 23.73 -4.65
N ALA A 103 -21.00 24.21 -5.52
CA ALA A 103 -21.03 23.81 -6.91
C ALA A 103 -20.33 24.81 -7.80
N TYR A 104 -19.35 25.53 -7.23
CA TYR A 104 -18.56 26.52 -7.94
C TYR A 104 -17.25 25.89 -8.42
N TYR A 105 -17.39 25.04 -9.44
CA TYR A 105 -16.28 24.25 -9.95
C TYR A 105 -15.16 25.07 -10.58
N TYR A 106 -15.35 26.37 -10.77
CA TYR A 106 -14.43 27.22 -11.52
C TYR A 106 -13.15 27.57 -10.76
N TYR A 107 -12.92 27.05 -9.56
CA TYR A 107 -11.71 27.37 -8.79
C TYR A 107 -10.81 26.16 -8.63
N MET A 108 -9.50 26.43 -8.49
CA MET A 108 -8.49 25.44 -8.14
C MET A 108 -7.53 26.08 -7.13
N ASP A 109 -8.01 26.22 -5.89
CA ASP A 109 -7.29 26.99 -4.88
C ASP A 109 -5.98 26.30 -4.48
N VAL A 110 -6.01 24.98 -4.30
CA VAL A 110 -4.86 24.23 -3.78
C VAL A 110 -4.67 23.00 -4.66
N TRP A 111 -3.43 22.75 -5.06
CA TRP A 111 -3.07 21.56 -5.83
C TRP A 111 -2.27 20.61 -4.96
N GLY A 112 -2.39 19.31 -5.25
CA GLY A 112 -1.62 18.31 -4.56
C GLY A 112 -0.21 18.16 -5.12
N LYS A 113 0.55 17.26 -4.50
CA LYS A 113 1.89 16.97 -4.99
C LYS A 113 1.84 16.17 -6.29
N GLY A 114 0.83 15.31 -6.44
CA GLY A 114 0.62 14.59 -7.67
C GLY A 114 1.24 13.21 -7.72
N THR A 115 0.48 12.23 -8.18
CA THR A 115 0.98 10.89 -8.44
C THR A 115 1.13 10.69 -9.94
N THR A 116 2.03 9.78 -10.32
CA THR A 116 2.39 9.55 -11.71
C THR A 116 1.78 8.23 -12.17
N VAL A 117 1.19 8.24 -13.37
CA VAL A 117 0.63 7.04 -13.98
C VAL A 117 1.36 6.79 -15.30
N THR A 118 1.90 5.58 -15.45
CA THR A 118 2.66 5.20 -16.64
C THR A 118 1.98 4.02 -17.31
N VAL A 119 1.50 4.24 -18.54
CA VAL A 119 0.75 3.24 -19.29
C VAL A 119 1.62 2.76 -20.44
N SER A 120 2.10 1.51 -20.34
CA SER A 120 2.91 0.90 -21.39
C SER A 120 2.80 -0.61 -21.24
N SER A 121 2.90 -1.30 -22.37
CA SER A 121 2.79 -2.76 -22.37
C SER A 121 4.12 -3.45 -22.09
N ALA A 122 5.24 -2.79 -22.39
CA ALA A 122 6.56 -3.38 -22.17
C ALA A 122 6.80 -3.65 -20.69
N SER A 123 7.50 -4.75 -20.41
CA SER A 123 7.86 -5.13 -19.06
C SER A 123 9.24 -4.57 -18.71
N THR A 124 9.66 -4.76 -17.47
CA THR A 124 10.97 -4.28 -17.03
C THR A 124 12.07 -4.96 -17.82
N LYS A 125 12.94 -4.16 -18.44
CA LYS A 125 14.01 -4.70 -19.26
C LYS A 125 15.28 -3.88 -19.07
N GLY A 126 16.41 -4.57 -18.98
CA GLY A 126 17.69 -3.92 -18.84
C GLY A 126 18.15 -3.27 -20.13
N PRO A 127 18.87 -2.16 -20.01
CA PRO A 127 19.29 -1.43 -21.21
C PRO A 127 20.49 -2.06 -21.89
N SER A 128 20.49 -1.95 -23.22
CA SER A 128 21.66 -2.30 -24.02
C SER A 128 22.50 -1.03 -24.22
N VAL A 129 23.79 -1.14 -23.95
CA VAL A 129 24.71 -0.01 -23.98
C VAL A 129 25.63 -0.18 -25.19
N PHE A 130 25.51 0.73 -26.18
CA PHE A 130 26.36 0.71 -27.37
C PHE A 130 27.27 1.93 -27.38
N PRO A 131 28.52 1.77 -27.82
CA PRO A 131 29.47 2.89 -27.78
C PRO A 131 29.34 3.80 -28.99
N LEU A 132 29.40 5.11 -28.72
CA LEU A 132 29.47 6.14 -29.77
C LEU A 132 30.95 6.48 -29.94
N ALA A 133 31.60 5.83 -30.90
CA ALA A 133 33.04 5.95 -31.04
C ALA A 133 33.41 7.28 -31.70
N PRO A 134 34.48 7.94 -31.22
CA PRO A 134 34.95 9.21 -31.81
C PRO A 134 35.62 9.05 -33.17
N GLY A 141 39.06 18.07 -36.41
CA GLY A 141 38.85 19.11 -35.41
C GLY A 141 39.87 19.05 -34.27
N GLY A 142 39.88 20.11 -33.45
CA GLY A 142 40.78 20.14 -32.31
C GLY A 142 40.32 19.31 -31.14
N THR A 143 39.00 19.19 -30.96
CA THR A 143 38.42 18.38 -29.90
C THR A 143 37.46 17.36 -30.49
N ALA A 144 37.40 16.19 -29.86
CA ALA A 144 36.55 15.09 -30.29
C ALA A 144 35.43 14.86 -29.29
N ALA A 145 34.37 14.21 -29.76
CA ALA A 145 33.20 13.90 -28.95
C ALA A 145 32.92 12.41 -29.01
N LEU A 146 32.66 11.81 -27.85
CA LEU A 146 32.32 10.41 -27.76
C LEU A 146 31.16 10.25 -26.79
N GLY A 147 30.49 9.12 -26.86
CA GLY A 147 29.36 8.93 -25.98
C GLY A 147 28.91 7.49 -25.90
N CYS A 148 27.77 7.29 -25.25
CA CYS A 148 27.15 5.99 -25.07
C CYS A 148 25.67 6.08 -25.38
N LEU A 149 25.17 5.09 -26.12
CA LEU A 149 23.75 4.98 -26.44
C LEU A 149 23.13 3.95 -25.50
N VAL A 150 22.23 4.40 -24.63
CA VAL A 150 21.50 3.54 -23.71
C VAL A 150 20.15 3.28 -24.33
N LYS A 151 20.00 2.14 -25.01
CA LYS A 151 18.86 1.88 -25.88
C LYS A 151 18.01 0.72 -25.36
N ASP A 152 16.69 0.87 -25.49
CA ASP A 152 15.71 -0.19 -25.27
C ASP A 152 15.71 -0.67 -23.81
N TYR A 153 15.20 0.20 -22.95
CA TYR A 153 15.03 -0.14 -21.53
C TYR A 153 13.67 0.36 -21.04
N PHE A 154 13.25 -0.19 -19.91
CA PHE A 154 11.98 0.16 -19.29
C PHE A 154 11.95 -0.34 -17.85
N PRO A 155 11.45 0.45 -16.90
CA PRO A 155 11.01 1.83 -17.11
C PRO A 155 12.08 2.87 -16.73
N GLU A 156 11.66 4.13 -16.61
CA GLU A 156 12.54 5.19 -16.19
C GLU A 156 12.88 5.03 -14.70
N PRO A 157 14.02 5.58 -14.26
CA PRO A 157 15.07 6.21 -15.05
C PRO A 157 16.37 5.43 -15.05
N VAL A 158 17.34 5.89 -15.85
CA VAL A 158 18.70 5.37 -15.81
C VAL A 158 19.63 6.50 -15.45
N THR A 159 20.79 6.13 -14.90
CA THR A 159 21.82 7.06 -14.49
C THR A 159 23.12 6.69 -15.21
N VAL A 160 23.79 7.69 -15.77
CA VAL A 160 25.02 7.51 -16.52
C VAL A 160 26.10 8.39 -15.92
N SER A 161 27.26 7.80 -15.63
CA SER A 161 28.44 8.53 -15.22
C SER A 161 29.62 8.09 -16.08
N TRP A 162 30.68 8.88 -16.06
CA TRP A 162 31.87 8.62 -16.87
C TRP A 162 33.09 8.47 -15.98
N ASN A 163 33.83 7.39 -16.18
CA ASN A 163 35.02 7.08 -15.38
C ASN A 163 34.68 7.03 -13.89
N SER A 164 33.52 6.45 -13.57
CA SER A 164 33.04 6.27 -12.20
C SER A 164 32.92 7.60 -11.46
N GLY A 165 32.64 8.68 -12.18
CA GLY A 165 32.49 10.00 -11.61
C GLY A 165 33.68 10.90 -11.78
N ALA A 166 34.79 10.40 -12.32
CA ALA A 166 35.97 11.24 -12.51
C ALA A 166 35.77 12.23 -13.64
N LEU A 167 35.17 11.78 -14.74
CA LEU A 167 34.93 12.63 -15.90
C LEU A 167 33.55 13.26 -15.77
N THR A 168 33.52 14.55 -15.46
CA THR A 168 32.31 15.32 -15.35
C THR A 168 32.28 16.54 -16.27
N SER A 169 33.43 17.09 -16.63
CA SER A 169 33.48 18.27 -17.47
C SER A 169 33.13 17.91 -18.91
N GLY A 170 32.22 18.68 -19.50
CA GLY A 170 31.83 18.47 -20.88
C GLY A 170 30.88 17.34 -21.12
N VAL A 171 30.32 16.76 -20.06
CA VAL A 171 29.39 15.63 -20.19
C VAL A 171 27.98 16.17 -20.36
N HIS A 172 27.26 15.62 -21.34
CA HIS A 172 25.86 15.97 -21.59
C HIS A 172 25.07 14.66 -21.67
N THR A 173 24.30 14.36 -20.61
CA THR A 173 23.42 13.21 -20.59
C THR A 173 22.02 13.68 -20.96
N PHE A 174 21.56 13.30 -22.15
CA PHE A 174 20.29 13.78 -22.67
C PHE A 174 19.13 13.04 -22.03
N PRO A 175 17.98 13.71 -21.87
CA PRO A 175 16.79 13.02 -21.38
C PRO A 175 16.33 11.97 -22.38
N ALA A 176 15.66 10.95 -21.87
CA ALA A 176 15.29 9.81 -22.70
C ALA A 176 14.10 10.14 -23.57
N VAL A 177 14.04 9.51 -24.74
CA VAL A 177 12.90 9.60 -25.63
C VAL A 177 12.17 8.27 -25.58
N LEU A 178 10.85 8.34 -25.73
CA LEU A 178 10.01 7.15 -25.72
C LEU A 178 9.86 6.68 -27.17
N GLN A 179 10.42 5.51 -27.47
CA GLN A 179 10.37 4.98 -28.81
C GLN A 179 8.99 4.39 -29.10
N SER A 180 8.71 4.20 -30.39
CA SER A 180 7.43 3.65 -30.80
C SER A 180 7.24 2.21 -30.37
N SER A 181 8.29 1.56 -29.85
CA SER A 181 8.19 0.19 -29.34
C SER A 181 7.75 0.12 -27.89
N GLY A 182 7.68 1.26 -27.19
CA GLY A 182 7.36 1.28 -25.79
C GLY A 182 8.55 1.30 -24.86
N LEU A 183 9.76 1.18 -25.41
CA LEU A 183 10.99 1.22 -24.64
C LEU A 183 11.64 2.60 -24.76
N TYR A 184 12.50 2.91 -23.80
CA TYR A 184 13.18 4.19 -23.76
C TYR A 184 14.61 4.07 -24.30
N SER A 185 15.07 5.14 -24.93
CA SER A 185 16.46 5.26 -25.37
C SER A 185 17.04 6.55 -24.83
N LEU A 186 18.32 6.50 -24.51
CA LEU A 186 19.01 7.63 -23.91
C LEU A 186 20.44 7.66 -24.43
N SER A 187 21.00 8.86 -24.53
CA SER A 187 22.37 9.02 -24.98
C SER A 187 23.07 9.99 -24.05
N SER A 188 24.32 9.68 -23.72
CA SER A 188 25.16 10.54 -22.90
C SER A 188 26.51 10.66 -23.58
N VAL A 189 26.95 11.89 -23.80
CA VAL A 189 28.17 12.16 -24.53
C VAL A 189 29.09 13.02 -23.68
N VAL A 190 30.35 13.10 -24.09
CA VAL A 190 31.34 13.95 -23.45
C VAL A 190 32.33 14.41 -24.52
N THR A 191 32.69 15.69 -24.46
CA THR A 191 33.67 16.25 -25.39
C THR A 191 35.05 16.20 -24.74
N VAL A 192 35.99 15.57 -25.41
CA VAL A 192 37.34 15.39 -24.87
C VAL A 192 38.34 15.86 -25.92
N PRO A 193 39.53 16.31 -25.53
CA PRO A 193 40.53 16.68 -26.53
C PRO A 193 41.02 15.48 -27.31
N SER A 194 41.43 15.73 -28.56
CA SER A 194 41.86 14.65 -29.45
C SER A 194 43.21 14.07 -29.06
N SER A 195 44.05 14.83 -28.34
CA SER A 195 45.38 14.35 -28.02
C SER A 195 45.35 13.22 -26.99
N SER A 196 44.35 13.21 -26.11
CA SER A 196 44.25 12.21 -25.06
C SER A 196 43.39 11.02 -25.45
N LEU A 197 43.07 10.85 -26.74
CA LEU A 197 42.24 9.74 -27.17
C LEU A 197 42.97 8.40 -27.12
N GLY A 198 44.30 8.41 -27.17
CA GLY A 198 45.06 7.17 -27.15
C GLY A 198 45.74 6.86 -25.84
N THR A 199 45.74 7.82 -24.91
CA THR A 199 46.37 7.65 -23.61
C THR A 199 45.38 7.86 -22.46
N GLN A 200 44.09 7.76 -22.72
CA GLN A 200 43.07 7.90 -21.68
C GLN A 200 41.84 7.11 -22.08
N THR A 201 41.51 6.10 -21.29
CA THR A 201 40.35 5.25 -21.56
C THR A 201 39.10 5.83 -20.90
N TYR A 202 38.01 5.85 -21.66
CA TYR A 202 36.73 6.38 -21.20
C TYR A 202 35.72 5.25 -21.08
N ILE A 203 35.03 5.17 -19.94
CA ILE A 203 34.00 4.17 -19.70
C ILE A 203 32.77 4.88 -19.15
N CYS A 204 31.61 4.57 -19.73
CA CYS A 204 30.33 5.09 -19.24
C CYS A 204 29.70 4.06 -18.31
N ASN A 205 29.19 4.53 -17.18
CA ASN A 205 28.65 3.67 -16.13
C ASN A 205 27.13 3.81 -16.14
N VAL A 206 26.46 2.86 -16.79
CA VAL A 206 25.00 2.85 -16.89
C VAL A 206 24.43 2.00 -15.77
N ASN A 207 23.53 2.58 -14.99
CA ASN A 207 22.89 1.88 -13.88
C ASN A 207 21.38 1.97 -14.04
N HIS A 208 20.71 0.81 -14.03
CA HIS A 208 19.25 0.74 -14.22
C HIS A 208 18.67 -0.03 -13.03
N LYS A 209 18.29 0.69 -11.98
CA LYS A 209 17.78 0.05 -10.77
C LYS A 209 16.54 -0.81 -11.00
N PRO A 210 15.54 -0.40 -11.80
CA PRO A 210 14.36 -1.27 -11.98
C PRO A 210 14.69 -2.67 -12.48
N SER A 211 15.72 -2.82 -13.30
CA SER A 211 16.13 -4.13 -13.79
C SER A 211 17.39 -4.66 -13.11
N ASN A 212 17.93 -3.94 -12.14
CA ASN A 212 19.14 -4.34 -11.42
C ASN A 212 20.29 -4.60 -12.41
N THR A 213 20.45 -3.68 -13.36
CA THR A 213 21.45 -3.79 -14.41
C THR A 213 22.50 -2.71 -14.20
N LYS A 214 23.77 -3.12 -14.18
CA LYS A 214 24.90 -2.20 -14.11
C LYS A 214 25.88 -2.60 -15.21
N VAL A 215 26.07 -1.71 -16.19
CA VAL A 215 26.91 -1.97 -17.35
C VAL A 215 27.97 -0.89 -17.43
N ASP A 216 29.23 -1.31 -17.57
CA ASP A 216 30.36 -0.41 -17.80
C ASP A 216 30.88 -0.67 -19.20
N LYS A 217 30.69 0.29 -20.10
CA LYS A 217 31.03 0.13 -21.50
C LYS A 217 32.23 1.00 -21.85
N LYS A 218 33.23 0.39 -22.48
CA LYS A 218 34.47 1.08 -22.85
C LYS A 218 34.35 1.60 -24.28
N VAL A 219 34.48 2.92 -24.44
CA VAL A 219 34.38 3.56 -25.74
C VAL A 219 35.79 3.75 -26.29
N GLU A 220 36.04 3.19 -27.47
CA GLU A 220 37.32 3.25 -28.15
C GLU A 220 37.14 3.84 -29.54
N PRO A 221 38.19 4.43 -30.10
CA PRO A 221 38.12 4.89 -31.51
C PRO A 221 38.18 3.72 -32.47
N LYS A 222 37.80 3.99 -33.72
CA LYS A 222 37.81 2.96 -34.76
C LYS A 222 38.75 3.34 -35.90
N ASP B 1 -15.59 25.18 -26.55
CA ASP B 1 -14.64 25.46 -25.49
C ASP B 1 -14.01 26.84 -25.70
N ILE B 2 -13.42 27.38 -24.63
CA ILE B 2 -12.69 28.64 -24.69
C ILE B 2 -11.22 28.31 -24.88
N GLN B 3 -10.62 28.86 -25.92
CA GLN B 3 -9.23 28.59 -26.26
C GLN B 3 -8.37 29.78 -25.92
N LEU B 4 -7.13 29.52 -25.49
CA LEU B 4 -6.20 30.57 -25.10
C LEU B 4 -4.96 30.52 -25.98
N THR B 5 -4.48 31.71 -26.35
CA THR B 5 -3.33 31.85 -27.25
C THR B 5 -2.29 32.73 -26.56
N GLN B 6 -1.15 32.14 -26.22
CA GLN B 6 -0.05 32.89 -25.63
C GLN B 6 0.94 33.35 -26.69
N SER B 7 1.58 34.49 -26.43
CA SER B 7 2.58 35.01 -27.32
C SER B 7 3.61 35.73 -26.47
N PRO B 8 4.92 35.45 -26.64
CA PRO B 8 5.42 34.46 -27.59
C PRO B 8 5.47 33.05 -27.00
N SER B 9 5.82 32.06 -27.83
CA SER B 9 5.99 30.70 -27.33
C SER B 9 7.20 30.60 -26.40
N SER B 10 8.27 31.34 -26.72
CA SER B 10 9.44 31.41 -25.86
C SER B 10 10.17 32.70 -26.16
N LEU B 11 10.83 33.24 -25.14
CA LEU B 11 11.58 34.49 -25.28
C LEU B 11 12.84 34.41 -24.42
N SER B 12 13.74 35.35 -24.66
CA SER B 12 14.97 35.47 -23.90
C SER B 12 15.14 36.94 -23.52
N ALA B 13 15.49 37.20 -22.27
CA ALA B 13 15.69 38.57 -21.81
C ALA B 13 16.81 38.59 -20.79
N SER B 14 17.50 39.73 -20.73
CA SER B 14 18.57 39.91 -19.77
C SER B 14 18.00 40.15 -18.38
N VAL B 15 18.87 40.02 -17.37
CA VAL B 15 18.44 40.25 -15.99
C VAL B 15 18.13 41.73 -15.80
N GLY B 16 16.96 42.00 -15.24
CA GLY B 16 16.51 43.37 -15.04
C GLY B 16 15.65 43.92 -16.17
N ASP B 17 15.62 43.25 -17.32
CA ASP B 17 14.80 43.72 -18.43
C ASP B 17 13.33 43.52 -18.12
N ARG B 18 12.49 44.24 -18.86
CA ARG B 18 11.04 44.15 -18.72
C ARG B 18 10.52 43.06 -19.66
N VAL B 19 9.89 42.04 -19.08
CA VAL B 19 9.35 40.91 -19.82
C VAL B 19 7.84 40.99 -19.77
N THR B 20 7.21 40.99 -20.95
CA THR B 20 5.75 41.09 -21.04
C THR B 20 5.26 40.07 -22.07
N ILE B 21 4.43 39.13 -21.62
CA ILE B 21 3.82 38.16 -22.50
C ILE B 21 2.31 38.36 -22.47
N THR B 22 1.65 37.92 -23.55
CA THR B 22 0.23 38.15 -23.73
C THR B 22 -0.52 36.82 -23.76
N CYS B 23 -1.81 36.90 -23.42
CA CYS B 23 -2.70 35.74 -23.40
C CYS B 23 -4.07 36.22 -23.87
N GLN B 24 -4.47 35.84 -25.08
CA GLN B 24 -5.74 36.28 -25.65
C GLN B 24 -6.73 35.12 -25.68
N ALA B 25 -7.98 35.42 -25.36
CA ALA B 25 -9.06 34.44 -25.22
C ALA B 25 -9.98 34.43 -26.43
N SER B 26 -10.53 33.24 -26.72
CA SER B 26 -11.41 33.06 -27.87
C SER B 26 -12.76 33.76 -27.71
N GLN B 27 -13.15 34.08 -26.48
CA GLN B 27 -14.37 34.82 -26.22
C GLN B 27 -14.22 35.52 -24.88
N ASP B 28 -15.19 36.38 -24.57
CA ASP B 28 -15.10 37.17 -23.35
C ASP B 28 -15.13 36.27 -22.12
N ILE B 29 -14.12 36.40 -21.27
CA ILE B 29 -14.01 35.65 -20.03
C ILE B 29 -13.94 36.58 -18.82
N SER B 30 -14.42 37.82 -18.98
CA SER B 30 -14.36 38.82 -17.92
C SER B 30 -12.94 39.00 -17.43
N ASN B 31 -12.68 38.62 -16.18
CA ASN B 31 -11.35 38.69 -15.60
C ASN B 31 -10.96 37.38 -14.94
N TYR B 32 -11.53 36.26 -15.40
CA TYR B 32 -11.24 34.94 -14.87
C TYR B 32 -10.03 34.34 -15.59
N LEU B 33 -8.87 34.96 -15.35
CA LEU B 33 -7.62 34.52 -15.95
C LEU B 33 -6.58 34.32 -14.87
N ASN B 34 -5.98 33.13 -14.84
CA ASN B 34 -4.91 32.80 -13.89
C ASN B 34 -3.58 32.75 -14.63
N TRP B 35 -2.50 33.00 -13.88
CA TRP B 35 -1.14 32.90 -14.41
C TRP B 35 -0.33 31.97 -13.51
N TYR B 36 0.18 30.90 -14.11
CA TYR B 36 0.97 29.90 -13.39
C TYR B 36 2.44 29.98 -13.79
N GLN B 37 3.32 29.75 -12.82
CA GLN B 37 4.74 29.55 -13.07
C GLN B 37 5.08 28.10 -12.77
N GLN B 38 5.79 27.44 -13.68
CA GLN B 38 6.15 26.04 -13.52
C GLN B 38 7.61 25.85 -13.91
N LYS B 39 8.47 25.61 -12.91
CA LYS B 39 9.84 25.21 -13.18
C LYS B 39 9.89 23.71 -13.50
N PRO B 40 10.86 23.29 -14.30
CA PRO B 40 10.90 21.88 -14.72
C PRO B 40 11.08 20.93 -13.54
N GLY B 41 10.20 19.94 -13.46
CA GLY B 41 10.19 19.00 -12.35
C GLY B 41 9.18 19.34 -11.27
N LYS B 42 9.04 20.63 -10.95
CA LYS B 42 8.10 21.04 -9.93
C LYS B 42 6.68 21.09 -10.50
N ALA B 43 5.72 21.35 -9.62
CA ALA B 43 4.33 21.58 -9.98
C ALA B 43 4.10 23.04 -10.28
N PRO B 44 3.02 23.38 -11.00
CA PRO B 44 2.75 24.79 -11.30
C PRO B 44 2.37 25.58 -10.05
N LYS B 45 2.95 26.77 -9.93
CA LYS B 45 2.67 27.68 -8.83
C LYS B 45 1.88 28.87 -9.36
N LEU B 46 0.78 29.20 -8.70
CA LEU B 46 -0.06 30.31 -9.12
C LEU B 46 0.57 31.64 -8.69
N LEU B 47 0.69 32.57 -9.63
CA LEU B 47 1.24 33.90 -9.37
C LEU B 47 0.20 35.00 -9.42
N ILE B 48 -0.72 34.95 -10.38
CA ILE B 48 -1.73 35.99 -10.57
C ILE B 48 -3.10 35.33 -10.60
N TYR B 49 -4.02 35.84 -9.79
CA TYR B 49 -5.41 35.41 -9.81
C TYR B 49 -6.31 36.59 -10.13
N ASP B 50 -7.43 36.32 -10.80
CA ASP B 50 -8.34 37.35 -11.28
C ASP B 50 -7.61 38.38 -12.14
N ALA B 51 -6.75 37.89 -13.03
CA ALA B 51 -6.10 38.70 -14.06
C ALA B 51 -5.12 39.73 -13.50
N SER B 52 -5.44 40.37 -12.38
CA SER B 52 -4.67 41.50 -11.89
C SER B 52 -4.02 41.30 -10.53
N ASN B 53 -4.60 40.48 -9.65
CA ASN B 53 -4.16 40.40 -8.28
C ASN B 53 -2.99 39.42 -8.11
N LEU B 54 -2.18 39.68 -7.09
CA LEU B 54 -1.01 38.87 -6.79
C LEU B 54 -1.35 37.83 -5.71
N GLU B 55 -0.83 36.62 -5.91
CA GLU B 55 -1.00 35.57 -4.92
C GLU B 55 -0.09 35.81 -3.72
N THR B 56 -0.42 35.16 -2.61
CA THR B 56 0.35 35.31 -1.38
C THR B 56 1.77 34.80 -1.60
N GLY B 57 2.75 35.62 -1.22
CA GLY B 57 4.15 35.26 -1.32
C GLY B 57 4.81 35.65 -2.63
N VAL B 58 4.03 35.87 -3.68
CA VAL B 58 4.60 36.26 -4.99
C VAL B 58 5.20 37.66 -4.87
N PRO B 59 6.44 37.86 -5.31
CA PRO B 59 7.06 39.19 -5.19
C PRO B 59 6.35 40.21 -6.06
N SER B 60 6.57 41.49 -5.73
CA SER B 60 5.94 42.58 -6.45
C SER B 60 6.48 42.74 -7.88
N ARG B 61 7.53 42.00 -8.24
CA ARG B 61 8.07 42.06 -9.59
C ARG B 61 7.10 41.51 -10.63
N PHE B 62 6.14 40.69 -10.22
CA PHE B 62 5.14 40.13 -11.12
C PHE B 62 3.89 40.99 -11.10
N SER B 63 3.27 41.13 -12.27
CA SER B 63 2.04 41.89 -12.40
C SER B 63 1.23 41.33 -13.55
N GLY B 64 -0.08 41.59 -13.50
CA GLY B 64 -0.98 41.10 -14.52
C GLY B 64 -2.06 42.13 -14.80
N GLY B 65 -2.64 42.00 -15.98
CA GLY B 65 -3.67 42.96 -16.40
C GLY B 65 -4.51 42.38 -17.51
N GLY B 66 -5.60 43.09 -17.78
CA GLY B 66 -6.48 42.72 -18.88
C GLY B 66 -7.89 42.42 -18.43
N SER B 67 -8.82 42.42 -19.40
CA SER B 67 -10.20 42.07 -19.11
C SER B 67 -10.89 41.73 -20.41
N GLY B 68 -11.69 40.67 -20.39
CA GLY B 68 -12.45 40.29 -21.56
C GLY B 68 -11.78 39.20 -22.37
N THR B 69 -10.96 39.60 -23.33
CA THR B 69 -10.29 38.68 -24.23
C THR B 69 -8.78 38.82 -24.25
N ASP B 70 -8.25 40.03 -24.08
CA ASP B 70 -6.81 40.28 -24.16
C ASP B 70 -6.25 40.51 -22.76
N PHE B 71 -5.22 39.74 -22.40
CA PHE B 71 -4.58 39.81 -21.09
C PHE B 71 -3.08 39.86 -21.27
N THR B 72 -2.40 40.42 -20.25
CA THR B 72 -0.95 40.55 -20.27
C THR B 72 -0.37 40.07 -18.95
N PHE B 73 0.88 39.61 -19.00
CA PHE B 73 1.66 39.22 -17.83
C PHE B 73 3.03 39.88 -17.90
N THR B 74 3.41 40.58 -16.86
CA THR B 74 4.60 41.44 -16.90
C THR B 74 5.51 41.12 -15.72
N ILE B 75 6.79 40.90 -15.99
CA ILE B 75 7.84 40.85 -14.97
C ILE B 75 8.71 42.09 -15.16
N THR B 76 8.62 43.04 -14.23
CA THR B 76 9.33 44.30 -14.39
C THR B 76 10.84 44.11 -14.35
N SER B 77 11.34 43.33 -13.39
CA SER B 77 12.77 43.09 -13.23
C SER B 77 13.01 41.59 -13.14
N LEU B 78 13.73 41.05 -14.10
CA LEU B 78 13.98 39.62 -14.15
C LEU B 78 14.96 39.19 -13.07
N GLN B 79 14.79 37.96 -12.59
CA GLN B 79 15.56 37.38 -11.51
C GLN B 79 16.01 35.97 -11.88
N PRO B 80 17.04 35.44 -11.21
CA PRO B 80 17.53 34.10 -11.58
C PRO B 80 16.51 33.00 -11.34
N GLU B 81 15.68 33.14 -10.32
CA GLU B 81 14.64 32.15 -10.05
C GLU B 81 13.37 32.39 -10.86
N ASP B 82 13.44 33.22 -11.90
CA ASP B 82 12.29 33.47 -12.76
C ASP B 82 12.37 32.71 -14.08
N ILE B 83 13.28 31.74 -14.18
CA ILE B 83 13.43 30.95 -15.40
C ILE B 83 12.47 29.77 -15.29
N ALA B 84 11.36 29.85 -16.00
CA ALA B 84 10.34 28.81 -16.01
C ALA B 84 9.44 29.01 -17.21
N THR B 85 8.42 28.17 -17.32
CA THR B 85 7.42 28.29 -18.37
C THR B 85 6.13 28.81 -17.74
N TYR B 86 5.62 29.92 -18.26
CA TYR B 86 4.47 30.60 -17.70
C TYR B 86 3.22 30.26 -18.51
N TYR B 87 2.21 29.72 -17.84
CA TYR B 87 0.94 29.39 -18.45
C TYR B 87 -0.15 30.33 -17.96
N CYS B 88 -1.08 30.64 -18.84
CA CYS B 88 -2.29 31.36 -18.49
C CYS B 88 -3.48 30.42 -18.60
N GLN B 89 -4.42 30.54 -17.67
CA GLN B 89 -5.57 29.65 -17.57
C GLN B 89 -6.83 30.48 -17.35
N GLN B 90 -7.86 30.18 -18.12
CA GLN B 90 -9.18 30.77 -17.92
C GLN B 90 -10.00 29.89 -17.00
N TYR B 91 -10.95 30.50 -16.30
CA TYR B 91 -11.91 29.76 -15.50
C TYR B 91 -13.27 30.44 -15.56
N ASP B 92 -13.64 30.93 -16.75
CA ASP B 92 -14.98 31.46 -16.96
C ASP B 92 -15.99 30.35 -17.19
N ASN B 93 -15.55 29.22 -17.72
CA ASN B 93 -16.45 28.12 -18.06
C ASN B 93 -15.64 26.83 -18.06
N LEU B 94 -16.36 25.71 -18.03
CA LEU B 94 -15.77 24.40 -18.22
C LEU B 94 -15.82 24.02 -19.71
N PRO B 95 -14.81 23.32 -20.23
CA PRO B 95 -13.62 22.83 -19.50
C PRO B 95 -12.59 23.92 -19.26
N LEU B 96 -11.89 23.83 -18.14
CA LEU B 96 -10.81 24.76 -17.85
C LEU B 96 -9.66 24.53 -18.83
N THR B 97 -9.26 25.58 -19.54
CA THR B 97 -8.27 25.49 -20.60
C THR B 97 -7.09 26.40 -20.32
N PHE B 98 -5.90 25.93 -20.66
CA PHE B 98 -4.65 26.64 -20.41
C PHE B 98 -4.09 27.20 -21.71
N GLY B 99 -3.10 28.08 -21.56
CA GLY B 99 -2.41 28.66 -22.70
C GLY B 99 -1.32 27.76 -23.22
N GLY B 100 -0.64 28.26 -24.27
CA GLY B 100 0.46 27.52 -24.86
C GLY B 100 1.72 27.48 -24.02
N GLY B 101 1.90 28.46 -23.14
CA GLY B 101 3.11 28.51 -22.33
C GLY B 101 4.17 29.40 -22.95
N THR B 102 5.02 29.96 -22.10
CA THR B 102 6.09 30.85 -22.53
C THR B 102 7.34 30.52 -21.74
N LYS B 103 8.37 30.02 -22.42
CA LYS B 103 9.65 29.73 -21.78
C LYS B 103 10.53 30.96 -21.77
N VAL B 104 11.19 31.20 -20.64
CA VAL B 104 12.05 32.35 -20.45
C VAL B 104 13.48 31.86 -20.36
N ASP B 105 14.35 32.42 -21.19
CA ASP B 105 15.73 31.99 -21.29
C ASP B 105 16.68 33.04 -20.73
N ILE B 106 17.91 32.62 -20.51
CA ILE B 106 18.97 33.56 -20.22
C ILE B 106 19.59 33.98 -21.54
N LYS B 107 19.54 35.27 -21.86
CA LYS B 107 19.95 35.72 -23.19
C LYS B 107 21.46 35.64 -23.29
N ARG B 108 21.96 34.87 -24.24
CA ARG B 108 23.39 34.63 -24.40
C ARG B 108 23.78 34.92 -25.85
N THR B 109 25.01 35.37 -26.04
CA THR B 109 25.51 35.65 -27.38
C THR B 109 25.37 34.41 -28.25
N VAL B 110 24.87 34.62 -29.47
CA VAL B 110 24.56 33.51 -30.36
C VAL B 110 25.80 32.66 -30.57
N ALA B 111 25.70 31.37 -30.23
CA ALA B 111 26.79 30.42 -30.31
C ALA B 111 26.39 29.30 -31.27
N ALA B 112 27.29 28.96 -32.19
CA ALA B 112 27.01 27.93 -33.17
C ALA B 112 27.28 26.53 -32.60
N PRO B 113 26.49 25.54 -33.00
CA PRO B 113 26.66 24.19 -32.47
C PRO B 113 27.87 23.48 -33.07
N SER B 114 28.41 22.55 -32.29
CA SER B 114 29.46 21.65 -32.74
C SER B 114 28.81 20.35 -33.17
N VAL B 115 28.80 20.07 -34.47
CA VAL B 115 28.04 18.96 -35.04
C VAL B 115 28.92 17.73 -35.11
N PHE B 116 28.42 16.62 -34.57
CA PHE B 116 29.13 15.34 -34.62
C PHE B 116 28.15 14.25 -34.98
N ILE B 117 28.61 13.30 -35.80
CA ILE B 117 27.79 12.15 -36.19
C ILE B 117 28.47 10.89 -35.70
N PHE B 118 27.66 9.88 -35.39
CA PHE B 118 28.16 8.60 -34.87
C PHE B 118 27.52 7.45 -35.62
N PRO B 119 28.29 6.67 -36.37
CA PRO B 119 27.75 5.48 -37.02
C PRO B 119 27.33 4.45 -35.99
N PRO B 120 26.42 3.54 -36.35
CA PRO B 120 26.03 2.48 -35.40
C PRO B 120 27.18 1.53 -35.12
N SER B 121 27.31 1.13 -33.86
CA SER B 121 28.39 0.25 -33.46
C SER B 121 28.21 -1.13 -34.09
N ASP B 122 29.32 -1.83 -34.27
CA ASP B 122 29.27 -3.19 -34.80
C ASP B 122 28.56 -4.13 -33.84
N GLU B 123 28.59 -3.84 -32.54
CA GLU B 123 27.87 -4.65 -31.58
C GLU B 123 26.36 -4.54 -31.80
N GLN B 124 25.87 -3.34 -32.10
CA GLN B 124 24.44 -3.16 -32.32
C GLN B 124 24.02 -3.78 -33.65
N LEU B 125 24.85 -3.66 -34.68
CA LEU B 125 24.52 -4.25 -35.98
C LEU B 125 24.38 -5.76 -35.91
N LYS B 126 24.99 -6.39 -34.91
CA LYS B 126 24.80 -7.82 -34.70
C LYS B 126 23.38 -8.15 -34.26
N SER B 127 22.68 -7.20 -33.66
CA SER B 127 21.32 -7.40 -33.17
C SER B 127 20.26 -7.15 -34.23
N GLY B 128 20.63 -6.61 -35.40
CA GLY B 128 19.67 -6.35 -36.45
C GLY B 128 19.05 -4.98 -36.45
N THR B 129 19.64 -4.01 -35.76
CA THR B 129 19.14 -2.64 -35.70
C THR B 129 20.31 -1.67 -35.79
N ALA B 130 20.11 -0.56 -36.49
CA ALA B 130 21.15 0.45 -36.67
C ALA B 130 20.67 1.78 -36.15
N SER B 131 21.50 2.45 -35.35
CA SER B 131 21.17 3.75 -34.78
C SER B 131 22.31 4.73 -35.07
N VAL B 132 22.04 5.72 -35.91
CA VAL B 132 22.98 6.79 -36.20
C VAL B 132 22.65 7.98 -35.33
N VAL B 133 23.67 8.58 -34.72
CA VAL B 133 23.49 9.64 -33.75
C VAL B 133 24.10 10.93 -34.31
N CYS B 134 23.36 12.02 -34.17
CA CYS B 134 23.80 13.35 -34.57
C CYS B 134 23.82 14.22 -33.32
N LEU B 135 24.97 14.82 -33.04
CA LEU B 135 25.18 15.57 -31.81
C LEU B 135 25.34 17.05 -32.13
N LEU B 136 24.59 17.89 -31.41
CA LEU B 136 24.69 19.36 -31.51
C LEU B 136 25.15 19.86 -30.15
N ASN B 137 26.45 20.11 -30.01
CA ASN B 137 27.07 20.41 -28.73
C ASN B 137 27.16 21.92 -28.52
N ASN B 138 26.55 22.40 -27.43
CA ASN B 138 26.72 23.77 -26.94
C ASN B 138 26.39 24.83 -27.98
N PHE B 139 25.13 25.23 -28.06
CA PHE B 139 24.69 26.28 -28.98
C PHE B 139 23.64 27.14 -28.31
N TYR B 140 23.31 28.26 -28.96
CA TYR B 140 22.27 29.17 -28.50
C TYR B 140 21.86 30.04 -29.68
N PRO B 141 20.56 30.31 -29.87
CA PRO B 141 19.40 29.92 -29.06
C PRO B 141 18.95 28.47 -29.18
N ARG B 142 17.83 28.14 -28.55
CA ARG B 142 17.36 26.76 -28.51
C ARG B 142 16.86 26.29 -29.87
N GLU B 143 16.39 27.21 -30.71
CA GLU B 143 15.84 26.83 -32.01
C GLU B 143 16.91 26.20 -32.90
N ALA B 144 16.72 24.93 -33.24
CA ALA B 144 17.63 24.21 -34.11
C ALA B 144 16.84 23.17 -34.89
N LYS B 145 17.19 23.00 -36.16
CA LYS B 145 16.52 22.09 -37.07
C LYS B 145 17.53 21.11 -37.64
N VAL B 146 17.23 19.83 -37.54
CA VAL B 146 18.13 18.76 -38.00
C VAL B 146 17.38 17.94 -39.05
N GLN B 147 18.04 17.73 -40.20
CA GLN B 147 17.50 16.95 -41.30
C GLN B 147 18.46 15.81 -41.61
N TRP B 148 17.92 14.62 -41.83
CA TRP B 148 18.70 13.44 -42.15
C TRP B 148 18.65 13.16 -43.65
N LYS B 149 19.77 12.67 -44.17
CA LYS B 149 19.87 12.29 -45.58
C LYS B 149 20.48 10.90 -45.67
N VAL B 150 19.82 10.00 -46.38
CA VAL B 150 20.33 8.66 -46.63
C VAL B 150 20.33 8.47 -48.14
N ASP B 151 21.51 8.62 -48.75
CA ASP B 151 21.67 8.61 -50.20
C ASP B 151 20.82 9.70 -50.86
N ASN B 152 21.03 10.93 -50.40
CA ASN B 152 20.37 12.13 -50.90
C ASN B 152 18.85 12.08 -50.74
N ALA B 153 18.35 11.21 -49.87
CA ALA B 153 16.93 11.07 -49.62
C ALA B 153 16.60 11.64 -48.26
N LEU B 154 15.74 12.65 -48.23
CA LEU B 154 15.36 13.27 -46.96
C LEU B 154 14.53 12.30 -46.12
N GLN B 155 14.91 12.14 -44.86
CA GLN B 155 14.24 11.23 -43.96
C GLN B 155 13.18 11.96 -43.16
N SER B 156 12.10 11.24 -42.83
CA SER B 156 11.04 11.81 -42.02
C SER B 156 10.28 10.67 -41.35
N GLY B 157 9.94 10.87 -40.08
CA GLY B 157 9.15 9.90 -39.35
C GLY B 157 9.91 8.74 -38.76
N ASN B 158 11.25 8.75 -38.83
CA ASN B 158 12.08 7.67 -38.31
C ASN B 158 13.23 8.21 -37.48
N SER B 159 13.03 9.34 -36.81
CA SER B 159 14.05 9.97 -36.00
C SER B 159 13.40 10.64 -34.81
N GLN B 160 14.15 10.76 -33.72
CA GLN B 160 13.67 11.43 -32.53
C GLN B 160 14.81 12.27 -31.95
N GLU B 161 14.44 13.30 -31.20
CA GLU B 161 15.40 14.24 -30.65
C GLU B 161 15.12 14.46 -29.17
N SER B 162 16.17 14.88 -28.46
CA SER B 162 16.05 15.24 -27.05
C SER B 162 17.11 16.29 -26.75
N VAL B 163 16.69 17.40 -26.15
CA VAL B 163 17.58 18.50 -25.79
C VAL B 163 17.74 18.53 -24.28
N THR B 164 18.88 19.04 -23.83
CA THR B 164 19.13 19.24 -22.41
C THR B 164 18.65 20.61 -21.97
N GLU B 165 18.54 20.78 -20.65
CA GLU B 165 18.21 22.08 -20.11
C GLU B 165 19.39 23.04 -20.27
N GLN B 166 19.09 24.33 -20.25
CA GLN B 166 20.11 25.36 -20.40
C GLN B 166 21.19 25.20 -19.32
N ASP B 167 22.43 25.06 -19.77
CA ASP B 167 23.55 24.89 -18.84
C ASP B 167 23.67 26.11 -17.92
N SER B 168 23.75 25.86 -16.63
CA SER B 168 23.82 26.93 -15.63
C SER B 168 25.15 27.66 -15.62
N LYS B 169 26.10 27.26 -16.48
CA LYS B 169 27.42 27.90 -16.51
C LYS B 169 27.70 28.63 -17.82
N ASP B 170 27.36 28.04 -18.97
CA ASP B 170 27.59 28.68 -20.26
C ASP B 170 26.31 29.10 -20.96
N SER B 171 25.14 28.76 -20.42
CA SER B 171 23.84 29.20 -20.93
C SER B 171 23.61 28.74 -22.37
N THR B 172 24.18 27.60 -22.76
CA THR B 172 23.98 27.05 -24.09
C THR B 172 23.13 25.79 -24.01
N TYR B 173 22.65 25.37 -25.18
CA TYR B 173 21.84 24.16 -25.31
C TYR B 173 22.60 23.10 -26.10
N SER B 174 22.18 21.85 -25.91
CA SER B 174 22.72 20.73 -26.66
C SER B 174 21.57 19.86 -27.16
N LEU B 175 21.74 19.31 -28.36
CA LEU B 175 20.70 18.55 -29.03
C LEU B 175 21.26 17.20 -29.47
N SER B 176 20.42 16.17 -29.44
CA SER B 176 20.81 14.82 -29.82
C SER B 176 19.72 14.22 -30.70
N SER B 177 20.06 13.97 -31.96
CA SER B 177 19.15 13.33 -32.90
C SER B 177 19.58 11.90 -33.15
N THR B 178 18.61 10.98 -33.22
CA THR B 178 18.87 9.56 -33.39
C THR B 178 18.01 9.01 -34.52
N LEU B 179 18.65 8.58 -35.60
CA LEU B 179 17.97 7.95 -36.73
C LEU B 179 18.00 6.43 -36.54
N THR B 180 16.82 5.83 -36.47
CA THR B 180 16.68 4.40 -36.19
C THR B 180 16.18 3.69 -37.44
N LEU B 181 17.05 2.89 -38.05
CA LEU B 181 16.75 2.07 -39.20
C LEU B 181 16.99 0.60 -38.87
N SER B 182 16.37 -0.27 -39.66
CA SER B 182 16.66 -1.69 -39.55
C SER B 182 18.02 -1.98 -40.18
N LYS B 183 18.62 -3.10 -39.77
CA LYS B 183 19.92 -3.47 -40.30
C LYS B 183 19.86 -3.70 -41.81
N ALA B 184 18.74 -4.25 -42.29
CA ALA B 184 18.59 -4.50 -43.72
C ALA B 184 18.63 -3.19 -44.51
N ASP B 185 17.83 -2.21 -44.09
CA ASP B 185 17.85 -0.92 -44.78
C ASP B 185 19.17 -0.19 -44.59
N TYR B 186 19.87 -0.45 -43.49
CA TYR B 186 21.17 0.20 -43.29
C TYR B 186 22.21 -0.32 -44.28
N GLU B 187 22.11 -1.59 -44.69
CA GLU B 187 23.08 -2.17 -45.60
C GLU B 187 22.81 -1.86 -47.07
N LYS B 188 21.61 -1.36 -47.40
CA LYS B 188 21.32 -1.06 -48.80
C LYS B 188 21.82 0.31 -49.23
N HIS B 189 22.18 1.18 -48.30
CA HIS B 189 22.61 2.54 -48.60
C HIS B 189 24.01 2.76 -48.03
N LYS B 190 24.62 3.87 -48.45
CA LYS B 190 26.03 4.13 -48.12
C LYS B 190 26.26 5.46 -47.42
N VAL B 191 25.57 6.52 -47.82
CA VAL B 191 25.81 7.87 -47.31
C VAL B 191 24.79 8.18 -46.23
N TYR B 192 25.25 8.72 -45.10
CA TYR B 192 24.39 9.10 -43.98
C TYR B 192 24.82 10.47 -43.50
N ALA B 193 24.01 11.49 -43.79
CA ALA B 193 24.28 12.85 -43.36
C ALA B 193 23.18 13.36 -42.44
N CYS B 194 23.54 14.27 -41.53
CA CYS B 194 22.58 15.00 -40.71
C CYS B 194 22.87 16.49 -40.89
N GLU B 195 22.12 17.11 -41.81
CA GLU B 195 22.27 18.54 -42.08
C GLU B 195 21.65 19.36 -40.95
N VAL B 196 22.46 20.22 -40.33
CA VAL B 196 22.01 21.05 -39.22
C VAL B 196 21.84 22.48 -39.70
N THR B 197 20.82 23.16 -39.18
CA THR B 197 20.55 24.56 -39.49
C THR B 197 20.37 25.32 -38.18
N HIS B 198 21.22 26.31 -37.94
CA HIS B 198 21.20 27.10 -36.73
C HIS B 198 21.47 28.55 -37.06
N GLN B 199 20.98 29.46 -36.21
CA GLN B 199 21.12 30.89 -36.46
C GLN B 199 22.58 31.31 -36.47
N GLY B 200 23.39 30.74 -35.58
CA GLY B 200 24.81 31.07 -35.54
C GLY B 200 25.57 30.65 -36.77
N LEU B 201 25.01 29.76 -37.58
CA LEU B 201 25.64 29.31 -38.81
C LEU B 201 25.12 30.14 -39.98
N SER B 202 26.04 30.78 -40.71
CA SER B 202 25.67 31.55 -41.89
C SER B 202 25.21 30.66 -43.04
N SER B 203 25.40 29.35 -42.94
CA SER B 203 24.94 28.39 -43.93
C SER B 203 24.78 27.05 -43.23
N PRO B 204 23.89 26.19 -43.71
CA PRO B 204 23.68 24.89 -43.04
C PRO B 204 24.96 24.06 -43.05
N VAL B 205 25.26 23.47 -41.89
CA VAL B 205 26.44 22.63 -41.70
C VAL B 205 26.02 21.18 -41.77
N THR B 206 26.65 20.41 -42.66
CA THR B 206 26.33 19.01 -42.85
C THR B 206 27.54 18.15 -42.50
N LYS B 207 27.31 17.08 -41.75
CA LYS B 207 28.33 16.09 -41.42
C LYS B 207 27.83 14.72 -41.82
N SER B 208 28.57 14.05 -42.70
CA SER B 208 28.18 12.76 -43.25
C SER B 208 29.29 11.75 -43.03
N PHE B 209 28.95 10.48 -43.26
CA PHE B 209 29.93 9.40 -43.18
C PHE B 209 29.50 8.30 -44.14
N ASN B 210 30.49 7.62 -44.71
CA ASN B 210 30.25 6.53 -45.64
C ASN B 210 30.37 5.20 -44.90
N ARG B 211 29.35 4.35 -45.07
CA ARG B 211 29.30 3.05 -44.40
C ARG B 211 30.42 2.15 -44.88
N GLY B 212 31.47 2.00 -44.07
CA GLY B 212 32.57 1.13 -44.44
C GLY B 212 33.91 1.52 -43.86
N GLU B 213 34.32 2.77 -44.07
CA GLU B 213 35.61 3.25 -43.60
C GLU B 213 35.59 3.53 -42.10
N VAL C 2 49.86 -70.32 14.89
CA VAL C 2 50.54 -69.62 15.98
C VAL C 2 50.30 -70.33 17.30
N GLN C 3 51.19 -70.10 18.26
CA GLN C 3 51.16 -70.79 19.54
C GLN C 3 51.48 -69.80 20.65
N LEU C 4 50.84 -69.99 21.81
CA LEU C 4 51.06 -69.15 22.98
C LEU C 4 51.44 -70.03 24.15
N VAL C 5 52.49 -69.63 24.88
CA VAL C 5 53.01 -70.39 26.00
C VAL C 5 53.07 -69.49 27.22
N GLU C 6 52.57 -69.98 28.35
CA GLU C 6 52.60 -69.22 29.60
C GLU C 6 53.83 -69.59 30.41
N SER C 7 54.21 -68.69 31.30
CA SER C 7 55.36 -68.89 32.18
C SER C 7 55.14 -68.11 33.46
N GLY C 8 55.53 -68.72 34.58
CA GLY C 8 55.42 -68.07 35.87
C GLY C 8 55.27 -69.05 37.02
N PRO C 9 55.55 -68.59 38.24
CA PRO C 9 55.41 -69.48 39.39
C PRO C 9 53.98 -69.97 39.54
N GLY C 10 53.83 -71.25 39.85
CA GLY C 10 52.55 -71.88 40.06
C GLY C 10 51.97 -71.74 41.45
N LEU C 11 52.69 -71.09 42.36
CA LEU C 11 52.23 -70.85 43.72
C LEU C 11 52.42 -69.38 44.06
N VAL C 12 51.41 -68.78 44.67
CA VAL C 12 51.50 -67.39 45.13
C VAL C 12 50.89 -67.30 46.52
N LYS C 13 51.64 -66.72 47.46
CA LYS C 13 51.12 -66.55 48.81
C LYS C 13 50.11 -65.40 48.83
N PRO C 14 49.12 -65.48 49.71
CA PRO C 14 48.06 -64.46 49.73
C PRO C 14 48.62 -63.07 50.01
N SER C 15 47.90 -62.07 49.49
CA SER C 15 48.27 -60.65 49.65
C SER C 15 49.62 -60.34 49.01
N GLU C 16 49.98 -61.09 47.96
CA GLU C 16 51.20 -60.84 47.22
C GLU C 16 50.89 -60.82 45.73
N THR C 17 51.82 -60.28 44.95
CA THR C 17 51.62 -60.10 43.52
C THR C 17 51.82 -61.41 42.77
N LEU C 18 50.92 -61.69 41.83
CA LEU C 18 51.01 -62.83 40.93
C LEU C 18 51.52 -62.37 39.58
N SER C 19 52.70 -62.85 39.19
CA SER C 19 53.30 -62.51 37.91
C SER C 19 53.20 -63.69 36.95
N LEU C 20 52.84 -63.40 35.71
CA LEU C 20 52.80 -64.40 34.64
C LEU C 20 53.26 -63.75 33.35
N THR C 21 53.97 -64.52 32.54
CA THR C 21 54.49 -64.04 31.26
C THR C 21 54.09 -65.04 30.18
N CYS C 22 53.48 -64.52 29.11
CA CYS C 22 53.05 -65.31 27.98
C CYS C 22 53.99 -65.05 26.81
N THR C 23 54.49 -66.11 26.19
CA THR C 23 55.45 -66.00 25.11
C THR C 23 54.85 -66.63 23.86
N VAL C 24 54.75 -65.84 22.78
CA VAL C 24 54.16 -66.30 21.53
C VAL C 24 55.27 -66.68 20.57
N SER C 25 54.98 -67.63 19.69
CA SER C 25 55.96 -68.14 18.73
C SER C 25 55.19 -68.68 17.53
N GLY C 26 54.56 -67.78 16.78
CA GLY C 26 53.83 -68.16 15.59
C GLY C 26 53.51 -66.97 14.71
N GLY C 27 53.81 -65.78 15.21
CA GLY C 27 53.57 -64.57 14.46
C GLY C 27 54.34 -63.39 15.00
N SER C 28 53.66 -62.30 15.30
CA SER C 28 54.32 -61.12 15.84
C SER C 28 53.34 -60.36 16.72
N ILE C 29 53.84 -59.89 17.86
CA ILE C 29 53.02 -59.08 18.75
C ILE C 29 53.03 -57.62 18.31
N SER C 30 54.09 -57.18 17.64
CA SER C 30 54.17 -55.81 17.14
C SER C 30 53.22 -55.54 15.97
N SER C 31 52.34 -56.50 15.65
CA SER C 31 51.41 -56.34 14.55
C SER C 31 50.29 -55.39 14.94
N SER C 32 49.84 -54.59 13.97
CA SER C 32 48.79 -53.62 14.18
C SER C 32 47.43 -54.17 13.78
N SER C 33 47.06 -55.33 14.35
CA SER C 33 45.82 -55.97 13.94
C SER C 33 45.27 -56.88 15.03
N HIS C 34 46.06 -57.10 16.09
CA HIS C 34 45.71 -58.09 17.10
C HIS C 34 46.04 -57.59 18.49
N TYR C 35 45.20 -57.97 19.45
CA TYR C 35 45.40 -57.72 20.87
C TYR C 35 45.87 -59.00 21.55
N TRP C 36 46.50 -58.82 22.71
CA TRP C 36 47.06 -59.92 23.49
C TRP C 36 46.53 -59.83 24.91
N GLY C 37 45.72 -60.81 25.31
CA GLY C 37 45.00 -60.75 26.55
C GLY C 37 45.27 -61.92 27.48
N TRP C 38 44.59 -61.88 28.62
CA TRP C 38 44.68 -62.90 29.64
C TRP C 38 43.27 -63.29 30.06
N ILE C 39 43.01 -64.59 30.12
CA ILE C 39 41.72 -65.12 30.53
C ILE C 39 41.97 -66.19 31.58
N ARG C 40 41.28 -66.11 32.70
CA ARG C 40 41.42 -67.07 33.79
C ARG C 40 40.08 -67.74 34.06
N GLN C 41 40.15 -68.95 34.63
CA GLN C 41 38.93 -69.60 35.08
C GLN C 41 39.23 -70.48 36.30
N PRO C 42 38.52 -70.26 37.40
CA PRO C 42 38.72 -71.10 38.58
C PRO C 42 38.32 -72.54 38.30
N PRO C 43 38.85 -73.50 39.05
CA PRO C 43 38.52 -74.92 38.80
C PRO C 43 37.02 -75.17 38.90
N GLY C 44 36.46 -75.73 37.83
CA GLY C 44 35.04 -76.01 37.77
C GLY C 44 34.17 -74.78 37.66
N LYS C 45 34.71 -73.66 37.17
CA LYS C 45 34.00 -72.41 37.03
C LYS C 45 34.11 -71.91 35.60
N GLY C 46 33.51 -70.75 35.34
CA GLY C 46 33.46 -70.19 34.01
C GLY C 46 34.65 -69.28 33.71
N LEU C 47 34.68 -68.82 32.47
CA LEU C 47 35.78 -67.98 31.99
C LEU C 47 35.60 -66.53 32.44
N GLU C 48 36.73 -65.87 32.70
CA GLU C 48 36.72 -64.47 33.14
C GLU C 48 37.88 -63.75 32.46
N TRP C 49 37.56 -62.84 31.55
CA TRP C 49 38.59 -62.06 30.88
C TRP C 49 39.24 -61.10 31.87
N ILE C 50 40.58 -61.06 31.88
CA ILE C 50 41.32 -60.21 32.79
C ILE C 50 41.63 -58.88 32.12
N GLY C 51 42.48 -58.91 31.08
CA GLY C 51 42.83 -57.69 30.37
C GLY C 51 43.55 -57.98 29.07
N SER C 52 43.40 -57.10 28.09
CA SER C 52 44.06 -57.23 26.79
C SER C 52 44.99 -56.04 26.58
N ILE C 53 46.16 -56.30 25.98
CA ILE C 53 47.16 -55.27 25.79
C ILE C 53 47.49 -55.13 24.31
N TYR C 54 47.79 -53.90 23.91
CA TYR C 54 48.19 -53.59 22.55
C TYR C 54 49.71 -53.48 22.45
N TYR C 55 50.20 -53.48 21.21
CA TYR C 55 51.64 -53.44 21.00
C TYR C 55 52.27 -52.14 21.45
N SER C 56 51.49 -51.07 21.54
CA SER C 56 52.03 -49.80 22.01
C SER C 56 52.35 -49.89 23.49
N GLU C 57 51.41 -49.46 24.33
CA GLU C 57 51.64 -49.55 25.76
C GLU C 57 50.31 -49.63 26.49
N SER C 58 49.32 -48.87 26.00
CA SER C 58 48.02 -48.81 26.65
C SER C 58 47.31 -50.15 26.59
N ALA C 59 46.35 -50.32 27.50
CA ALA C 59 45.59 -51.56 27.59
C ALA C 59 44.31 -51.27 28.36
N TYR C 60 43.40 -52.24 28.33
CA TYR C 60 42.15 -52.16 29.09
C TYR C 60 41.90 -53.46 29.84
N TYR C 61 41.40 -53.35 31.07
CA TYR C 61 41.17 -54.46 32.00
C TYR C 61 39.71 -54.55 32.45
N ASN C 62 39.46 -55.42 33.46
CA ASN C 62 38.12 -55.77 33.99
C ASN C 62 37.64 -54.70 34.97
N PRO C 63 36.37 -54.38 34.96
CA PRO C 63 35.88 -53.37 35.91
C PRO C 63 35.89 -53.78 37.37
N SER C 64 36.66 -54.76 37.80
CA SER C 64 36.65 -55.22 39.19
C SER C 64 38.09 -55.49 39.60
N LEU C 65 38.83 -56.13 38.73
CA LEU C 65 40.21 -56.39 39.06
C LEU C 65 41.13 -55.31 38.54
N LYS C 66 40.61 -54.15 38.18
CA LYS C 66 41.46 -53.11 37.59
C LYS C 66 42.33 -52.47 38.65
N SER C 67 41.85 -52.44 39.90
CA SER C 67 42.64 -51.82 40.96
C SER C 67 43.90 -52.63 41.24
N ARG C 68 43.78 -53.96 41.30
CA ARG C 68 44.93 -54.83 41.54
C ARG C 68 45.45 -55.50 40.27
N VAL C 69 45.47 -54.84 39.11
CA VAL C 69 46.00 -55.47 37.90
C VAL C 69 46.76 -54.44 37.08
N THR C 70 47.82 -54.92 36.42
CA THR C 70 48.58 -54.18 35.42
C THR C 70 49.10 -55.19 34.39
N MET C 71 49.21 -54.76 33.15
CA MET C 71 49.73 -55.60 32.09
C MET C 71 50.87 -54.89 31.37
N SER C 72 51.83 -55.69 30.90
CA SER C 72 53.03 -55.16 30.25
C SER C 72 53.36 -56.01 29.04
N ILE C 73 54.15 -55.44 28.15
CA ILE C 73 54.47 -56.06 26.88
C ILE C 73 55.94 -55.83 26.56
N ASP C 74 56.51 -56.74 25.76
CA ASP C 74 57.91 -56.65 25.34
C ASP C 74 57.98 -57.17 23.91
N THR C 75 57.97 -56.24 22.95
CA THR C 75 58.07 -56.63 21.54
C THR C 75 59.40 -57.30 21.23
N SER C 76 60.47 -56.84 21.89
CA SER C 76 61.81 -57.40 21.62
C SER C 76 61.83 -58.89 21.89
N LYS C 77 61.40 -59.30 23.08
CA LYS C 77 61.33 -60.72 23.41
C LYS C 77 60.07 -61.38 22.87
N ASN C 78 59.19 -60.62 22.21
CA ASN C 78 57.98 -61.13 21.59
C ASN C 78 57.14 -61.90 22.62
N GLN C 79 56.78 -61.19 23.69
CA GLN C 79 56.04 -61.77 24.81
C GLN C 79 55.39 -60.65 25.59
N PHE C 80 54.29 -60.98 26.27
CA PHE C 80 53.58 -60.05 27.14
C PHE C 80 53.33 -60.70 28.49
N SER C 81 53.24 -59.88 29.53
CA SER C 81 53.16 -60.36 30.90
C SER C 81 51.92 -59.84 31.59
N LEU C 82 51.70 -60.35 32.82
CA LEU C 82 50.55 -60.02 33.63
C LEU C 82 50.97 -59.85 35.08
N LYS C 83 50.40 -58.86 35.76
CA LYS C 83 50.66 -58.63 37.19
C LYS C 83 49.33 -58.46 37.91
N LEU C 84 49.13 -59.25 38.96
CA LEU C 84 47.90 -59.22 39.76
C LEU C 84 48.31 -59.00 41.21
N ASN C 85 48.16 -57.77 41.71
CA ASN C 85 48.58 -57.44 43.05
C ASN C 85 47.58 -57.96 44.09
N SER C 86 48.09 -58.14 45.31
CA SER C 86 47.28 -58.50 46.48
C SER C 86 46.37 -59.68 46.18
N VAL C 87 46.99 -60.79 45.82
CA VAL C 87 46.24 -61.97 45.40
C VAL C 87 45.56 -62.60 46.61
N THR C 88 44.25 -62.81 46.50
CA THR C 88 43.48 -63.52 47.50
C THR C 88 43.35 -64.98 47.08
N ALA C 89 42.61 -65.74 47.88
CA ALA C 89 42.40 -67.15 47.58
C ALA C 89 41.40 -67.37 46.46
N ALA C 90 40.72 -66.32 46.02
CA ALA C 90 39.77 -66.43 44.92
C ALA C 90 40.42 -66.30 43.57
N ASP C 91 41.73 -66.03 43.52
CA ASP C 91 42.46 -66.00 42.26
C ASP C 91 42.99 -67.38 41.87
N THR C 92 42.64 -68.42 42.62
CA THR C 92 43.04 -69.78 42.29
C THR C 92 42.34 -70.16 40.99
N ALA C 93 43.10 -70.15 39.89
CA ALA C 93 42.50 -70.40 38.58
C ALA C 93 43.59 -70.81 37.60
N VAL C 94 43.15 -71.28 36.43
CA VAL C 94 44.04 -71.52 35.31
C VAL C 94 44.02 -70.29 34.43
N TYR C 95 45.20 -69.76 34.13
CA TYR C 95 45.34 -68.50 33.42
C TYR C 95 45.79 -68.78 31.99
N TYR C 96 44.94 -68.41 31.02
CA TYR C 96 45.24 -68.55 29.61
C TYR C 96 45.66 -67.20 29.04
N CYS C 97 46.48 -67.25 28.00
CA CYS C 97 46.76 -66.07 27.17
C CYS C 97 46.35 -66.39 25.73
N ALA C 98 45.51 -65.55 25.17
CA ALA C 98 44.95 -65.79 23.86
C ALA C 98 45.27 -64.62 22.93
N ARG C 99 44.89 -64.78 21.68
CA ARG C 99 45.04 -63.76 20.65
C ARG C 99 43.66 -63.13 20.40
N VAL C 100 43.61 -61.81 20.41
CA VAL C 100 42.35 -61.08 20.27
C VAL C 100 42.36 -60.35 18.93
N THR C 101 41.21 -60.33 18.26
CA THR C 101 41.04 -59.62 17.00
C THR C 101 39.81 -58.75 17.09
N GLU C 102 40.00 -57.44 17.04
CA GLU C 102 38.92 -56.45 17.13
C GLU C 102 38.89 -55.69 15.81
N PRO C 103 38.09 -56.14 14.84
CA PRO C 103 38.01 -55.42 13.55
C PRO C 103 37.00 -54.28 13.55
N ARG C 104 35.83 -54.49 14.16
CA ARG C 104 34.72 -53.54 14.08
C ARG C 104 34.51 -52.83 15.42
N TRP C 105 33.42 -53.12 16.13
CA TRP C 105 33.23 -52.50 17.42
C TRP C 105 32.89 -53.54 18.48
N THR C 106 31.73 -54.19 18.34
CA THR C 106 31.36 -55.25 19.27
C THR C 106 32.01 -56.59 18.90
N SER C 107 32.79 -56.62 17.83
CA SER C 107 33.46 -57.84 17.39
C SER C 107 34.78 -57.95 18.13
N CYS C 108 34.85 -58.87 19.10
CA CYS C 108 36.07 -59.09 19.88
C CYS C 108 36.10 -60.57 20.27
N TYR C 109 36.78 -61.36 19.46
CA TYR C 109 36.88 -62.80 19.67
C TYR C 109 38.33 -63.17 19.95
N PHE C 110 38.53 -64.29 20.64
CA PHE C 110 39.85 -64.79 20.97
C PHE C 110 40.19 -65.89 19.96
N ASP C 111 41.10 -65.57 19.02
CA ASP C 111 41.41 -66.44 17.89
C ASP C 111 42.00 -67.77 18.33
N TYR C 112 43.30 -67.78 18.61
CA TYR C 112 44.00 -68.98 19.05
C TYR C 112 44.39 -68.81 20.50
N TRP C 113 43.95 -69.73 21.35
CA TRP C 113 44.25 -69.71 22.77
C TRP C 113 45.57 -70.42 23.07
N GLY C 114 46.10 -70.16 24.26
CA GLY C 114 47.22 -70.92 24.77
C GLY C 114 46.73 -72.01 25.70
N GLN C 115 47.63 -72.94 26.01
CA GLN C 115 47.25 -74.09 26.83
C GLN C 115 46.94 -73.68 28.26
N GLY C 116 47.69 -72.73 28.80
CA GLY C 116 47.33 -72.20 30.11
C GLY C 116 48.05 -72.89 31.24
N THR C 117 48.29 -72.13 32.30
CA THR C 117 48.95 -72.62 33.50
C THR C 117 48.04 -72.44 34.71
N LEU C 118 48.16 -73.34 35.68
CA LEU C 118 47.37 -73.30 36.91
C LEU C 118 48.21 -72.70 38.03
N VAL C 119 47.81 -71.54 38.52
CA VAL C 119 48.42 -70.92 39.69
C VAL C 119 47.46 -71.06 40.86
N THR C 120 47.87 -71.81 41.87
CA THR C 120 47.07 -72.02 43.07
C THR C 120 47.62 -71.13 44.18
N VAL C 121 46.80 -70.21 44.66
CA VAL C 121 47.18 -69.25 45.69
C VAL C 121 46.73 -69.79 47.04
N SER C 122 47.71 -70.13 47.89
CA SER C 122 47.46 -70.67 49.22
C SER C 122 48.68 -70.38 50.08
N SER C 123 48.49 -70.48 51.38
CA SER C 123 49.61 -70.34 52.32
C SER C 123 50.06 -71.68 52.88
N ALA C 124 49.48 -72.79 52.42
CA ALA C 124 49.84 -74.11 52.91
C ALA C 124 51.21 -74.53 52.39
N SER C 125 51.78 -75.53 53.05
CA SER C 125 53.12 -76.00 52.73
C SER C 125 53.07 -77.12 51.69
N THR C 126 54.03 -77.10 50.77
CA THR C 126 54.16 -78.16 49.77
C THR C 126 54.46 -79.48 50.46
N LYS C 127 53.55 -80.45 50.32
CA LYS C 127 53.67 -81.73 51.00
C LYS C 127 53.29 -82.85 50.05
N GLY C 128 54.07 -83.94 50.09
CA GLY C 128 53.74 -85.14 49.36
C GLY C 128 52.55 -85.84 49.98
N PRO C 129 51.86 -86.64 49.19
CA PRO C 129 50.64 -87.29 49.67
C PRO C 129 50.90 -88.59 50.41
N SER C 130 50.04 -88.87 51.38
CA SER C 130 50.00 -90.17 52.04
C SER C 130 49.05 -91.08 51.28
N VAL C 131 49.52 -92.24 50.87
CA VAL C 131 48.77 -93.15 50.01
C VAL C 131 48.32 -94.34 50.86
N PHE C 132 47.01 -94.45 51.08
CA PHE C 132 46.47 -95.55 51.87
C PHE C 132 45.61 -96.45 51.00
N PRO C 133 45.62 -97.76 51.23
CA PRO C 133 44.88 -98.68 50.37
C PRO C 133 43.41 -98.74 50.73
N LEU C 134 42.57 -98.84 49.70
CA LEU C 134 41.16 -99.16 49.84
C LEU C 134 41.04 -100.64 49.48
N ALA C 135 41.17 -101.50 50.48
CA ALA C 135 41.24 -102.93 50.24
C ALA C 135 39.90 -103.45 49.72
N PRO C 136 39.92 -104.43 48.82
CA PRO C 136 38.66 -105.00 48.33
C PRO C 136 37.91 -105.73 49.44
N SER C 137 36.60 -105.51 49.48
CA SER C 137 35.77 -106.08 50.54
C SER C 137 35.82 -107.61 50.51
N SER C 138 35.80 -108.21 51.69
CA SER C 138 35.83 -109.66 51.80
C SER C 138 34.52 -110.27 51.31
N GLY C 144 31.58 -112.24 40.37
CA GLY C 144 31.18 -110.93 39.91
C GLY C 144 32.35 -109.97 39.85
N THR C 145 32.12 -108.72 40.21
CA THR C 145 33.13 -107.67 40.15
C THR C 145 33.41 -107.14 41.55
N ALA C 146 34.69 -106.94 41.85
CA ALA C 146 35.14 -106.37 43.10
C ALA C 146 35.80 -105.01 42.86
N ALA C 147 35.64 -104.11 43.83
CA ALA C 147 36.14 -102.74 43.71
C ALA C 147 37.27 -102.53 44.71
N LEU C 148 38.37 -101.94 44.24
CA LEU C 148 39.50 -101.60 45.09
C LEU C 148 40.05 -100.26 44.63
N GLY C 149 40.97 -99.72 45.40
CA GLY C 149 41.52 -98.42 45.04
C GLY C 149 42.56 -97.94 46.02
N CYS C 150 42.90 -96.66 45.87
CA CYS C 150 43.91 -95.99 46.68
C CYS C 150 43.38 -94.63 47.13
N LEU C 151 43.66 -94.28 48.39
CA LEU C 151 43.28 -92.99 48.94
C LEU C 151 44.53 -92.12 49.00
N VAL C 152 44.55 -91.04 48.22
CA VAL C 152 45.67 -90.13 48.12
C VAL C 152 45.28 -88.88 48.93
N LYS C 153 45.76 -88.81 50.17
CA LYS C 153 45.29 -87.81 51.12
C LYS C 153 46.43 -86.91 51.57
N ASP C 154 46.10 -85.63 51.77
CA ASP C 154 46.97 -84.64 52.40
C ASP C 154 48.23 -84.39 51.55
N TYR C 155 48.01 -83.67 50.46
CA TYR C 155 49.11 -83.20 49.63
C TYR C 155 48.84 -81.77 49.21
N PHE C 156 49.90 -81.10 48.74
CA PHE C 156 49.80 -79.73 48.26
C PHE C 156 51.02 -79.42 47.42
N PRO C 157 50.88 -78.70 46.30
CA PRO C 157 49.59 -78.30 45.73
C PRO C 157 49.15 -79.26 44.65
N GLU C 158 48.15 -78.86 43.86
CA GLU C 158 47.78 -79.67 42.72
C GLU C 158 48.88 -79.61 41.66
N PRO C 159 49.03 -80.67 40.85
CA PRO C 159 48.26 -81.92 40.88
C PRO C 159 49.05 -83.15 41.30
N VAL C 160 48.39 -84.30 41.29
CA VAL C 160 49.04 -85.60 41.40
C VAL C 160 48.62 -86.44 40.20
N THR C 161 49.41 -87.47 39.91
CA THR C 161 49.12 -88.40 38.84
C THR C 161 49.06 -89.80 39.42
N VAL C 162 48.00 -90.52 39.10
CA VAL C 162 47.74 -91.86 39.63
C VAL C 162 47.66 -92.84 38.47
N SER C 163 48.40 -93.93 38.55
CA SER C 163 48.34 -95.02 37.59
C SER C 163 48.18 -96.33 38.35
N TRP C 164 47.83 -97.38 37.61
CA TRP C 164 47.64 -98.70 38.17
C TRP C 164 48.46 -99.71 37.39
N ASN C 165 49.27 -100.48 38.11
CA ASN C 165 50.18 -101.47 37.51
C ASN C 165 51.12 -100.81 36.50
N SER C 166 51.57 -99.60 36.83
CA SER C 166 52.52 -98.84 36.00
C SER C 166 51.98 -98.61 34.59
N GLY C 167 50.69 -98.28 34.49
CA GLY C 167 50.05 -98.02 33.22
C GLY C 167 49.49 -99.25 32.52
N ALA C 168 49.78 -100.45 33.01
CA ALA C 168 49.28 -101.67 32.38
C ALA C 168 47.81 -101.92 32.65
N LEU C 169 47.23 -101.22 33.63
CA LEU C 169 45.82 -101.37 33.99
C LEU C 169 45.14 -100.01 33.82
N THR C 170 44.24 -99.90 32.84
CA THR C 170 43.50 -98.68 32.59
C THR C 170 42.00 -98.95 32.57
N SER C 171 41.61 -100.15 32.15
CA SER C 171 40.20 -100.48 32.03
C SER C 171 39.55 -100.52 33.40
N GLY C 172 38.47 -99.76 33.56
CA GLY C 172 37.77 -99.70 34.84
C GLY C 172 38.37 -98.79 35.87
N VAL C 173 39.35 -97.97 35.51
CA VAL C 173 40.02 -97.07 36.45
C VAL C 173 39.26 -95.76 36.52
N HIS C 174 38.96 -95.30 37.74
CA HIS C 174 38.34 -94.01 37.98
C HIS C 174 39.20 -93.26 38.98
N THR C 175 39.87 -92.21 38.52
CA THR C 175 40.61 -91.28 39.38
C THR C 175 39.76 -90.03 39.53
N PHE C 176 39.28 -89.79 40.75
CA PHE C 176 38.34 -88.72 41.01
C PHE C 176 39.04 -87.38 41.16
N PRO C 177 38.36 -86.28 40.82
CA PRO C 177 38.93 -84.95 41.09
C PRO C 177 39.18 -84.75 42.57
N ALA C 178 40.24 -84.02 42.88
CA ALA C 178 40.62 -83.79 44.26
C ALA C 178 39.68 -82.79 44.93
N VAL C 179 39.53 -82.93 46.24
CA VAL C 179 38.77 -82.00 47.07
C VAL C 179 39.75 -81.25 47.96
N LEU C 180 39.45 -79.98 48.20
CA LEU C 180 40.27 -79.13 49.07
C LEU C 180 39.71 -79.23 50.48
N GLN C 181 40.50 -79.80 51.38
CA GLN C 181 40.07 -79.99 52.76
C GLN C 181 40.19 -78.68 53.54
N SER C 182 39.64 -78.68 54.76
CA SER C 182 39.71 -77.51 55.62
C SER C 182 41.11 -77.21 56.09
N SER C 183 42.02 -78.19 56.01
CA SER C 183 43.41 -78.00 56.40
C SER C 183 44.23 -77.26 55.34
N GLY C 184 43.65 -77.01 54.17
CA GLY C 184 44.37 -76.41 53.06
C GLY C 184 45.03 -77.40 52.12
N LEU C 185 44.98 -78.68 52.44
CA LEU C 185 45.57 -79.74 51.63
C LEU C 185 44.49 -80.41 50.80
N TYR C 186 44.91 -80.96 49.65
CA TYR C 186 44.00 -81.67 48.77
C TYR C 186 43.94 -83.16 49.12
N SER C 187 42.91 -83.82 48.61
CA SER C 187 42.74 -85.25 48.81
C SER C 187 41.85 -85.81 47.71
N LEU C 188 42.27 -86.93 47.11
CA LEU C 188 41.48 -87.61 46.10
C LEU C 188 41.62 -89.11 46.27
N SER C 189 40.78 -89.84 45.55
CA SER C 189 40.81 -91.30 45.55
C SER C 189 40.80 -91.81 44.12
N SER C 190 41.44 -92.95 43.91
CA SER C 190 41.46 -93.61 42.61
C SER C 190 41.07 -95.06 42.82
N VAL C 191 40.07 -95.52 42.06
CA VAL C 191 39.54 -96.87 42.20
C VAL C 191 39.53 -97.57 40.85
N VAL C 192 39.42 -98.90 40.91
CA VAL C 192 39.37 -99.73 39.72
C VAL C 192 38.52 -100.96 40.03
N THR C 193 37.67 -101.34 39.09
CA THR C 193 36.80 -102.48 39.23
C THR C 193 37.39 -103.67 38.48
N VAL C 194 37.64 -104.75 39.21
CA VAL C 194 38.29 -105.94 38.64
C VAL C 194 37.43 -107.16 38.97
N PRO C 195 37.56 -108.24 38.19
CA PRO C 195 36.81 -109.46 38.52
C PRO C 195 37.22 -110.01 39.88
N SER C 196 36.22 -110.48 40.63
CA SER C 196 36.47 -110.98 41.98
C SER C 196 37.37 -112.21 41.99
N SER C 197 37.43 -112.95 40.89
CA SER C 197 38.28 -114.13 40.84
C SER C 197 39.76 -113.79 40.78
N SER C 198 40.11 -112.60 40.31
CA SER C 198 41.51 -112.21 40.16
C SER C 198 42.12 -111.65 41.44
N LEU C 199 41.36 -111.55 42.53
CA LEU C 199 41.89 -110.95 43.75
C LEU C 199 42.98 -111.81 44.37
N GLY C 200 42.87 -113.14 44.27
CA GLY C 200 43.84 -114.02 44.88
C GLY C 200 45.06 -114.34 44.05
N THR C 201 45.04 -114.02 42.76
CA THR C 201 46.16 -114.33 41.88
C THR C 201 46.78 -113.10 41.22
N GLN C 202 45.99 -112.08 40.90
CA GLN C 202 46.47 -110.88 40.22
C GLN C 202 46.75 -109.80 41.26
N THR C 203 47.98 -109.28 41.25
CA THR C 203 48.38 -108.22 42.17
C THR C 203 48.15 -106.85 41.54
N TYR C 204 47.67 -105.91 42.34
CA TYR C 204 47.32 -104.56 41.88
C TYR C 204 48.12 -103.53 42.67
N ILE C 205 48.81 -102.64 41.96
CA ILE C 205 49.65 -101.62 42.57
C ILE C 205 49.29 -100.27 41.96
N CYS C 206 48.98 -99.29 42.80
CA CYS C 206 48.73 -97.93 42.34
C CYS C 206 49.98 -97.10 42.51
N ASN C 207 50.31 -96.32 41.48
CA ASN C 207 51.52 -95.50 41.45
C ASN C 207 51.11 -94.03 41.52
N VAL C 208 51.49 -93.37 42.61
CA VAL C 208 51.14 -91.97 42.85
C VAL C 208 52.38 -91.12 42.71
N ASN C 209 52.28 -90.05 41.92
CA ASN C 209 53.38 -89.13 41.69
C ASN C 209 52.93 -87.70 41.98
N HIS C 210 53.73 -86.99 42.76
CA HIS C 210 53.46 -85.59 43.10
C HIS C 210 54.74 -84.80 42.83
N LYS C 211 54.80 -84.15 41.67
CA LYS C 211 56.03 -83.48 41.26
C LYS C 211 56.46 -82.34 42.19
N PRO C 212 55.59 -81.45 42.68
CA PRO C 212 56.08 -80.33 43.49
C PRO C 212 56.86 -80.77 44.72
N SER C 213 56.64 -81.98 45.22
CA SER C 213 57.37 -82.49 46.37
C SER C 213 58.32 -83.64 46.03
N ASN C 214 58.46 -83.98 44.74
CA ASN C 214 59.33 -85.08 44.31
C ASN C 214 58.98 -86.39 44.99
N THR C 215 57.69 -86.69 45.09
CA THR C 215 57.19 -87.85 45.81
C THR C 215 56.62 -88.86 44.82
N LYS C 216 57.15 -90.08 44.86
CA LYS C 216 56.64 -91.20 44.07
C LYS C 216 56.43 -92.38 45.00
N VAL C 217 55.18 -92.83 45.12
CA VAL C 217 54.80 -93.89 46.06
C VAL C 217 54.07 -94.97 45.29
N ASP C 218 54.48 -96.23 45.49
CA ASP C 218 53.78 -97.38 44.95
C ASP C 218 53.17 -98.15 46.11
N LYS C 219 51.85 -98.28 46.11
CA LYS C 219 51.13 -98.92 47.21
C LYS C 219 50.44 -100.18 46.70
N LYS C 220 50.76 -101.32 47.32
CA LYS C 220 50.11 -102.59 46.99
C LYS C 220 48.77 -102.67 47.71
N VAL C 221 47.71 -102.95 46.96
CA VAL C 221 46.36 -103.06 47.50
C VAL C 221 45.98 -104.53 47.51
N GLU C 222 45.88 -105.10 48.71
CA GLU C 222 45.59 -106.51 48.88
C GLU C 222 44.34 -106.69 49.74
N PRO C 223 43.63 -107.80 49.57
CA PRO C 223 42.51 -108.09 50.47
C PRO C 223 42.97 -108.24 51.91
N LYS C 224 42.22 -107.64 52.83
CA LYS C 224 42.60 -107.62 54.24
C LYS C 224 42.24 -108.94 54.91
N GLU D 1 23.20 -52.83 33.64
CA GLU D 1 24.35 -53.55 33.12
C GLU D 1 23.94 -54.69 32.18
N ILE D 2 24.68 -54.83 31.08
CA ILE D 2 24.40 -55.87 30.10
C ILE D 2 24.82 -57.22 30.68
N VAL D 3 23.85 -57.94 31.25
CA VAL D 3 24.11 -59.22 31.89
C VAL D 3 23.87 -60.35 30.88
N MET D 4 24.76 -61.33 30.90
CA MET D 4 24.72 -62.46 29.97
C MET D 4 24.14 -63.67 30.68
N THR D 5 23.09 -64.25 30.09
CA THR D 5 22.45 -65.43 30.66
C THR D 5 22.33 -66.51 29.59
N GLN D 6 23.11 -67.57 29.73
CA GLN D 6 23.05 -68.72 28.84
C GLN D 6 22.02 -69.73 29.33
N SER D 7 21.49 -70.52 28.40
CA SER D 7 20.49 -71.52 28.73
C SER D 7 20.59 -72.66 27.72
N PRO D 8 20.47 -73.92 28.18
CA PRO D 8 20.33 -74.29 29.58
C PRO D 8 21.68 -74.60 30.24
N ALA D 9 21.69 -74.79 31.56
CA ALA D 9 22.93 -75.15 32.24
C ALA D 9 23.47 -76.48 31.76
N THR D 10 22.60 -77.48 31.60
CA THR D 10 22.98 -78.80 31.14
C THR D 10 22.06 -79.22 30.01
N LEU D 11 22.64 -79.87 29.01
CA LEU D 11 21.90 -80.34 27.84
C LEU D 11 22.15 -81.83 27.66
N SER D 12 21.09 -82.61 27.64
CA SER D 12 21.17 -84.07 27.54
C SER D 12 20.66 -84.50 26.17
N LEU D 13 21.58 -84.85 25.28
CA LEU D 13 21.27 -85.29 23.93
C LEU D 13 22.28 -86.33 23.51
N SER D 14 21.91 -87.14 22.52
CA SER D 14 22.73 -88.24 22.06
C SER D 14 23.28 -87.97 20.66
N PRO D 15 24.35 -88.66 20.27
CA PRO D 15 24.90 -88.44 18.92
C PRO D 15 23.86 -88.68 17.84
N GLY D 16 23.82 -87.79 16.86
CA GLY D 16 22.86 -87.85 15.77
C GLY D 16 21.79 -86.77 15.84
N GLU D 17 21.50 -86.25 17.03
CA GLU D 17 20.47 -85.24 17.20
C GLU D 17 21.08 -83.85 17.02
N ARG D 18 20.26 -82.82 17.24
CA ARG D 18 20.71 -81.44 17.11
C ARG D 18 20.39 -80.68 18.40
N ALA D 19 21.36 -79.88 18.85
CA ALA D 19 21.25 -79.13 20.08
C ALA D 19 21.05 -77.65 19.79
N THR D 20 20.37 -76.97 20.70
CA THR D 20 20.03 -75.55 20.53
C THR D 20 20.38 -74.83 21.83
N LEU D 21 21.53 -74.16 21.82
CA LEU D 21 21.99 -73.40 22.97
C LEU D 21 21.56 -71.95 22.84
N SER D 22 21.13 -71.36 23.95
CA SER D 22 20.56 -70.02 23.97
C SER D 22 21.45 -69.09 24.79
N CYS D 23 21.74 -67.91 24.23
CA CYS D 23 22.58 -66.91 24.89
C CYS D 23 21.90 -65.55 24.68
N ARG D 24 20.89 -65.27 25.51
CA ARG D 24 20.17 -64.01 25.42
C ARG D 24 20.88 -62.94 26.27
N THR D 25 21.07 -61.76 25.68
CA THR D 25 21.63 -60.63 26.40
C THR D 25 20.52 -59.92 27.18
N SER D 26 20.94 -59.04 28.09
CA SER D 26 19.99 -58.25 28.84
C SER D 26 19.25 -57.27 27.92
N GLN D 27 18.06 -56.85 28.36
CA GLN D 27 17.24 -55.91 27.61
C GLN D 27 18.05 -54.64 27.34
N SER D 28 18.77 -54.64 26.21
CA SER D 28 19.64 -53.52 25.86
C SER D 28 20.14 -53.61 24.43
N VAL D 29 21.44 -53.38 24.23
CA VAL D 29 22.04 -53.30 22.90
C VAL D 29 22.04 -54.67 22.22
N THR D 30 22.38 -54.68 20.94
CA THR D 30 22.41 -55.89 20.14
C THR D 30 23.41 -55.71 19.01
N SER D 31 24.20 -56.76 18.76
CA SER D 31 25.26 -56.68 17.75
C SER D 31 25.82 -58.06 17.42
N TYR D 32 27.05 -58.33 17.85
CA TYR D 32 27.75 -59.57 17.54
C TYR D 32 27.87 -60.43 18.79
N LEU D 33 28.24 -61.69 18.57
CA LEU D 33 28.44 -62.64 19.65
C LEU D 33 29.41 -63.72 19.19
N ALA D 34 30.21 -64.22 20.12
CA ALA D 34 31.20 -65.26 19.87
C ALA D 34 30.89 -66.47 20.73
N TRP D 35 30.95 -67.66 20.12
CA TRP D 35 30.74 -68.92 20.83
C TRP D 35 32.06 -69.65 20.98
N TYR D 36 32.24 -70.32 22.12
CA TYR D 36 33.46 -71.08 22.41
C TYR D 36 33.11 -72.49 22.88
N GLN D 37 34.01 -73.42 22.59
CA GLN D 37 33.89 -74.81 23.04
C GLN D 37 35.09 -75.15 23.91
N GLN D 38 34.84 -75.79 25.04
CA GLN D 38 35.91 -76.17 25.97
C GLN D 38 35.68 -77.59 26.44
N ARG D 39 36.62 -78.47 26.13
CA ARG D 39 36.64 -79.84 26.61
C ARG D 39 37.44 -79.93 27.89
N PRO D 40 37.21 -80.97 28.70
CA PRO D 40 37.91 -81.06 29.99
C PRO D 40 39.42 -81.05 29.85
N GLY D 41 40.06 -80.17 30.61
CA GLY D 41 41.50 -80.03 30.61
C GLY D 41 42.10 -79.31 29.43
N GLN D 42 41.28 -78.75 28.54
CA GLN D 42 41.76 -78.06 27.36
C GLN D 42 41.32 -76.61 27.39
N ALA D 43 42.09 -75.76 26.73
CA ALA D 43 41.71 -74.36 26.59
C ALA D 43 40.46 -74.25 25.71
N PRO D 44 39.59 -73.28 25.99
CA PRO D 44 38.41 -73.09 25.15
C PRO D 44 38.80 -72.81 23.70
N ARG D 45 38.06 -73.41 22.78
CA ARG D 45 38.30 -73.28 21.35
C ARG D 45 37.26 -72.35 20.76
N LEU D 46 37.69 -71.46 19.85
CA LEU D 46 36.75 -70.58 19.18
C LEU D 46 35.91 -71.36 18.18
N LEU D 47 34.60 -71.25 18.30
CA LEU D 47 33.65 -71.91 17.41
C LEU D 47 33.07 -70.98 16.36
N ILE D 48 32.52 -69.85 16.79
CA ILE D 48 31.83 -68.92 15.92
C ILE D 48 32.11 -67.51 16.40
N TYR D 49 32.48 -66.62 15.47
CA TYR D 49 32.65 -65.20 15.74
C TYR D 49 31.68 -64.40 14.88
N ASP D 50 31.46 -63.15 15.28
CA ASP D 50 30.55 -62.24 14.58
C ASP D 50 29.20 -62.90 14.34
N ALA D 51 28.52 -63.19 15.45
CA ALA D 51 27.18 -63.77 15.45
C ALA D 51 27.15 -65.16 14.84
N SER D 52 27.58 -65.30 13.58
CA SER D 52 27.47 -66.58 12.89
C SER D 52 28.52 -66.70 11.78
N ASP D 53 29.79 -66.76 12.15
CA ASP D 53 30.90 -67.04 11.23
C ASP D 53 31.73 -68.18 11.81
N ARG D 54 31.75 -69.31 11.13
CA ARG D 54 32.54 -70.46 11.58
C ARG D 54 34.02 -70.09 11.64
N ALA D 55 34.67 -70.47 12.74
CA ALA D 55 36.09 -70.21 12.87
C ALA D 55 36.89 -71.16 11.98
N THR D 56 38.19 -70.86 11.85
CA THR D 56 39.07 -71.66 11.00
C THR D 56 39.15 -73.10 11.48
N GLY D 57 38.43 -73.99 10.83
CA GLY D 57 38.45 -75.39 11.16
C GLY D 57 37.21 -75.94 11.85
N ILE D 58 36.07 -75.28 11.72
CA ILE D 58 34.83 -75.69 12.37
C ILE D 58 33.96 -76.42 11.35
N PRO D 59 33.45 -77.60 11.65
CA PRO D 59 32.62 -78.34 10.68
C PRO D 59 31.35 -77.58 10.33
N ALA D 60 30.75 -77.97 9.20
CA ALA D 60 29.54 -77.30 8.74
C ALA D 60 28.36 -77.51 9.69
N ARG D 61 28.44 -78.48 10.60
CA ARG D 61 27.32 -78.75 11.49
C ARG D 61 27.12 -77.66 12.53
N PHE D 62 28.09 -76.79 12.73
CA PHE D 62 27.96 -75.69 13.68
C PHE D 62 27.38 -74.45 12.99
N SER D 63 26.44 -73.79 13.67
CA SER D 63 25.81 -72.59 13.13
C SER D 63 25.31 -71.73 14.27
N GLY D 64 25.09 -70.45 13.95
CA GLY D 64 24.62 -69.49 14.93
C GLY D 64 23.48 -68.63 14.41
N SER D 65 22.43 -68.45 15.20
CA SER D 65 21.32 -67.58 14.79
C SER D 65 21.55 -66.17 15.35
N GLY D 66 22.56 -65.52 14.78
CA GLY D 66 22.91 -64.18 15.20
C GLY D 66 21.90 -63.13 14.78
N SER D 67 20.90 -62.88 15.64
CA SER D 67 19.84 -61.93 15.32
C SER D 67 19.88 -60.83 16.38
N GLY D 68 18.82 -60.66 17.16
CA GLY D 68 18.74 -59.58 18.12
C GLY D 68 18.63 -60.09 19.54
N THR D 69 19.22 -59.34 20.47
CA THR D 69 19.24 -59.67 21.90
C THR D 69 19.54 -61.13 22.14
N ASP D 70 18.57 -62.00 21.83
CA ASP D 70 18.75 -63.43 22.01
C ASP D 70 19.49 -64.03 20.82
N PHE D 71 20.47 -64.88 21.10
CA PHE D 71 21.25 -65.59 20.10
C PHE D 71 21.08 -67.10 20.29
N THR D 72 21.65 -67.87 19.37
CA THR D 72 21.48 -69.31 19.41
C THR D 72 22.60 -69.99 18.63
N LEU D 73 23.26 -70.95 19.27
CA LEU D 73 24.24 -71.83 18.63
C LEU D 73 23.59 -73.17 18.35
N THR D 74 23.77 -73.69 17.15
CA THR D 74 23.12 -74.91 16.71
C THR D 74 24.16 -75.90 16.20
N ILE D 75 24.07 -77.15 16.65
CA ILE D 75 24.96 -78.22 16.22
C ILE D 75 24.11 -79.25 15.51
N SER D 76 24.27 -79.35 14.18
CA SER D 76 23.41 -80.16 13.33
C SER D 76 23.42 -81.63 13.73
N ASN D 77 24.53 -82.33 13.47
CA ASN D 77 24.65 -83.75 13.72
C ASN D 77 25.65 -83.94 14.85
N LEU D 78 25.15 -84.11 16.07
CA LEU D 78 26.00 -84.34 17.23
C LEU D 78 26.95 -85.51 17.00
N GLU D 79 28.24 -85.21 16.95
CA GLU D 79 29.27 -86.24 16.87
C GLU D 79 29.69 -86.67 18.26
N PRO D 80 30.31 -87.84 18.41
CA PRO D 80 30.72 -88.29 19.75
C PRO D 80 31.59 -87.28 20.50
N GLU D 81 32.55 -86.64 19.83
CA GLU D 81 33.47 -85.71 20.48
C GLU D 81 32.96 -84.28 20.47
N ASP D 82 31.64 -84.08 20.43
CA ASP D 82 31.05 -82.75 20.40
C ASP D 82 30.41 -82.37 21.72
N PHE D 83 30.61 -83.17 22.77
CA PHE D 83 29.94 -82.97 24.04
C PHE D 83 30.92 -82.30 25.00
N ALA D 84 30.71 -81.02 25.28
CA ALA D 84 31.61 -80.25 26.12
C ALA D 84 30.83 -79.06 26.68
N VAL D 85 31.57 -78.09 27.24
CA VAL D 85 31.00 -76.88 27.79
C VAL D 85 31.14 -75.77 26.76
N TYR D 86 30.08 -75.00 26.55
CA TYR D 86 30.05 -73.95 25.54
C TYR D 86 29.79 -72.60 26.21
N TYR D 87 30.62 -71.62 25.88
CA TYR D 87 30.55 -70.27 26.44
C TYR D 87 30.32 -69.27 25.31
N CYS D 88 29.30 -68.42 25.46
CA CYS D 88 29.14 -67.27 24.59
C CYS D 88 29.82 -66.05 25.22
N GLN D 89 30.35 -65.19 24.36
CA GLN D 89 31.13 -64.04 24.81
C GLN D 89 30.76 -62.80 24.00
N LEU D 90 30.46 -61.72 24.70
CA LEU D 90 30.12 -60.42 24.12
C LEU D 90 31.26 -59.44 24.35
N ARG D 91 31.15 -58.25 23.74
CA ARG D 91 32.06 -57.13 24.00
C ARG D 91 31.24 -55.85 23.98
N SER D 92 30.61 -55.53 25.11
CA SER D 92 29.81 -54.31 25.19
C SER D 92 30.70 -53.15 25.64
N ASN D 93 30.08 -51.99 25.85
CA ASN D 93 30.83 -50.82 26.29
C ASN D 93 31.33 -50.99 27.73
N TRP D 94 30.43 -51.34 28.64
CA TRP D 94 30.78 -51.53 30.04
C TRP D 94 29.79 -52.50 30.68
N PRO D 95 30.24 -53.68 31.11
CA PRO D 95 31.65 -54.07 31.11
C PRO D 95 32.09 -54.65 29.78
N PRO D 96 33.34 -54.43 29.40
CA PRO D 96 33.84 -55.02 28.16
C PRO D 96 34.14 -56.50 28.35
N ILE D 97 33.83 -57.26 27.29
CA ILE D 97 34.11 -58.70 27.22
C ILE D 97 33.46 -59.42 28.40
N THR D 98 32.13 -59.56 28.33
CA THR D 98 31.39 -60.40 29.27
C THR D 98 31.32 -61.84 28.76
N PHE D 99 31.42 -62.79 29.67
CA PHE D 99 31.37 -64.21 29.34
C PHE D 99 30.10 -64.84 29.87
N GLY D 100 29.58 -65.82 29.13
CA GLY D 100 28.39 -66.54 29.54
C GLY D 100 28.65 -67.52 30.65
N GLN D 101 27.57 -67.98 31.28
CA GLN D 101 27.68 -68.91 32.38
C GLN D 101 28.04 -70.32 31.90
N GLY D 102 27.87 -70.61 30.62
CA GLY D 102 28.27 -71.89 30.08
C GLY D 102 27.17 -72.92 30.03
N THR D 103 27.13 -73.68 28.94
CA THR D 103 26.18 -74.78 28.78
C THR D 103 26.96 -76.08 28.69
N ARG D 104 26.68 -77.01 29.61
CA ARG D 104 27.33 -78.31 29.62
C ARG D 104 26.52 -79.28 28.77
N LEU D 105 27.13 -79.81 27.72
CA LEU D 105 26.47 -80.71 26.79
C LEU D 105 26.95 -82.14 27.05
N GLU D 106 26.04 -83.00 27.49
CA GLU D 106 26.37 -84.39 27.80
C GLU D 106 25.50 -85.34 27.01
N THR D 107 25.93 -86.60 26.96
CA THR D 107 25.24 -87.64 26.21
C THR D 107 24.18 -88.30 27.09
N LYS D 108 22.91 -88.17 26.70
CA LYS D 108 21.83 -88.80 27.45
C LYS D 108 21.76 -90.28 27.10
N ARG D 109 21.57 -91.10 28.12
CA ARG D 109 21.54 -92.55 27.93
C ARG D 109 20.48 -93.14 28.86
N THR D 110 20.48 -94.47 28.95
CA THR D 110 19.53 -95.17 29.80
C THR D 110 19.89 -94.98 31.26
N VAL D 111 18.86 -95.03 32.13
CA VAL D 111 19.11 -94.95 33.56
C VAL D 111 19.91 -96.15 34.01
N ALA D 112 21.01 -95.90 34.73
CA ALA D 112 21.91 -96.94 35.19
C ALA D 112 22.07 -96.83 36.70
N ALA D 113 21.82 -97.93 37.42
CA ALA D 113 21.93 -97.95 38.87
C ALA D 113 23.42 -97.98 39.27
N PRO D 114 23.78 -97.25 40.32
CA PRO D 114 25.19 -97.23 40.74
C PRO D 114 25.57 -98.49 41.51
N SER D 115 26.78 -98.98 41.25
CA SER D 115 27.35 -100.05 42.06
C SER D 115 28.00 -99.42 43.29
N VAL D 116 27.49 -99.76 44.47
CA VAL D 116 27.87 -99.12 45.71
C VAL D 116 28.91 -99.96 46.43
N PHE D 117 29.99 -99.32 46.88
CA PHE D 117 31.05 -99.96 47.64
C PHE D 117 31.49 -99.04 48.76
N ILE D 118 31.74 -99.62 49.94
CA ILE D 118 32.19 -98.87 51.10
C ILE D 118 33.53 -99.42 51.57
N PHE D 119 34.46 -98.54 51.90
CA PHE D 119 35.83 -98.91 52.25
C PHE D 119 36.18 -98.41 53.64
N PRO D 120 36.49 -99.28 54.59
CA PRO D 120 36.90 -98.83 55.93
C PRO D 120 38.28 -98.20 55.89
N PRO D 121 38.64 -97.42 56.90
CA PRO D 121 39.99 -96.84 56.94
C PRO D 121 41.05 -97.92 57.14
N SER D 122 42.17 -97.77 56.45
CA SER D 122 43.26 -98.71 56.55
C SER D 122 43.91 -98.62 57.93
N ASP D 123 44.49 -99.74 58.37
CA ASP D 123 45.19 -99.73 59.66
C ASP D 123 46.39 -98.79 59.62
N GLU D 124 46.94 -98.54 58.43
CA GLU D 124 48.07 -97.62 58.33
C GLU D 124 47.65 -96.19 58.64
N GLN D 125 46.46 -95.79 58.19
CA GLN D 125 46.01 -94.43 58.45
C GLN D 125 45.57 -94.24 59.90
N LEU D 126 45.00 -95.29 60.52
CA LEU D 126 44.58 -95.17 61.91
C LEU D 126 45.76 -94.89 62.83
N LYS D 127 46.96 -95.35 62.46
CA LYS D 127 48.14 -95.02 63.23
C LYS D 127 48.47 -93.54 63.18
N SER D 128 47.96 -92.82 62.18
CA SER D 128 48.19 -91.38 62.04
C SER D 128 47.21 -90.55 62.87
N GLY D 129 46.16 -91.16 63.41
CA GLY D 129 45.18 -90.47 64.22
C GLY D 129 43.95 -90.02 63.48
N THR D 130 43.83 -90.32 62.20
CA THR D 130 42.70 -89.91 61.37
C THR D 130 42.11 -91.14 60.70
N ALA D 131 40.79 -91.13 60.50
CA ALA D 131 40.09 -92.22 59.84
C ALA D 131 39.24 -91.66 58.72
N SER D 132 39.47 -92.14 57.50
CA SER D 132 38.69 -91.75 56.33
C SER D 132 37.90 -92.96 55.84
N VAL D 133 36.59 -92.80 55.72
CA VAL D 133 35.71 -93.83 55.20
C VAL D 133 35.26 -93.41 53.81
N VAL D 134 35.41 -94.31 52.84
CA VAL D 134 35.16 -94.01 51.43
C VAL D 134 33.94 -94.79 50.98
N CYS D 135 33.00 -94.09 50.33
CA CYS D 135 31.81 -94.68 49.72
C CYS D 135 31.87 -94.43 48.22
N LEU D 136 31.75 -95.49 47.44
CA LEU D 136 31.91 -95.43 45.98
C LEU D 136 30.56 -95.66 45.31
N LEU D 137 30.21 -94.76 44.38
CA LEU D 137 29.06 -94.91 43.51
C LEU D 137 29.60 -94.99 42.09
N ASN D 138 29.60 -96.19 41.50
CA ASN D 138 30.33 -96.45 40.28
C ASN D 138 29.37 -96.65 39.11
N ASN D 139 29.59 -95.89 38.03
CA ASN D 139 28.94 -96.09 36.75
C ASN D 139 27.42 -96.01 36.84
N PHE D 140 26.89 -94.80 36.99
CA PHE D 140 25.46 -94.58 37.08
C PHE D 140 25.07 -93.42 36.17
N TYR D 141 23.77 -93.29 35.92
CA TYR D 141 23.24 -92.17 35.15
C TYR D 141 21.79 -91.98 35.53
N PRO D 142 21.32 -90.73 35.75
CA PRO D 142 22.08 -89.48 35.64
C PRO D 142 23.04 -89.25 36.81
N ARG D 143 23.81 -88.17 36.76
CA ARG D 143 24.79 -87.91 37.81
C ARG D 143 24.16 -87.45 39.11
N GLU D 144 22.89 -87.03 39.09
CA GLU D 144 22.20 -86.62 40.31
C GLU D 144 22.10 -87.80 41.27
N ALA D 145 22.76 -87.70 42.42
CA ALA D 145 22.78 -88.76 43.41
C ALA D 145 22.91 -88.15 44.80
N LYS D 146 22.41 -88.87 45.80
CA LYS D 146 22.45 -88.44 47.18
C LYS D 146 23.15 -89.52 48.02
N VAL D 147 24.17 -89.10 48.77
CA VAL D 147 24.91 -90.00 49.65
C VAL D 147 24.66 -89.56 51.08
N GLN D 148 24.11 -90.47 51.89
CA GLN D 148 23.75 -90.19 53.27
C GLN D 148 24.60 -91.07 54.18
N TRP D 149 25.49 -90.44 54.95
CA TRP D 149 26.31 -91.17 55.90
C TRP D 149 25.56 -91.42 57.20
N LYS D 150 25.69 -92.63 57.73
CA LYS D 150 25.06 -93.01 58.99
C LYS D 150 26.11 -93.68 59.88
N VAL D 151 26.24 -93.17 61.10
CA VAL D 151 27.16 -93.72 62.09
C VAL D 151 26.32 -94.07 63.31
N ASP D 152 26.14 -95.36 63.57
CA ASP D 152 25.22 -95.85 64.61
C ASP D 152 23.81 -95.31 64.37
N ASN D 153 23.37 -95.39 63.11
CA ASN D 153 22.07 -94.92 62.65
C ASN D 153 21.88 -93.41 62.83
N ALA D 154 22.95 -92.67 63.12
CA ALA D 154 22.89 -91.22 63.25
C ALA D 154 23.31 -90.58 61.94
N LEU D 155 22.43 -89.76 61.36
CA LEU D 155 22.72 -89.12 60.09
C LEU D 155 23.84 -88.10 60.27
N GLN D 156 24.90 -88.24 59.47
CA GLN D 156 26.07 -87.39 59.57
C GLN D 156 25.99 -86.26 58.55
N SER D 157 26.44 -85.08 58.96
CA SER D 157 26.49 -83.92 58.08
C SER D 157 27.57 -82.97 58.55
N GLY D 158 28.35 -82.45 57.59
CA GLY D 158 29.38 -81.48 57.87
C GLY D 158 30.79 -82.04 57.90
N ASN D 159 30.94 -83.36 57.91
CA ASN D 159 32.25 -84.01 57.97
C ASN D 159 32.51 -84.88 56.75
N SER D 160 31.91 -84.54 55.61
CA SER D 160 32.03 -85.35 54.41
C SER D 160 32.18 -84.45 53.18
N GLN D 161 33.02 -84.91 52.25
CA GLN D 161 33.20 -84.28 50.94
C GLN D 161 33.01 -85.34 49.87
N GLU D 162 32.51 -84.92 48.71
CA GLU D 162 32.29 -85.83 47.61
C GLU D 162 32.87 -85.24 46.33
N SER D 163 33.17 -86.12 45.38
CA SER D 163 33.78 -85.74 44.12
C SER D 163 33.20 -86.62 43.02
N VAL D 164 32.93 -86.02 41.86
CA VAL D 164 32.31 -86.71 40.74
C VAL D 164 33.24 -86.57 39.53
N THR D 165 33.38 -87.66 38.78
CA THR D 165 34.17 -87.65 37.56
C THR D 165 33.40 -87.04 36.41
N GLU D 166 34.11 -86.75 35.32
CA GLU D 166 33.48 -86.35 34.08
C GLU D 166 32.78 -87.55 33.45
N GLN D 167 31.96 -87.27 32.43
CA GLN D 167 31.26 -88.35 31.73
C GLN D 167 32.25 -89.32 31.11
N ASP D 168 32.00 -90.62 31.31
CA ASP D 168 32.87 -91.64 30.75
C ASP D 168 32.80 -91.61 29.23
N SER D 169 33.95 -91.63 28.58
CA SER D 169 34.02 -91.55 27.13
C SER D 169 33.46 -92.80 26.44
N LYS D 170 33.19 -93.86 27.19
CA LYS D 170 32.73 -95.13 26.62
C LYS D 170 31.26 -95.39 26.88
N ASP D 171 30.85 -95.41 28.15
CA ASP D 171 29.48 -95.76 28.52
C ASP D 171 28.64 -94.58 29.00
N SER D 172 29.20 -93.36 29.00
CA SER D 172 28.46 -92.14 29.28
C SER D 172 27.91 -92.08 30.70
N THR D 173 28.52 -92.83 31.63
CA THR D 173 28.08 -92.85 33.02
C THR D 173 29.01 -92.01 33.88
N TYR D 174 28.54 -91.72 35.09
CA TYR D 174 29.30 -90.96 36.08
C TYR D 174 29.75 -91.88 37.21
N SER D 175 30.68 -91.37 38.01
CA SER D 175 31.11 -92.05 39.22
C SER D 175 31.29 -91.02 40.33
N LEU D 176 30.88 -91.38 41.53
CA LEU D 176 30.93 -90.49 42.68
C LEU D 176 31.69 -91.18 43.81
N SER D 177 32.49 -90.40 44.53
CA SER D 177 33.24 -90.86 45.69
C SER D 177 33.02 -89.89 46.83
N SER D 178 32.54 -90.38 47.96
CA SER D 178 32.30 -89.57 49.14
C SER D 178 33.20 -90.06 50.27
N THR D 179 33.89 -89.12 50.93
CA THR D 179 34.88 -89.44 51.95
C THR D 179 34.43 -88.86 53.29
N LEU D 180 34.20 -89.73 54.27
CA LEU D 180 33.82 -89.33 55.62
C LEU D 180 35.06 -89.30 56.50
N THR D 181 35.36 -88.14 57.06
CA THR D 181 36.60 -87.92 57.81
C THR D 181 36.27 -87.72 59.29
N LEU D 182 36.80 -88.61 60.13
CA LEU D 182 36.69 -88.50 61.57
C LEU D 182 38.06 -88.68 62.20
N SER D 183 38.18 -88.24 63.45
CA SER D 183 39.38 -88.53 64.20
C SER D 183 39.39 -89.99 64.65
N LYS D 184 40.59 -90.50 64.95
CA LYS D 184 40.69 -91.88 65.42
C LYS D 184 39.92 -92.09 66.71
N ALA D 185 39.88 -91.08 67.58
CA ALA D 185 39.12 -91.20 68.83
C ALA D 185 37.63 -91.30 68.56
N ASP D 186 37.09 -90.40 67.73
CA ASP D 186 35.67 -90.45 67.40
C ASP D 186 35.33 -91.71 66.63
N TYR D 187 36.27 -92.21 65.81
CA TYR D 187 36.01 -93.41 65.03
C TYR D 187 35.84 -94.64 65.90
N GLU D 188 36.54 -94.72 67.03
CA GLU D 188 36.52 -95.90 67.87
C GLU D 188 35.39 -95.87 68.91
N LYS D 189 34.60 -94.80 68.95
CA LYS D 189 33.46 -94.75 69.86
C LYS D 189 32.19 -95.32 69.24
N HIS D 190 32.24 -95.78 67.99
CA HIS D 190 31.07 -96.26 67.27
C HIS D 190 31.39 -97.58 66.58
N LYS D 191 30.34 -98.27 66.15
CA LYS D 191 30.46 -99.60 65.58
C LYS D 191 30.00 -99.69 64.14
N VAL D 192 28.78 -99.26 63.84
CA VAL D 192 28.18 -99.44 62.52
C VAL D 192 28.41 -98.18 61.69
N TYR D 193 29.03 -98.36 60.53
CA TYR D 193 29.25 -97.29 59.56
C TYR D 193 28.60 -97.70 58.25
N ALA D 194 27.85 -96.78 57.64
CA ALA D 194 27.15 -97.09 56.40
C ALA D 194 26.91 -95.80 55.61
N CYS D 195 26.87 -95.94 54.29
CA CYS D 195 26.45 -94.87 53.40
C CYS D 195 25.20 -95.32 52.65
N GLU D 196 24.15 -94.50 52.71
CA GLU D 196 22.88 -94.80 52.07
C GLU D 196 22.82 -94.05 50.74
N VAL D 197 22.61 -94.80 49.66
CA VAL D 197 22.62 -94.26 48.31
C VAL D 197 21.19 -94.29 47.77
N THR D 198 20.69 -93.12 47.40
CA THR D 198 19.40 -92.99 46.73
C THR D 198 19.63 -92.49 45.31
N HIS D 199 19.07 -93.20 44.33
CA HIS D 199 19.28 -92.88 42.93
C HIS D 199 18.04 -93.26 42.15
N GLN D 200 17.90 -92.64 40.96
CA GLN D 200 16.72 -92.89 40.12
C GLN D 200 16.65 -94.35 39.69
N GLY D 201 17.80 -94.98 39.44
CA GLY D 201 17.82 -96.36 39.03
C GLY D 201 17.60 -97.37 40.14
N LEU D 202 17.39 -96.91 41.37
CA LEU D 202 17.20 -97.78 42.52
C LEU D 202 15.75 -97.69 42.99
N SER D 203 15.08 -98.84 43.09
CA SER D 203 13.71 -98.85 43.60
C SER D 203 13.67 -98.45 45.06
N SER D 204 14.72 -98.75 45.82
CA SER D 204 14.83 -98.39 47.22
C SER D 204 16.26 -97.91 47.47
N PRO D 205 16.46 -97.09 48.49
CA PRO D 205 17.84 -96.67 48.83
C PRO D 205 18.72 -97.86 49.18
N VAL D 206 19.87 -97.94 48.53
CA VAL D 206 20.82 -99.03 48.75
C VAL D 206 21.81 -98.59 49.82
N THR D 207 22.05 -99.47 50.79
CA THR D 207 22.94 -99.17 51.92
C THR D 207 24.00 -100.26 52.02
N LYS D 208 25.27 -99.86 51.99
CA LYS D 208 26.39 -100.74 52.27
C LYS D 208 26.99 -100.36 53.61
N SER D 209 27.29 -101.37 54.44
CA SER D 209 27.72 -101.12 55.81
C SER D 209 28.84 -102.07 56.19
N PHE D 210 29.54 -101.72 57.27
CA PHE D 210 30.53 -102.58 57.88
C PHE D 210 30.58 -102.27 59.37
N ASN D 211 31.14 -103.21 60.13
CA ASN D 211 31.29 -103.06 61.58
C ASN D 211 32.76 -102.87 61.91
N ARG D 212 33.06 -101.85 62.71
CA ARG D 212 34.43 -101.57 63.09
C ARG D 212 35.02 -102.73 63.89
N GLY D 213 36.17 -103.23 63.45
CA GLY D 213 36.85 -104.33 64.10
C GLY D 213 36.59 -105.68 63.48
N GLU D 214 35.47 -105.84 62.78
CA GLU D 214 35.11 -107.09 62.14
C GLU D 214 35.56 -107.08 60.68
N CYS D 215 36.27 -108.12 60.27
CA CYS D 215 36.75 -108.24 58.89
C CYS D 215 35.59 -108.57 57.95
N ASN E 16 45.28 -10.38 9.43
CA ASN E 16 46.49 -10.55 8.61
C ASN E 16 46.38 -11.80 7.74
N LEU E 17 46.35 -12.96 8.38
CA LEU E 17 46.29 -14.25 7.71
C LEU E 17 45.22 -15.10 8.35
N CYS E 18 44.45 -15.81 7.51
CA CYS E 18 43.33 -16.60 8.00
C CYS E 18 43.81 -17.68 8.97
N PRO E 19 43.17 -17.85 10.11
CA PRO E 19 43.60 -18.85 11.11
C PRO E 19 43.17 -20.26 10.72
N PHE E 20 43.64 -20.72 9.55
CA PHE E 20 43.36 -22.10 9.14
C PHE E 20 43.98 -23.11 10.10
N GLY E 21 44.98 -22.71 10.87
CA GLY E 21 45.60 -23.64 11.80
C GLY E 21 44.68 -24.08 12.92
N GLU E 22 43.80 -23.19 13.37
CA GLU E 22 42.91 -23.51 14.48
C GLU E 22 41.89 -24.58 14.10
N VAL E 23 41.65 -24.80 12.81
CA VAL E 23 40.64 -25.75 12.37
C VAL E 23 41.27 -27.12 12.14
N PHE E 24 42.26 -27.18 11.24
CA PHE E 24 42.89 -28.45 10.89
C PHE E 24 43.68 -29.01 12.07
N ASN E 25 44.48 -28.16 12.71
CA ASN E 25 45.39 -28.57 13.77
C ASN E 25 44.77 -28.46 15.16
N ALA E 26 43.44 -28.49 15.26
CA ALA E 26 42.79 -28.44 16.56
C ALA E 26 43.12 -29.71 17.36
N THR E 27 43.24 -29.55 18.68
CA THR E 27 43.58 -30.68 19.53
C THR E 27 42.44 -31.69 19.59
N ARG E 28 41.19 -31.22 19.59
CA ARG E 28 40.03 -32.09 19.64
C ARG E 28 39.09 -31.75 18.50
N PHE E 29 38.52 -32.78 17.88
CA PHE E 29 37.51 -32.61 16.85
C PHE E 29 36.14 -33.03 17.38
N ALA E 30 35.11 -32.54 16.70
CA ALA E 30 33.75 -32.76 17.14
C ALA E 30 33.16 -34.02 16.48
N SER E 31 32.12 -34.55 17.11
CA SER E 31 31.39 -35.66 16.52
C SER E 31 30.59 -35.19 15.32
N VAL E 32 30.33 -36.11 14.40
CA VAL E 32 29.68 -35.72 13.15
C VAL E 32 28.25 -35.27 13.39
N TYR E 33 27.57 -35.84 14.39
CA TYR E 33 26.19 -35.44 14.64
C TYR E 33 26.11 -34.00 15.14
N ALA E 34 27.18 -33.51 15.79
CA ALA E 34 27.23 -32.12 16.22
C ALA E 34 28.44 -31.44 15.61
N TRP E 35 28.54 -31.49 14.28
CA TRP E 35 29.72 -30.97 13.58
C TRP E 35 29.88 -29.47 13.84
N ASN E 36 31.14 -29.04 13.94
CA ASN E 36 31.47 -27.66 14.29
C ASN E 36 31.75 -26.84 13.04
N ARG E 37 31.22 -25.63 13.02
CA ARG E 37 31.44 -24.69 11.93
C ARG E 37 32.18 -23.46 12.45
N LYS E 38 33.26 -23.09 11.78
CA LYS E 38 33.98 -21.86 12.07
C LYS E 38 33.85 -20.90 10.90
N ARG E 39 33.63 -19.63 11.22
CA ARG E 39 33.47 -18.59 10.20
C ARG E 39 34.84 -17.94 9.96
N ILE E 40 35.28 -17.95 8.71
CA ILE E 40 36.56 -17.38 8.30
C ILE E 40 36.25 -16.10 7.53
N SER E 41 36.59 -14.95 8.12
CA SER E 41 36.30 -13.67 7.49
C SER E 41 37.40 -12.68 7.79
N ASN E 42 37.58 -11.72 6.88
CA ASN E 42 38.49 -10.58 7.05
C ASN E 42 39.93 -11.05 7.27
N CYS E 43 40.44 -11.78 6.28
CA CYS E 43 41.80 -12.31 6.37
C CYS E 43 42.25 -12.78 5.00
N VAL E 44 43.56 -12.80 4.79
CA VAL E 44 44.14 -13.34 3.57
C VAL E 44 44.26 -14.85 3.73
N ALA E 45 43.65 -15.59 2.79
CA ALA E 45 43.54 -17.04 2.88
C ALA E 45 44.67 -17.66 2.06
N ASP E 46 45.57 -18.36 2.74
CA ASP E 46 46.70 -19.03 2.11
C ASP E 46 46.32 -20.48 1.87
N TYR E 47 45.93 -20.79 0.63
CA TYR E 47 45.64 -22.16 0.23
C TYR E 47 46.86 -22.89 -0.31
N SER E 48 47.97 -22.18 -0.49
CA SER E 48 49.19 -22.83 -0.99
C SER E 48 49.65 -23.94 -0.07
N VAL E 49 49.63 -23.69 1.25
CA VAL E 49 50.07 -24.70 2.21
C VAL E 49 49.28 -25.99 2.04
N LEU E 50 47.96 -25.88 1.85
CA LEU E 50 47.14 -27.07 1.71
C LEU E 50 47.43 -27.82 0.41
N TYR E 51 47.78 -27.09 -0.66
CA TYR E 51 48.11 -27.74 -1.93
C TYR E 51 49.40 -28.57 -1.80
N ASN E 52 50.48 -27.96 -1.33
CA ASN E 52 51.76 -28.67 -1.23
C ASN E 52 51.70 -29.79 -0.22
N SER E 53 50.95 -29.61 0.86
CA SER E 53 50.84 -30.63 1.91
C SER E 53 50.31 -31.94 1.32
N ALA E 54 51.11 -32.99 1.42
CA ALA E 54 50.75 -34.29 0.86
C ALA E 54 50.34 -35.25 1.98
N SER E 55 49.49 -34.79 2.89
CA SER E 55 49.00 -35.62 3.97
C SER E 55 47.50 -35.87 3.93
N PHE E 56 46.76 -35.18 3.06
CA PHE E 56 45.32 -35.34 2.99
C PHE E 56 44.96 -36.54 2.12
N SER E 57 44.18 -37.46 2.68
CA SER E 57 43.70 -38.60 1.91
C SER E 57 42.57 -38.22 0.97
N THR E 58 41.95 -37.06 1.18
CA THR E 58 40.90 -36.56 0.32
C THR E 58 41.05 -35.05 0.16
N PHE E 59 40.91 -34.57 -1.06
CA PHE E 59 40.95 -33.14 -1.35
C PHE E 59 40.10 -32.87 -2.59
N LYS E 60 38.81 -33.18 -2.50
CA LYS E 60 37.89 -33.02 -3.62
C LYS E 60 37.24 -31.65 -3.54
N CYS E 61 37.36 -30.87 -4.61
CA CYS E 61 36.72 -29.57 -4.70
C CYS E 61 35.60 -29.64 -5.73
N TYR E 62 34.49 -28.95 -5.43
CA TYR E 62 33.32 -28.90 -6.30
C TYR E 62 32.99 -27.46 -6.62
N GLY E 63 32.77 -27.18 -7.91
CA GLY E 63 32.45 -25.83 -8.35
C GLY E 63 33.63 -24.89 -8.41
N VAL E 64 34.80 -25.29 -7.93
CA VAL E 64 35.99 -24.45 -7.94
C VAL E 64 37.21 -25.35 -8.06
N SER E 65 38.27 -24.82 -8.69
CA SER E 65 39.45 -25.67 -8.76
C SER E 65 40.48 -25.27 -7.70
N PRO E 66 41.14 -26.25 -7.08
CA PRO E 66 42.08 -25.90 -5.99
C PRO E 66 43.30 -25.12 -6.46
N THR E 67 43.72 -25.32 -7.71
CA THR E 67 44.89 -24.60 -8.20
C THR E 67 44.59 -23.10 -8.34
N LYS E 68 43.49 -22.77 -9.02
CA LYS E 68 43.13 -21.38 -9.25
C LYS E 68 42.36 -20.80 -8.07
N LEU E 69 42.91 -20.94 -6.86
CA LEU E 69 42.24 -20.49 -5.66
C LEU E 69 42.92 -19.31 -4.98
N ASN E 70 44.19 -19.04 -5.27
CA ASN E 70 44.91 -17.90 -4.70
C ASN E 70 44.66 -16.61 -5.45
N ASP E 71 43.57 -16.54 -6.23
CA ASP E 71 43.23 -15.31 -6.94
C ASP E 71 41.72 -15.09 -7.02
N LEU E 72 40.97 -15.73 -6.13
CA LEU E 72 39.51 -15.64 -6.12
C LEU E 72 39.07 -15.18 -4.74
N CYS E 73 38.47 -13.99 -4.68
CA CYS E 73 38.00 -13.44 -3.42
C CYS E 73 36.59 -13.92 -3.10
N PHE E 74 36.31 -14.07 -1.81
CA PHE E 74 35.00 -14.49 -1.33
C PHE E 74 34.55 -13.57 -0.21
N THR E 75 33.22 -13.45 -0.07
CA THR E 75 32.67 -12.61 0.99
C THR E 75 32.86 -13.27 2.36
N ASN E 76 32.72 -14.59 2.43
CA ASN E 76 32.89 -15.34 3.67
C ASN E 76 33.27 -16.77 3.33
N VAL E 77 34.03 -17.39 4.25
CA VAL E 77 34.42 -18.79 4.13
C VAL E 77 34.04 -19.50 5.42
N TYR E 78 33.48 -20.71 5.29
CA TYR E 78 33.01 -21.50 6.42
C TYR E 78 33.70 -22.85 6.45
N ALA E 79 34.11 -23.28 7.65
CA ALA E 79 34.86 -24.52 7.82
C ALA E 79 34.11 -25.45 8.77
N ASP E 80 33.56 -26.53 8.23
CA ASP E 80 32.88 -27.55 9.02
C ASP E 80 33.84 -28.70 9.27
N SER E 81 33.94 -29.12 10.53
CA SER E 81 34.88 -30.16 10.92
C SER E 81 34.18 -31.20 11.79
N PHE E 82 34.50 -32.47 11.57
CA PHE E 82 33.91 -33.57 12.32
C PHE E 82 34.78 -34.81 12.10
N VAL E 83 34.33 -35.94 12.64
CA VAL E 83 35.09 -37.18 12.54
C VAL E 83 34.12 -38.32 12.21
N ILE E 84 34.46 -39.08 11.16
CA ILE E 84 33.75 -40.29 10.75
C ILE E 84 34.78 -41.35 10.40
N ARG E 85 34.30 -42.51 9.99
CA ARG E 85 35.19 -43.62 9.62
C ARG E 85 35.42 -43.67 8.12
N GLY E 86 36.35 -44.54 7.72
CA GLY E 86 36.86 -44.50 6.36
C GLY E 86 35.81 -44.72 5.31
N ASP E 87 34.98 -45.74 5.48
CA ASP E 87 34.00 -46.07 4.45
C ASP E 87 32.88 -45.04 4.34
N GLU E 88 32.89 -44.02 5.18
CA GLU E 88 31.88 -42.96 5.12
C GLU E 88 32.40 -41.67 4.53
N VAL E 89 33.73 -41.54 4.31
CA VAL E 89 34.28 -40.34 3.71
C VAL E 89 33.68 -40.08 2.33
N ARG E 90 33.37 -41.14 1.60
CA ARG E 90 32.76 -41.00 0.28
C ARG E 90 31.38 -40.37 0.34
N GLN E 91 30.76 -40.33 1.52
CA GLN E 91 29.43 -39.74 1.65
C GLN E 91 29.47 -38.22 1.80
N ILE E 92 30.62 -37.65 2.18
CA ILE E 92 30.73 -36.21 2.29
C ILE E 92 30.93 -35.63 0.90
N ALA E 93 29.85 -35.59 0.12
CA ALA E 93 29.88 -35.10 -1.26
C ALA E 93 28.45 -34.85 -1.68
N PRO E 94 28.21 -33.96 -2.64
CA PRO E 94 26.84 -33.68 -3.07
C PRO E 94 26.19 -34.91 -3.69
N GLY E 95 24.91 -35.09 -3.38
CA GLY E 95 24.15 -36.20 -3.95
C GLY E 95 24.49 -37.56 -3.39
N GLN E 96 25.05 -37.64 -2.18
CA GLN E 96 25.39 -38.90 -1.56
C GLN E 96 24.36 -39.27 -0.50
N THR E 97 24.18 -40.57 -0.30
CA THR E 97 23.26 -41.10 0.69
C THR E 97 23.91 -42.26 1.43
N GLY E 98 23.34 -42.59 2.58
CA GLY E 98 23.86 -43.65 3.42
C GLY E 98 23.37 -43.54 4.85
N ASN E 99 24.27 -43.19 5.77
CA ASN E 99 23.87 -42.98 7.16
C ASN E 99 24.44 -41.68 7.68
N ILE E 100 25.55 -41.22 7.11
CA ILE E 100 26.14 -39.95 7.50
C ILE E 100 25.55 -38.79 6.70
N ALA E 101 25.34 -38.97 5.39
CA ALA E 101 24.76 -37.91 4.58
C ALA E 101 23.27 -37.74 4.82
N ASP E 102 22.62 -38.74 5.41
CA ASP E 102 21.20 -38.70 5.67
C ASP E 102 20.85 -38.21 7.07
N TYR E 103 21.66 -38.54 8.07
CA TYR E 103 21.33 -38.26 9.46
C TYR E 103 22.34 -37.37 10.19
N ASN E 104 23.45 -37.00 9.55
CA ASN E 104 24.50 -36.30 10.28
C ASN E 104 24.97 -35.04 9.56
N TYR E 105 25.39 -35.16 8.30
CA TYR E 105 25.95 -34.03 7.58
C TYR E 105 25.60 -34.17 6.11
N LYS E 106 24.77 -33.26 5.60
CA LYS E 106 24.30 -33.29 4.22
C LYS E 106 24.81 -32.06 3.49
N LEU E 107 25.37 -32.28 2.28
CA LEU E 107 25.83 -31.20 1.42
C LEU E 107 24.81 -30.92 0.31
N PRO E 108 24.66 -29.66 -0.11
CA PRO E 108 23.72 -29.36 -1.19
C PRO E 108 24.23 -29.87 -2.52
N ASP E 109 23.30 -30.05 -3.45
CA ASP E 109 23.65 -30.54 -4.77
C ASP E 109 24.59 -29.59 -5.49
N ASP E 110 24.33 -28.29 -5.37
CA ASP E 110 25.13 -27.26 -6.05
C ASP E 110 26.27 -26.78 -5.17
N PHE E 111 27.01 -27.73 -4.56
CA PHE E 111 28.04 -27.35 -3.62
C PHE E 111 29.18 -26.62 -4.31
N THR E 112 29.69 -25.58 -3.65
CA THR E 112 30.84 -24.82 -4.12
C THR E 112 31.84 -24.74 -2.98
N GLY E 113 32.82 -25.64 -3.00
CA GLY E 113 33.82 -25.68 -1.95
C GLY E 113 34.67 -26.93 -2.11
N CYS E 114 35.42 -27.23 -1.05
CA CYS E 114 36.31 -28.38 -1.06
C CYS E 114 36.06 -29.23 0.16
N VAL E 115 36.20 -30.55 0.00
CA VAL E 115 36.11 -31.52 1.08
C VAL E 115 37.51 -32.09 1.29
N ILE E 116 38.04 -31.93 2.50
CA ILE E 116 39.40 -32.34 2.84
C ILE E 116 39.34 -33.31 4.01
N ALA E 117 40.05 -34.43 3.89
CA ALA E 117 40.02 -35.47 4.91
C ALA E 117 41.37 -36.16 4.97
N TRP E 118 41.68 -36.70 6.15
CA TRP E 118 42.93 -37.41 6.39
C TRP E 118 42.72 -38.44 7.50
N ASN E 119 43.58 -39.45 7.50
CA ASN E 119 43.48 -40.52 8.50
C ASN E 119 44.04 -40.05 9.84
N SER E 120 43.24 -40.23 10.90
CA SER E 120 43.65 -39.84 12.24
C SER E 120 43.56 -41.01 13.21
N ASN E 121 44.08 -42.17 12.81
CA ASN E 121 44.03 -43.34 13.69
C ASN E 121 44.94 -43.15 14.89
N ASN E 122 46.07 -42.46 14.73
CA ASN E 122 47.03 -42.31 15.82
C ASN E 122 46.51 -41.39 16.92
N LEU E 123 45.54 -40.53 16.61
CA LEU E 123 45.03 -39.55 17.57
C LEU E 123 43.66 -39.89 18.13
N ASP E 124 42.75 -40.38 17.28
CA ASP E 124 41.35 -40.57 17.67
C ASP E 124 41.02 -42.02 18.00
N SER E 125 42.02 -42.86 18.27
CA SER E 125 41.80 -44.25 18.61
C SER E 125 42.35 -44.54 19.99
N LYS E 126 41.55 -45.21 20.81
CA LYS E 126 41.96 -45.66 22.13
C LYS E 126 42.16 -47.16 22.11
N VAL E 127 43.12 -47.63 22.90
CA VAL E 127 43.39 -49.06 22.96
C VAL E 127 42.19 -49.81 23.52
N GLY E 128 41.57 -49.27 24.57
CA GLY E 128 40.38 -49.89 25.11
C GLY E 128 39.11 -49.57 24.36
N GLY E 129 39.16 -48.63 23.42
CA GLY E 129 37.96 -48.21 22.72
C GLY E 129 37.68 -46.74 22.93
N ASN E 130 37.69 -45.97 21.85
CA ASN E 130 37.37 -44.54 21.90
C ASN E 130 35.89 -44.38 21.61
N TYR E 131 35.10 -44.24 22.67
CA TYR E 131 33.66 -44.07 22.56
C TYR E 131 33.24 -42.61 22.65
N ASN E 132 34.20 -41.68 22.53
CA ASN E 132 33.88 -40.26 22.63
C ASN E 132 33.27 -39.73 21.35
N TYR E 133 33.54 -40.35 20.21
CA TYR E 133 32.99 -39.93 18.93
C TYR E 133 31.69 -40.67 18.65
N LEU E 134 30.65 -39.91 18.28
CA LEU E 134 29.33 -40.46 18.07
C LEU E 134 28.82 -40.08 16.69
N TYR E 135 27.77 -40.79 16.27
CA TYR E 135 27.08 -40.46 15.03
C TYR E 135 25.61 -40.84 15.18
N ARG E 136 24.76 -40.16 14.41
CA ARG E 136 23.32 -40.41 14.47
C ARG E 136 22.98 -41.63 13.61
N LEU E 137 22.15 -42.51 14.17
CA LEU E 137 21.79 -43.75 13.50
C LEU E 137 20.33 -43.81 13.06
N PHE E 138 19.43 -43.14 13.76
CA PHE E 138 18.01 -43.16 13.45
C PHE E 138 17.46 -41.75 13.36
N ARG E 139 16.55 -41.53 12.42
CA ARG E 139 15.89 -40.24 12.27
C ARG E 139 14.65 -40.41 11.41
N LYS E 140 13.65 -39.56 11.68
CA LYS E 140 12.39 -39.65 10.95
C LYS E 140 12.54 -39.27 9.48
N SER E 141 13.48 -38.38 9.16
CA SER E 141 13.66 -37.95 7.79
C SER E 141 15.12 -37.56 7.59
N ASN E 142 15.53 -37.54 6.32
CA ASN E 142 16.90 -37.19 5.99
C ASN E 142 17.14 -35.71 6.29
N LEU E 143 18.41 -35.38 6.54
CA LEU E 143 18.79 -34.00 6.83
C LEU E 143 18.76 -33.14 5.59
N LYS E 144 18.31 -31.89 5.75
CA LYS E 144 18.43 -30.88 4.73
C LYS E 144 19.88 -30.41 4.64
N PRO E 145 20.25 -29.70 3.57
CA PRO E 145 21.64 -29.22 3.45
C PRO E 145 22.04 -28.34 4.62
N PHE E 146 23.21 -28.63 5.19
CA PHE E 146 23.81 -27.85 6.27
C PHE E 146 22.92 -27.79 7.50
N GLU E 147 22.09 -28.80 7.72
CA GLU E 147 21.25 -28.88 8.90
C GLU E 147 21.95 -29.70 9.96
N ARG E 148 21.89 -29.23 11.21
CA ARG E 148 22.50 -29.91 12.34
C ARG E 148 21.41 -30.34 13.32
N ASP E 149 21.43 -31.61 13.70
CA ASP E 149 20.48 -32.17 14.65
C ASP E 149 21.26 -32.77 15.82
N ILE E 150 21.06 -32.22 17.02
CA ILE E 150 21.73 -32.69 18.21
C ILE E 150 20.74 -33.20 19.26
N SER E 151 19.50 -33.43 18.86
CA SER E 151 18.49 -33.92 19.80
C SER E 151 18.81 -35.35 20.23
N THR E 152 18.46 -35.66 21.47
CA THR E 152 18.70 -36.98 22.05
C THR E 152 17.39 -37.65 22.46
N GLU E 153 16.31 -37.35 21.74
CA GLU E 153 15.02 -37.96 22.04
C GLU E 153 14.94 -39.36 21.45
N ILE E 154 14.39 -40.29 22.24
CA ILE E 154 14.30 -41.68 21.81
C ILE E 154 13.52 -41.79 20.50
N TYR E 155 14.04 -42.59 19.57
CA TYR E 155 13.44 -42.78 18.26
C TYR E 155 12.45 -43.93 18.31
N GLN E 156 11.17 -43.64 18.04
CA GLN E 156 10.13 -44.66 18.04
C GLN E 156 10.09 -45.35 16.68
N ALA E 157 10.39 -46.64 16.67
CA ALA E 157 10.37 -47.43 15.44
C ALA E 157 9.31 -48.52 15.48
N GLY E 158 8.32 -48.41 16.38
CA GLY E 158 7.31 -49.43 16.53
C GLY E 158 5.97 -48.84 16.88
N SER E 159 4.97 -49.71 16.94
CA SER E 159 3.60 -49.29 17.26
C SER E 159 3.55 -48.56 18.60
N THR E 160 3.91 -49.25 19.68
CA THR E 160 3.89 -48.62 20.99
C THR E 160 4.89 -47.46 21.05
N PRO E 161 4.48 -46.29 21.51
CA PRO E 161 5.42 -45.16 21.59
C PRO E 161 6.38 -45.32 22.76
N CYS E 162 7.45 -44.52 22.71
CA CYS E 162 8.49 -44.53 23.72
C CYS E 162 8.40 -43.25 24.54
N ASN E 163 8.27 -43.39 25.85
CA ASN E 163 8.18 -42.23 26.75
C ASN E 163 9.54 -41.92 27.36
N GLY E 164 10.57 -41.88 26.53
CA GLY E 164 11.92 -41.64 27.00
C GLY E 164 12.65 -42.88 27.49
N VAL E 165 12.08 -44.06 27.29
CA VAL E 165 12.68 -45.31 27.76
C VAL E 165 12.88 -46.22 26.55
N LYS E 166 14.01 -46.92 26.53
CA LYS E 166 14.33 -47.84 25.46
C LYS E 166 13.55 -49.15 25.62
N GLY E 167 13.63 -49.98 24.60
CA GLY E 167 12.96 -51.26 24.63
C GLY E 167 12.55 -51.68 23.23
N PHE E 168 11.41 -52.37 23.16
CA PHE E 168 10.87 -52.86 21.89
C PHE E 168 10.67 -51.71 20.91
N ASN E 169 11.50 -51.65 19.88
CA ASN E 169 11.43 -50.61 18.86
C ASN E 169 11.51 -49.22 19.49
N CYS E 170 12.47 -49.06 20.41
CA CYS E 170 12.69 -47.79 21.11
C CYS E 170 14.20 -47.69 21.34
N TYR E 171 14.90 -47.06 20.40
CA TYR E 171 16.35 -46.99 20.42
C TYR E 171 16.82 -45.55 20.59
N PHE E 172 18.01 -45.42 21.19
CA PHE E 172 18.65 -44.13 21.31
C PHE E 172 19.11 -43.64 19.94
N PRO E 173 18.94 -42.36 19.63
CA PRO E 173 19.29 -41.87 18.27
C PRO E 173 20.77 -41.79 18.00
N LEU E 174 21.63 -41.89 19.00
CA LEU E 174 23.07 -41.74 18.82
C LEU E 174 23.77 -43.06 19.10
N GLN E 175 24.81 -43.34 18.32
CA GLN E 175 25.63 -44.54 18.46
C GLN E 175 27.09 -44.11 18.38
N SER E 176 27.97 -44.93 18.95
CA SER E 176 29.37 -44.62 19.07
C SER E 176 30.21 -45.42 18.07
N TYR E 177 31.28 -44.80 17.59
CA TYR E 177 32.31 -45.51 16.84
C TYR E 177 33.19 -46.29 17.79
N GLY E 178 33.78 -47.37 17.29
CA GLY E 178 34.74 -48.11 18.09
C GLY E 178 36.04 -47.35 18.23
N PHE E 179 36.62 -46.98 17.09
CA PHE E 179 37.87 -46.23 17.00
C PHE E 179 38.96 -46.83 17.87
N GLN E 180 39.58 -47.90 17.36
CA GLN E 180 40.70 -48.58 18.00
C GLN E 180 41.74 -48.86 16.92
N PRO E 181 43.01 -48.98 17.30
CA PRO E 181 44.07 -49.09 16.29
C PRO E 181 44.05 -50.40 15.51
N THR E 182 43.27 -51.39 15.93
CA THR E 182 43.28 -52.70 15.29
C THR E 182 42.21 -52.86 14.20
N TYR E 183 41.61 -51.77 13.75
CA TYR E 183 40.57 -51.87 12.73
C TYR E 183 41.18 -51.80 11.33
N GLY E 184 40.34 -52.11 10.34
CA GLY E 184 40.72 -51.87 8.97
C GLY E 184 40.64 -50.39 8.64
N VAL E 185 41.22 -50.03 7.50
CA VAL E 185 41.23 -48.62 7.11
C VAL E 185 39.82 -48.10 6.96
N GLY E 186 38.89 -48.94 6.51
CA GLY E 186 37.51 -48.53 6.34
C GLY E 186 36.81 -48.15 7.64
N TYR E 187 37.32 -48.61 8.78
CA TYR E 187 36.71 -48.34 10.07
C TYR E 187 37.53 -47.39 10.93
N GLN E 188 38.72 -47.01 10.49
CA GLN E 188 39.56 -46.12 11.27
C GLN E 188 39.02 -44.69 11.22
N PRO E 189 39.30 -43.88 12.24
CA PRO E 189 38.76 -42.52 12.26
C PRO E 189 39.41 -41.64 11.19
N TYR E 190 38.57 -40.83 10.55
CA TYR E 190 39.01 -39.87 9.54
C TYR E 190 38.46 -38.50 9.89
N ARG E 191 39.34 -37.50 9.92
CA ARG E 191 38.94 -36.13 10.23
C ARG E 191 38.66 -35.38 8.93
N VAL E 192 37.47 -34.79 8.83
CA VAL E 192 37.02 -34.12 7.63
C VAL E 192 36.89 -32.62 7.92
N VAL E 193 37.35 -31.81 6.99
CA VAL E 193 37.18 -30.36 7.03
C VAL E 193 36.53 -29.95 5.72
N VAL E 194 35.30 -29.44 5.78
CA VAL E 194 34.53 -29.07 4.60
C VAL E 194 34.58 -27.55 4.49
N LEU E 195 35.39 -27.05 3.57
CA LEU E 195 35.48 -25.61 3.31
C LEU E 195 34.43 -25.24 2.28
N SER E 196 33.44 -24.46 2.69
CA SER E 196 32.39 -23.99 1.80
C SER E 196 32.53 -22.49 1.60
N PHE E 197 32.38 -22.05 0.35
CA PHE E 197 32.52 -20.65 -0.02
C PHE E 197 31.16 -20.10 -0.44
N GLU E 198 30.80 -18.93 0.10
CA GLU E 198 29.62 -18.21 -0.31
C GLU E 198 30.04 -16.88 -0.94
N LEU E 199 29.34 -16.47 -1.99
CA LEU E 199 29.67 -15.26 -2.73
C LEU E 199 28.39 -14.45 -2.90
N LEU E 200 28.30 -13.35 -2.16
CA LEU E 200 27.14 -12.45 -2.24
C LEU E 200 27.49 -11.25 -3.12
N HIS E 201 26.49 -10.38 -3.32
CA HIS E 201 26.70 -9.12 -4.03
C HIS E 201 27.21 -8.06 -3.06
N ALA E 202 28.31 -8.39 -2.40
CA ALA E 202 28.88 -7.60 -1.33
C ALA E 202 30.39 -7.57 -1.47
N PRO E 203 31.07 -6.61 -0.84
CA PRO E 203 32.53 -6.61 -0.85
C PRO E 203 33.09 -7.90 -0.24
N ALA E 204 34.15 -8.41 -0.85
CA ALA E 204 34.75 -9.68 -0.44
C ALA E 204 35.81 -9.43 0.62
N THR E 205 35.71 -10.15 1.74
CA THR E 205 36.63 -10.00 2.85
C THR E 205 37.73 -11.05 2.88
N VAL E 206 37.54 -12.20 2.24
CA VAL E 206 38.51 -13.28 2.23
C VAL E 206 38.99 -13.45 0.79
N CYS E 207 40.24 -13.06 0.54
CA CYS E 207 40.83 -13.20 -0.79
C CYS E 207 41.90 -14.28 -0.80
N GLY E 208 42.97 -14.05 -1.55
CA GLY E 208 44.05 -15.01 -1.64
C GLY E 208 45.41 -14.35 -1.75
N GLN F 1 26.20 -5.96 -0.63
CA GLN F 1 25.20 -5.04 -0.14
C GLN F 1 23.86 -5.74 -0.01
N VAL F 2 23.74 -6.60 1.00
CA VAL F 2 22.49 -7.30 1.25
C VAL F 2 21.47 -6.31 1.81
N GLN F 3 20.31 -6.23 1.17
CA GLN F 3 19.26 -5.29 1.54
C GLN F 3 18.08 -6.04 2.13
N LEU F 4 17.63 -5.60 3.29
CA LEU F 4 16.45 -6.17 3.96
C LEU F 4 15.53 -5.02 4.34
N VAL F 5 14.37 -4.93 3.69
CA VAL F 5 13.44 -3.82 3.86
C VAL F 5 12.17 -4.37 4.52
N GLU F 6 11.88 -3.89 5.72
CA GLU F 6 10.66 -4.28 6.43
C GLU F 6 9.52 -3.35 6.09
N SER F 7 8.30 -3.87 6.22
CA SER F 7 7.10 -3.09 5.97
C SER F 7 5.93 -3.77 6.67
N GLY F 8 4.78 -3.10 6.64
CA GLY F 8 3.58 -3.60 7.28
C GLY F 8 3.46 -3.28 8.76
N GLY F 9 4.47 -2.65 9.36
CA GLY F 9 4.39 -2.29 10.75
C GLY F 9 3.59 -1.01 10.95
N GLY F 10 2.73 -1.01 11.96
CA GLY F 10 1.89 0.13 12.24
C GLY F 10 1.11 0.01 13.53
N VAL F 11 -0.09 0.57 13.57
CA VAL F 11 -0.95 0.54 14.74
C VAL F 11 -1.99 -0.55 14.55
N VAL F 12 -2.28 -1.28 15.63
CA VAL F 12 -3.22 -2.40 15.57
C VAL F 12 -3.77 -2.63 16.97
N GLN F 13 -5.07 -2.92 17.03
CA GLN F 13 -5.72 -3.14 18.31
C GLN F 13 -5.43 -4.55 18.83
N PRO F 14 -5.52 -4.74 20.15
CA PRO F 14 -5.30 -6.08 20.72
C PRO F 14 -6.33 -7.08 20.22
N GLY F 15 -5.86 -8.27 19.87
CA GLY F 15 -6.70 -9.32 19.34
C GLY F 15 -6.75 -9.37 17.83
N ARG F 16 -6.42 -8.28 17.14
CA ARG F 16 -6.44 -8.25 15.68
C ARG F 16 -5.17 -8.90 15.15
N SER F 17 -4.98 -8.84 13.83
CA SER F 17 -3.83 -9.46 13.19
C SER F 17 -3.10 -8.44 12.34
N LEU F 18 -1.82 -8.71 12.09
CA LEU F 18 -0.99 -7.86 11.25
C LEU F 18 -0.01 -8.74 10.50
N ARG F 19 0.39 -8.31 9.31
CA ARG F 19 1.23 -9.10 8.43
C ARG F 19 2.45 -8.25 8.06
N LEU F 20 3.63 -8.71 8.49
CA LEU F 20 4.88 -8.05 8.16
C LEU F 20 5.52 -8.68 6.92
N SER F 21 6.39 -7.91 6.28
CA SER F 21 7.05 -8.36 5.06
C SER F 21 8.49 -7.89 5.08
N CYS F 22 9.37 -8.71 4.50
CA CYS F 22 10.79 -8.42 4.40
C CYS F 22 11.23 -8.68 2.97
N ALA F 23 11.71 -7.63 2.29
CA ALA F 23 12.10 -7.70 0.89
C ALA F 23 13.62 -7.82 0.82
N ALA F 24 14.10 -9.01 0.48
CA ALA F 24 15.53 -9.27 0.40
C ALA F 24 16.05 -8.99 -1.00
N SER F 25 17.31 -8.54 -1.06
CA SER F 25 17.96 -8.26 -2.33
C SER F 25 19.46 -8.39 -2.16
N GLY F 26 20.15 -8.72 -3.26
CA GLY F 26 21.59 -8.83 -3.26
C GLY F 26 22.14 -10.20 -2.93
N PHE F 27 21.31 -11.24 -2.94
CA PHE F 27 21.77 -12.61 -2.68
C PHE F 27 20.64 -13.57 -3.04
N THR F 28 21.03 -14.82 -3.29
CA THR F 28 20.06 -15.86 -3.63
C THR F 28 19.13 -16.12 -2.46
N PHE F 29 17.96 -15.47 -2.47
CA PHE F 29 17.03 -15.60 -1.35
C PHE F 29 16.48 -17.01 -1.23
N SER F 30 16.32 -17.72 -2.34
CA SER F 30 15.76 -19.07 -2.31
C SER F 30 16.64 -20.07 -1.60
N THR F 31 17.94 -19.80 -1.48
CA THR F 31 18.86 -20.74 -0.85
C THR F 31 19.07 -20.47 0.64
N TYR F 32 18.94 -19.22 1.07
CA TYR F 32 19.25 -18.86 2.44
C TYR F 32 18.04 -19.05 3.35
N ALA F 33 18.32 -19.12 4.65
CA ALA F 33 17.29 -19.14 5.69
C ALA F 33 17.04 -17.73 6.19
N MET F 34 15.89 -17.54 6.84
CA MET F 34 15.46 -16.22 7.26
C MET F 34 15.02 -16.22 8.71
N HIS F 35 15.26 -15.09 9.37
CA HIS F 35 14.96 -14.91 10.79
C HIS F 35 14.00 -13.75 11.00
N TRP F 36 13.43 -13.70 12.21
CA TRP F 36 12.67 -12.56 12.69
C TRP F 36 13.10 -12.26 14.11
N VAL F 37 13.45 -11.00 14.37
CA VAL F 37 13.87 -10.53 15.68
C VAL F 37 13.04 -9.30 16.06
N ARG F 38 12.68 -9.20 17.34
CA ARG F 38 11.98 -8.03 17.84
C ARG F 38 12.64 -7.53 19.11
N GLN F 39 12.34 -6.28 19.46
CA GLN F 39 12.89 -5.68 20.67
C GLN F 39 11.84 -4.73 21.22
N ALA F 40 11.27 -5.07 22.38
CA ALA F 40 10.27 -4.23 23.00
C ALA F 40 10.90 -2.92 23.48
N PRO F 41 10.10 -1.86 23.60
CA PRO F 41 10.65 -0.59 24.08
C PRO F 41 11.27 -0.72 25.47
N GLY F 42 12.53 -0.33 25.58
CA GLY F 42 13.25 -0.41 26.83
C GLY F 42 13.66 -1.80 27.25
N LYS F 43 13.45 -2.81 26.41
CA LYS F 43 13.76 -4.19 26.72
C LYS F 43 14.90 -4.68 25.85
N GLY F 44 15.26 -5.94 26.04
CA GLY F 44 16.33 -6.56 25.28
C GLY F 44 15.82 -7.24 24.02
N LEU F 45 16.77 -7.83 23.29
CA LEU F 45 16.46 -8.53 22.06
C LEU F 45 15.84 -9.89 22.36
N GLU F 46 14.98 -10.35 21.44
CA GLU F 46 14.31 -11.63 21.60
C GLU F 46 14.13 -12.28 20.24
N TRP F 47 14.68 -13.48 20.07
CA TRP F 47 14.50 -14.21 18.83
C TRP F 47 13.07 -14.71 18.71
N VAL F 48 12.47 -14.51 17.53
CA VAL F 48 11.04 -14.81 17.34
C VAL F 48 10.86 -16.11 16.56
N ALA F 49 11.29 -16.13 15.30
CA ALA F 49 11.04 -17.29 14.46
C ALA F 49 12.12 -17.39 13.38
N VAL F 50 12.16 -18.55 12.73
CA VAL F 50 13.12 -18.81 11.66
C VAL F 50 12.50 -19.79 10.67
N LEU F 51 12.86 -19.63 9.40
CA LEU F 51 12.37 -20.48 8.32
C LEU F 51 13.54 -21.14 7.61
N SER F 52 13.27 -22.28 6.98
CA SER F 52 14.27 -22.98 6.20
C SER F 52 14.38 -22.34 4.81
N TYR F 53 15.27 -22.88 3.97
CA TYR F 53 15.53 -22.26 2.67
C TYR F 53 14.31 -22.37 1.76
N ASP F 54 13.63 -23.51 1.77
CA ASP F 54 12.43 -23.70 0.94
C ASP F 54 11.15 -23.58 1.74
N GLY F 55 11.22 -23.04 2.95
CA GLY F 55 10.03 -22.80 3.76
C GLY F 55 9.28 -24.04 4.19
N SER F 56 9.97 -25.17 4.35
CA SER F 56 9.31 -26.41 4.74
C SER F 56 9.41 -26.70 6.23
N ASN F 57 10.39 -26.13 6.92
CA ASN F 57 10.54 -26.28 8.37
C ASN F 57 10.53 -24.91 9.02
N LYS F 58 9.70 -24.75 10.05
CA LYS F 58 9.59 -23.49 10.77
C LYS F 58 9.81 -23.73 12.26
N TYR F 59 10.48 -22.79 12.91
CA TYR F 59 10.75 -22.88 14.34
C TYR F 59 10.51 -21.52 14.97
N TYR F 60 9.68 -21.50 16.02
CA TYR F 60 9.25 -20.27 16.68
C TYR F 60 9.75 -20.26 18.12
N ALA F 61 9.40 -19.20 18.83
CA ALA F 61 9.62 -19.08 20.26
C ALA F 61 8.33 -19.38 21.00
N ASP F 62 8.46 -19.79 22.26
CA ASP F 62 7.28 -20.13 23.05
C ASP F 62 6.35 -18.93 23.22
N SER F 63 6.91 -17.71 23.22
CA SER F 63 6.10 -16.52 23.38
C SER F 63 5.20 -16.26 22.18
N VAL F 64 5.55 -16.76 21.01
CA VAL F 64 4.78 -16.55 19.79
C VAL F 64 4.35 -17.87 19.16
N LYS F 65 4.61 -18.99 19.83
CA LYS F 65 4.23 -20.29 19.31
C LYS F 65 2.71 -20.39 19.22
N GLY F 66 2.22 -20.95 18.12
CA GLY F 66 0.79 -21.06 17.88
C GLY F 66 0.08 -19.75 17.65
N ARG F 67 0.77 -18.62 17.78
CA ARG F 67 0.19 -17.29 17.61
C ARG F 67 0.77 -16.55 16.42
N PHE F 68 2.04 -16.76 16.11
CA PHE F 68 2.67 -16.22 14.91
C PHE F 68 2.87 -17.34 13.89
N THR F 69 2.97 -16.95 12.63
CA THR F 69 3.21 -17.89 11.54
C THR F 69 4.15 -17.24 10.54
N ILE F 70 5.30 -17.87 10.30
CA ILE F 70 6.29 -17.36 9.37
C ILE F 70 6.16 -18.12 8.06
N SER F 71 6.17 -17.38 6.95
CA SER F 71 6.09 -17.98 5.63
C SER F 71 7.00 -17.19 4.70
N ARG F 72 7.22 -17.74 3.50
CA ARG F 72 8.08 -17.07 2.54
C ARG F 72 7.61 -17.40 1.13
N ASP F 73 7.95 -16.51 0.20
CA ASP F 73 7.62 -16.65 -1.21
C ASP F 73 8.89 -16.39 -2.00
N ASN F 74 9.59 -17.45 -2.38
CA ASN F 74 10.87 -17.32 -3.07
C ASN F 74 10.73 -16.68 -4.45
N SER F 75 9.56 -16.80 -5.09
CA SER F 75 9.37 -16.17 -6.38
C SER F 75 9.38 -14.65 -6.26
N LYS F 76 8.83 -14.11 -5.19
CA LYS F 76 8.82 -12.68 -4.95
C LYS F 76 9.98 -12.19 -4.11
N ASN F 77 10.83 -13.10 -3.62
CA ASN F 77 11.97 -12.76 -2.77
C ASN F 77 11.54 -11.97 -1.54
N THR F 78 10.47 -12.43 -0.89
CA THR F 78 9.92 -11.77 0.28
C THR F 78 9.75 -12.76 1.42
N LEU F 79 9.91 -12.25 2.64
CA LEU F 79 9.74 -13.01 3.86
C LEU F 79 8.52 -12.48 4.62
N TYR F 80 7.68 -13.39 5.11
CA TYR F 80 6.44 -13.00 5.76
C TYR F 80 6.46 -13.40 7.23
N LEU F 81 5.63 -12.72 8.01
CA LEU F 81 5.42 -13.06 9.42
C LEU F 81 3.99 -12.69 9.78
N GLN F 82 3.10 -13.68 9.73
CA GLN F 82 1.70 -13.46 10.07
C GLN F 82 1.56 -13.44 11.59
N MET F 83 1.13 -12.31 12.14
CA MET F 83 0.98 -12.14 13.59
C MET F 83 -0.50 -12.07 13.91
N ASN F 84 -1.00 -13.12 14.55
CA ASN F 84 -2.40 -13.19 14.96
C ASN F 84 -2.52 -13.04 16.47
N SER F 85 -3.63 -12.45 16.91
CA SER F 85 -3.94 -12.29 18.34
C SER F 85 -2.81 -11.55 19.06
N LEU F 86 -2.68 -10.27 18.71
CA LEU F 86 -1.60 -9.46 19.23
C LEU F 86 -1.95 -8.90 20.60
N ARG F 87 -0.96 -8.85 21.49
CA ARG F 87 -1.08 -8.26 22.82
C ARG F 87 -0.10 -7.09 22.94
N ALA F 88 -0.04 -6.51 24.15
CA ALA F 88 0.82 -5.35 24.35
C ALA F 88 2.30 -5.72 24.29
N GLU F 89 2.65 -6.98 24.57
CA GLU F 89 4.04 -7.39 24.54
C GLU F 89 4.61 -7.37 23.13
N ASP F 90 3.76 -7.62 22.13
CA ASP F 90 4.21 -7.65 20.76
C ASP F 90 4.64 -6.28 20.24
N THR F 91 4.30 -5.21 20.95
CA THR F 91 4.78 -3.88 20.57
C THR F 91 6.30 -3.86 20.61
N ALA F 92 6.93 -3.81 19.45
CA ALA F 92 8.38 -3.87 19.35
C ALA F 92 8.80 -3.44 17.95
N VAL F 93 10.11 -3.34 17.75
CA VAL F 93 10.69 -3.08 16.45
C VAL F 93 11.08 -4.43 15.87
N TYR F 94 10.45 -4.82 14.77
CA TYR F 94 10.64 -6.14 14.18
C TYR F 94 11.67 -6.06 13.05
N TYR F 95 12.74 -6.85 13.18
CA TYR F 95 13.77 -6.98 12.16
C TYR F 95 13.71 -8.36 11.52
N CYS F 96 14.08 -8.42 10.25
CA CYS F 96 14.38 -9.69 9.60
C CYS F 96 15.89 -9.83 9.47
N ALA F 97 16.36 -11.08 9.52
CA ALA F 97 17.78 -11.35 9.51
C ALA F 97 18.09 -12.50 8.57
N LYS F 98 19.23 -12.38 7.87
CA LYS F 98 19.70 -13.43 6.99
C LYS F 98 20.24 -14.61 7.79
N GLY F 99 19.89 -15.80 7.38
CA GLY F 99 20.34 -17.00 8.03
C GLY F 99 21.61 -17.55 7.44
N GLY F 100 21.78 -18.86 7.57
CA GLY F 100 22.98 -19.54 7.13
C GLY F 100 22.93 -19.89 5.66
N SER F 101 23.96 -20.62 5.23
CA SER F 101 24.11 -20.99 3.83
C SER F 101 22.84 -21.63 3.29
N TYR F 102 22.34 -22.66 3.97
CA TYR F 102 21.14 -23.35 3.52
C TYR F 102 20.14 -23.50 4.66
N ALA F 103 20.19 -24.64 5.35
CA ALA F 103 19.34 -24.85 6.52
C ALA F 103 20.11 -24.63 7.82
N TYR F 104 21.12 -23.78 7.80
CA TYR F 104 21.92 -23.51 8.98
C TYR F 104 21.37 -22.25 9.67
N TYR F 105 20.23 -22.44 10.33
CA TYR F 105 19.48 -21.33 10.89
C TYR F 105 20.24 -20.58 11.98
N TYR F 106 21.37 -21.10 12.43
CA TYR F 106 22.07 -20.53 13.60
C TYR F 106 22.79 -19.23 13.30
N TYR F 107 22.68 -18.62 12.13
CA TYR F 107 23.38 -17.39 11.82
C TYR F 107 22.39 -16.24 11.65
N MET F 108 22.87 -15.01 11.94
CA MET F 108 22.16 -13.77 11.64
C MET F 108 23.18 -12.78 11.07
N ASP F 109 23.58 -13.02 9.82
CA ASP F 109 24.69 -12.27 9.23
C ASP F 109 24.33 -10.80 9.02
N VAL F 110 23.10 -10.53 8.57
CA VAL F 110 22.69 -9.18 8.21
C VAL F 110 21.31 -8.92 8.81
N TRP F 111 21.15 -7.76 9.44
CA TRP F 111 19.87 -7.30 9.98
C TRP F 111 19.34 -6.14 9.14
N GLY F 112 18.01 -6.04 9.08
CA GLY F 112 17.37 -4.93 8.40
C GLY F 112 17.30 -3.69 9.26
N LYS F 113 16.71 -2.63 8.69
CA LYS F 113 16.52 -1.40 9.45
C LYS F 113 15.41 -1.54 10.48
N GLY F 114 14.38 -2.35 10.18
CA GLY F 114 13.32 -2.63 11.14
C GLY F 114 12.10 -1.74 11.05
N THR F 115 10.93 -2.34 11.08
CA THR F 115 9.65 -1.62 11.14
C THR F 115 9.07 -1.73 12.55
N THR F 116 8.23 -0.76 12.90
CA THR F 116 7.68 -0.65 14.24
C THR F 116 6.23 -1.09 14.25
N VAL F 117 5.87 -1.92 15.23
CA VAL F 117 4.50 -2.40 15.43
C VAL F 117 4.04 -1.96 16.81
N THR F 118 2.89 -1.29 16.86
CA THR F 118 2.33 -0.78 18.11
C THR F 118 0.96 -1.40 18.34
N VAL F 119 0.82 -2.18 19.41
CA VAL F 119 -0.41 -2.88 19.73
C VAL F 119 -1.00 -2.24 20.99
N SER F 120 -2.10 -1.52 20.83
CA SER F 120 -2.77 -0.89 21.96
C SER F 120 -4.22 -0.64 21.59
N SER F 121 -5.09 -0.68 22.60
CA SER F 121 -6.51 -0.47 22.35
C SER F 121 -6.90 1.00 22.37
N ALA F 122 -6.13 1.84 23.06
CA ALA F 122 -6.45 3.27 23.12
C ALA F 122 -6.37 3.90 21.74
N SER F 123 -7.26 4.86 21.48
CA SER F 123 -7.28 5.57 20.22
C SER F 123 -6.46 6.86 20.32
N THR F 124 -6.29 7.51 19.18
CA THR F 124 -5.52 8.75 19.11
C THR F 124 -6.17 9.84 19.95
N LYS F 125 -5.40 10.43 20.86
CA LYS F 125 -5.90 11.50 21.72
C LYS F 125 -4.81 12.54 21.93
N GLY F 126 -5.21 13.81 21.92
CA GLY F 126 -4.30 14.90 22.11
C GLY F 126 -3.85 15.04 23.56
N PRO F 127 -2.62 15.52 23.77
CA PRO F 127 -2.08 15.62 25.13
C PRO F 127 -2.60 16.85 25.86
N SER F 128 -2.80 16.68 27.16
CA SER F 128 -3.08 17.80 28.06
C SER F 128 -1.76 18.30 28.63
N VAL F 129 -1.54 19.61 28.55
CA VAL F 129 -0.27 20.22 28.97
C VAL F 129 -0.55 21.00 30.25
N PHE F 130 0.05 20.55 31.37
CA PHE F 130 -0.08 21.20 32.67
C PHE F 130 1.26 21.77 33.11
N PRO F 131 1.25 22.95 33.73
CA PRO F 131 2.52 23.59 34.08
C PRO F 131 3.09 23.09 35.39
N LEU F 132 4.40 22.88 35.40
CA LEU F 132 5.15 22.57 36.62
C LEU F 132 5.73 23.89 37.11
N ALA F 133 5.02 24.55 38.01
CA ALA F 133 5.34 25.90 38.46
C ALA F 133 6.52 25.87 39.44
N PRO F 134 7.42 26.86 39.37
CA PRO F 134 8.57 26.95 40.28
C PRO F 134 8.18 27.39 41.69
N GLY F 141 16.55 28.43 47.16
CA GLY F 141 17.72 28.04 46.40
C GLY F 141 18.19 29.12 45.45
N GLY F 142 19.39 28.93 44.89
CA GLY F 142 19.92 29.91 43.95
C GLY F 142 19.34 29.80 42.55
N THR F 143 19.00 28.59 42.12
CA THR F 143 18.37 28.37 40.82
C THR F 143 17.07 27.61 41.01
N ALA F 144 16.09 27.92 40.17
CA ALA F 144 14.78 27.29 40.22
C ALA F 144 14.59 26.39 39.00
N ALA F 145 13.67 25.44 39.14
CA ALA F 145 13.36 24.49 38.08
C ALA F 145 11.86 24.52 37.79
N LEU F 146 11.52 24.59 36.51
CA LEU F 146 10.13 24.56 36.07
C LEU F 146 10.01 23.65 34.86
N GLY F 147 8.78 23.22 34.57
CA GLY F 147 8.58 22.32 33.47
C GLY F 147 7.13 22.25 33.04
N CYS F 148 6.85 21.28 32.17
CA CYS F 148 5.52 21.05 31.62
C CYS F 148 5.20 19.56 31.69
N LEU F 149 3.99 19.24 32.12
CA LEU F 149 3.52 17.86 32.19
C LEU F 149 2.67 17.55 30.96
N VAL F 150 3.18 16.67 30.11
CA VAL F 150 2.49 16.23 28.90
C VAL F 150 1.83 14.89 29.23
N LYS F 151 0.54 14.93 29.57
CA LYS F 151 -0.17 13.78 30.12
C LYS F 151 -1.27 13.32 29.18
N ASP F 152 -1.46 12.00 29.10
CA ASP F 152 -2.61 11.37 28.46
C ASP F 152 -2.67 11.72 26.97
N TYR F 153 -1.75 11.11 26.23
CA TYR F 153 -1.74 11.22 24.77
C TYR F 153 -1.44 9.86 24.18
N PHE F 154 -1.73 9.72 22.89
CA PHE F 154 -1.50 8.49 22.15
C PHE F 154 -1.61 8.76 20.65
N PRO F 155 -0.72 8.18 19.82
CA PRO F 155 0.44 7.39 20.24
C PRO F 155 1.72 8.21 20.28
N GLU F 156 2.85 7.52 20.37
CA GLU F 156 4.14 8.19 20.35
C GLU F 156 4.43 8.75 18.96
N PRO F 157 5.27 9.78 18.87
CA PRO F 157 5.89 10.55 19.95
C PRO F 157 5.41 11.99 20.01
N VAL F 158 5.85 12.72 21.04
CA VAL F 158 5.63 14.16 21.15
C VAL F 158 6.98 14.86 21.18
N THR F 159 6.99 16.12 20.79
CA THR F 159 8.19 16.95 20.79
C THR F 159 7.93 18.19 21.62
N VAL F 160 8.87 18.52 22.50
CA VAL F 160 8.75 19.66 23.40
C VAL F 160 9.97 20.56 23.20
N SER F 161 9.73 21.85 23.00
CA SER F 161 10.77 22.87 22.97
C SER F 161 10.37 24.01 23.89
N TRP F 162 11.34 24.85 24.22
CA TRP F 162 11.14 25.95 25.17
C TRP F 162 11.45 27.27 24.49
N ASN F 163 10.52 28.22 24.59
CA ASN F 163 10.64 29.54 23.98
C ASN F 163 10.89 29.44 22.48
N SER F 164 10.20 28.49 21.83
CA SER F 164 10.30 28.27 20.39
C SER F 164 11.73 27.99 19.94
N GLY F 165 12.51 27.36 20.82
CA GLY F 165 13.89 27.00 20.52
C GLY F 165 14.94 27.93 21.09
N ALA F 166 14.54 29.03 21.73
CA ALA F 166 15.52 29.95 22.29
C ALA F 166 16.18 29.38 23.55
N LEU F 167 15.39 28.75 24.41
CA LEU F 167 15.90 28.17 25.65
C LEU F 167 16.26 26.72 25.42
N THR F 168 17.57 26.43 25.39
CA THR F 168 18.07 25.07 25.21
C THR F 168 18.98 24.61 26.34
N SER F 169 19.65 25.52 27.03
CA SER F 169 20.56 25.13 28.11
C SER F 169 19.78 24.71 29.35
N GLY F 170 20.14 23.56 29.91
CA GLY F 170 19.52 23.07 31.12
C GLY F 170 18.17 22.41 30.92
N VAL F 171 17.77 22.13 29.69
CA VAL F 171 16.47 21.51 29.42
C VAL F 171 16.65 19.99 29.47
N HIS F 172 15.74 19.32 30.18
CA HIS F 172 15.73 17.86 30.27
C HIS F 172 14.31 17.38 29.96
N THR F 173 14.12 16.85 28.76
CA THR F 173 12.84 16.27 28.34
C THR F 173 12.91 14.76 28.53
N PHE F 174 12.14 14.24 29.50
CA PHE F 174 12.18 12.84 29.85
C PHE F 174 11.42 12.00 28.82
N PRO F 175 11.89 10.79 28.54
CA PRO F 175 11.10 9.89 27.69
C PRO F 175 9.79 9.52 28.37
N ALA F 176 8.79 9.18 27.56
CA ALA F 176 7.45 8.97 28.06
C ALA F 176 7.33 7.61 28.73
N VAL F 177 6.42 7.54 29.71
CA VAL F 177 6.05 6.30 30.37
C VAL F 177 4.66 5.88 29.92
N LEU F 178 4.44 4.58 29.83
CA LEU F 178 3.14 4.04 29.42
C LEU F 178 2.30 3.75 30.66
N GLN F 179 1.23 4.51 30.83
CA GLN F 179 0.36 4.33 31.99
C GLN F 179 -0.50 3.09 31.82
N SER F 180 -1.09 2.65 32.94
CA SER F 180 -1.94 1.47 32.93
C SER F 180 -3.25 1.68 32.18
N SER F 181 -3.56 2.92 31.78
CA SER F 181 -4.76 3.20 30.99
C SER F 181 -4.54 3.03 29.50
N GLY F 182 -3.30 2.84 29.05
CA GLY F 182 -2.97 2.77 27.65
C GLY F 182 -2.45 4.07 27.06
N LEU F 183 -2.47 5.16 27.83
CA LEU F 183 -1.98 6.45 27.37
C LEU F 183 -0.58 6.72 27.90
N TYR F 184 0.10 7.65 27.24
CA TYR F 184 1.47 8.02 27.60
C TYR F 184 1.49 9.33 28.38
N SER F 185 2.46 9.44 29.29
CA SER F 185 2.72 10.66 30.02
C SER F 185 4.19 11.04 29.85
N LEU F 186 4.45 12.34 29.79
CA LEU F 186 5.80 12.83 29.54
C LEU F 186 6.00 14.14 30.30
N SER F 187 7.23 14.38 30.70
CA SER F 187 7.60 15.60 31.41
C SER F 187 8.88 16.19 30.82
N SER F 188 8.92 17.51 30.69
CA SER F 188 10.10 18.21 30.23
C SER F 188 10.31 19.42 31.14
N VAL F 189 11.50 19.52 31.74
CA VAL F 189 11.80 20.56 32.70
C VAL F 189 13.03 21.34 32.24
N VAL F 190 13.24 22.51 32.87
CA VAL F 190 14.41 23.34 32.61
C VAL F 190 14.76 24.10 33.88
N THR F 191 16.06 24.16 34.19
CA THR F 191 16.56 24.88 35.35
C THR F 191 16.99 26.28 34.91
N VAL F 192 16.42 27.30 35.56
CA VAL F 192 16.67 28.69 35.22
C VAL F 192 17.08 29.44 36.49
N PRO F 193 17.84 30.52 36.39
CA PRO F 193 18.17 31.30 37.58
C PRO F 193 16.94 31.96 38.18
N SER F 194 16.97 32.14 39.50
CA SER F 194 15.81 32.69 40.21
C SER F 194 15.62 34.17 39.94
N SER F 195 16.67 34.89 39.54
CA SER F 195 16.53 36.33 39.32
C SER F 195 15.71 36.65 38.09
N SER F 196 15.72 35.76 37.09
CA SER F 196 15.00 35.98 35.84
C SER F 196 13.61 35.36 35.83
N LEU F 197 13.09 34.95 36.99
CA LEU F 197 11.77 34.33 37.03
C LEU F 197 10.65 35.34 36.80
N GLY F 198 10.89 36.62 37.05
CA GLY F 198 9.86 37.64 36.88
C GLY F 198 10.07 38.52 35.67
N THR F 199 11.22 38.41 35.01
CA THR F 199 11.54 39.23 33.84
C THR F 199 11.85 38.38 32.62
N GLN F 200 11.42 37.12 32.61
CA GLN F 200 11.62 36.25 31.47
C GLN F 200 10.52 35.21 31.48
N THR F 201 9.66 35.24 30.47
CA THR F 201 8.54 34.31 30.39
C THR F 201 8.97 33.05 29.64
N TYR F 202 8.59 31.90 30.19
CA TYR F 202 8.94 30.61 29.63
C TYR F 202 7.68 29.92 29.11
N ILE F 203 7.74 29.43 27.87
CA ILE F 203 6.64 28.71 27.25
C ILE F 203 7.19 27.43 26.66
N CYS F 204 6.52 26.31 26.94
CA CYS F 204 6.87 25.01 26.37
C CYS F 204 5.98 24.75 25.15
N ASN F 205 6.60 24.28 24.06
CA ASN F 205 5.91 24.06 22.80
C ASN F 205 5.75 22.55 22.61
N VAL F 206 4.58 22.04 22.94
CA VAL F 206 4.30 20.62 22.79
C VAL F 206 3.64 20.40 21.44
N ASN F 207 4.21 19.50 20.64
CA ASN F 207 3.71 19.19 19.31
C ASN F 207 3.45 17.69 19.20
N HIS F 208 2.23 17.33 18.82
CA HIS F 208 1.81 15.93 18.71
C HIS F 208 1.24 15.73 17.30
N LYS F 209 2.10 15.31 16.37
CA LYS F 209 1.68 15.12 14.99
C LYS F 209 0.56 14.09 14.80
N PRO F 210 0.56 12.92 15.47
CA PRO F 210 -0.53 11.96 15.23
C PRO F 210 -1.91 12.52 15.47
N SER F 211 -2.07 13.44 16.42
CA SER F 211 -3.35 14.08 16.69
C SER F 211 -3.41 15.50 16.15
N ASN F 212 -2.36 15.96 15.47
CA ASN F 212 -2.28 17.31 14.92
C ASN F 212 -2.49 18.35 16.03
N THR F 213 -1.81 18.15 17.15
CA THR F 213 -1.95 18.99 18.33
C THR F 213 -0.68 19.80 18.54
N LYS F 214 -0.83 21.11 18.67
CA LYS F 214 0.25 22.02 19.00
C LYS F 214 -0.22 22.93 20.12
N VAL F 215 0.39 22.80 21.29
CA VAL F 215 -0.02 23.54 22.49
C VAL F 215 1.17 24.34 22.99
N ASP F 216 0.96 25.63 23.22
CA ASP F 216 1.96 26.51 23.83
C ASP F 216 1.45 26.91 25.21
N LYS F 217 2.10 26.41 26.24
CA LYS F 217 1.66 26.60 27.62
C LYS F 217 2.63 27.53 28.34
N LYS F 218 2.08 28.54 29.02
CA LYS F 218 2.88 29.52 29.75
C LYS F 218 3.01 29.07 31.19
N VAL F 219 4.23 28.86 31.66
CA VAL F 219 4.51 28.43 33.02
C VAL F 219 4.80 29.67 33.87
N GLU F 220 4.01 29.87 34.92
CA GLU F 220 4.14 31.02 35.80
C GLU F 220 4.37 30.57 37.24
N PRO F 221 5.01 31.39 38.07
CA PRO F 221 5.13 31.05 39.48
C PRO F 221 3.82 31.29 40.22
N LYS F 222 3.73 30.73 41.42
CA LYS F 222 2.53 30.88 42.24
C LYS F 222 2.85 31.60 43.54
N ASP G 1 16.12 -24.59 27.22
CA ASP G 1 16.77 -23.48 26.53
C ASP G 1 18.13 -23.19 27.14
N ILE G 2 18.97 -22.49 26.38
CA ILE G 2 20.28 -22.05 26.87
C ILE G 2 20.14 -20.63 27.38
N GLN G 3 20.55 -20.41 28.63
CA GLN G 3 20.43 -19.11 29.27
C GLN G 3 21.80 -18.46 29.39
N LEU G 4 21.84 -17.15 29.24
CA LEU G 4 23.08 -16.38 29.30
C LEU G 4 23.00 -15.35 30.43
N THR G 5 24.10 -15.20 31.16
CA THR G 5 24.17 -14.30 32.32
C THR G 5 25.32 -13.33 32.13
N GLN G 6 25.01 -12.05 31.98
CA GLN G 6 26.02 -11.01 31.88
C GLN G 6 26.30 -10.41 33.26
N SER G 7 27.54 -9.96 33.45
CA SER G 7 27.94 -9.33 34.67
C SER G 7 29.01 -8.31 34.31
N PRO G 8 28.88 -7.06 34.79
CA PRO G 8 27.76 -6.62 35.60
C PRO G 8 26.59 -6.15 34.75
N SER G 9 25.47 -5.80 35.39
CA SER G 9 24.36 -5.23 34.64
C SER G 9 24.72 -3.85 34.09
N SER G 10 25.52 -3.09 34.84
CA SER G 10 26.00 -1.80 34.38
C SER G 10 27.29 -1.47 35.12
N LEU G 11 28.17 -0.73 34.45
CA LEU G 11 29.45 -0.35 35.02
C LEU G 11 29.82 1.05 34.55
N SER G 12 30.83 1.62 35.20
CA SER G 12 31.37 2.93 34.85
C SER G 12 32.89 2.85 34.82
N ALA G 13 33.48 3.41 33.78
CA ALA G 13 34.93 3.43 33.63
C ALA G 13 35.35 4.72 32.95
N SER G 14 36.55 5.20 33.29
CA SER G 14 37.07 6.42 32.71
C SER G 14 37.56 6.16 31.29
N VAL G 15 37.81 7.26 30.57
CA VAL G 15 38.32 7.17 29.20
C VAL G 15 39.73 6.60 29.24
N GLY G 16 39.97 5.56 28.44
CA GLY G 16 41.25 4.88 28.42
C GLY G 16 41.36 3.70 29.36
N ASP G 17 40.43 3.54 30.29
CA ASP G 17 40.47 2.42 31.21
C ASP G 17 40.14 1.11 30.50
N ARG G 18 40.52 0.01 31.15
CA ARG G 18 40.25 -1.32 30.62
C ARG G 18 38.90 -1.80 31.14
N VAL G 19 37.98 -2.08 30.22
CA VAL G 19 36.63 -2.53 30.55
C VAL G 19 36.50 -3.98 30.14
N THR G 20 36.09 -4.83 31.08
CA THR G 20 35.95 -6.26 30.83
C THR G 20 34.64 -6.73 31.43
N ILE G 21 33.75 -7.25 30.58
CA ILE G 21 32.47 -7.80 31.01
C ILE G 21 32.45 -9.30 30.67
N THR G 22 31.62 -10.03 31.41
CA THR G 22 31.55 -11.47 31.31
C THR G 22 30.19 -11.92 30.82
N CYS G 23 30.15 -13.13 30.26
CA CYS G 23 28.93 -13.73 29.74
C CYS G 23 29.01 -15.22 30.03
N GLN G 24 28.17 -15.71 30.93
CA GLN G 24 28.15 -17.12 31.31
C GLN G 24 27.01 -17.83 30.61
N ALA G 25 27.28 -19.04 30.11
CA ALA G 25 26.29 -19.85 29.42
C ALA G 25 25.78 -20.96 30.33
N SER G 26 24.51 -21.31 30.16
CA SER G 26 23.92 -22.34 31.00
C SER G 26 24.47 -23.72 30.69
N GLN G 27 25.04 -23.90 29.50
CA GLN G 27 25.65 -25.17 29.12
C GLN G 27 26.69 -24.88 28.05
N ASP G 28 27.45 -25.92 27.68
CA ASP G 28 28.53 -25.77 26.73
C ASP G 28 27.98 -25.33 25.38
N ILE G 29 28.50 -24.21 24.86
CA ILE G 29 28.11 -23.68 23.57
C ILE G 29 29.31 -23.54 22.63
N SER G 30 30.38 -24.29 22.89
CA SER G 30 31.62 -24.20 22.12
C SER G 30 32.11 -22.76 22.06
N ASN G 31 32.09 -22.16 20.88
CA ASN G 31 32.49 -20.77 20.68
C ASN G 31 31.45 -20.00 19.87
N TYR G 32 30.20 -20.43 19.94
CA TYR G 32 29.10 -19.77 19.23
C TYR G 32 28.54 -18.65 20.12
N LEU G 33 29.36 -17.64 20.35
CA LEU G 33 28.93 -16.50 21.16
C LEU G 33 29.20 -15.21 20.41
N ASN G 34 28.17 -14.37 20.29
CA ASN G 34 28.25 -13.08 19.63
C ASN G 34 28.22 -11.97 20.66
N TRP G 35 28.81 -10.83 20.31
CA TRP G 35 28.79 -9.63 21.12
C TRP G 35 28.25 -8.47 20.28
N TYR G 36 27.12 -7.91 20.69
CA TYR G 36 26.47 -6.83 19.98
C TYR G 36 26.65 -5.52 20.73
N GLN G 37 26.83 -4.42 19.99
CA GLN G 37 26.79 -3.08 20.53
C GLN G 37 25.54 -2.39 20.02
N GLN G 38 24.78 -1.77 20.93
CA GLN G 38 23.53 -1.10 20.55
C GLN G 38 23.46 0.26 21.26
N LYS G 39 23.63 1.33 20.49
CA LYS G 39 23.40 2.67 21.00
C LYS G 39 21.90 2.98 21.03
N PRO G 40 21.45 3.84 21.94
CA PRO G 40 20.01 4.10 22.07
C PRO G 40 19.43 4.72 20.81
N GLY G 41 18.35 4.11 20.30
CA GLY G 41 17.72 4.54 19.07
C GLY G 41 18.17 3.71 17.88
N LYS G 42 19.45 3.37 17.83
CA LYS G 42 19.98 2.57 16.74
C LYS G 42 19.65 1.10 16.93
N ALA G 43 19.98 0.31 15.91
CA ALA G 43 19.85 -1.14 15.96
C ALA G 43 21.15 -1.74 16.50
N PRO G 44 21.10 -2.99 16.99
CA PRO G 44 22.34 -3.61 17.51
C PRO G 44 23.33 -3.88 16.40
N LYS G 45 24.59 -3.54 16.67
CA LYS G 45 25.70 -3.76 15.75
C LYS G 45 26.58 -4.87 16.29
N LEU G 46 26.89 -5.84 15.43
CA LEU G 46 27.74 -6.96 15.84
C LEU G 46 29.19 -6.52 15.86
N LEU G 47 29.87 -6.77 16.97
CA LEU G 47 31.28 -6.46 17.13
C LEU G 47 32.18 -7.68 17.15
N ILE G 48 31.75 -8.75 17.84
CA ILE G 48 32.55 -9.96 17.99
C ILE G 48 31.70 -11.15 17.55
N TYR G 49 32.25 -11.94 16.63
CA TYR G 49 31.63 -13.19 16.21
C TYR G 49 32.58 -14.35 16.49
N ASP G 50 32.00 -15.52 16.77
CA ASP G 50 32.76 -16.71 17.16
C ASP G 50 33.65 -16.42 18.38
N ALA G 51 33.07 -15.71 19.35
CA ALA G 51 33.67 -15.45 20.66
C ALA G 51 34.92 -14.57 20.62
N SER G 52 35.77 -14.77 19.61
CA SER G 52 37.09 -14.14 19.58
C SER G 52 37.32 -13.21 18.40
N ASN G 53 36.67 -13.44 17.25
CA ASN G 53 37.00 -12.72 16.04
C ASN G 53 36.27 -11.38 15.96
N LEU G 54 36.88 -10.42 15.26
CA LEU G 54 36.34 -9.08 15.10
C LEU G 54 35.59 -8.95 13.79
N GLU G 55 34.46 -8.24 13.83
CA GLU G 55 33.69 -7.94 12.64
C GLU G 55 34.38 -6.85 11.82
N THR G 56 34.00 -6.76 10.55
CA THR G 56 34.60 -5.77 9.65
C THR G 56 34.29 -4.35 10.12
N GLY G 57 35.33 -3.52 10.21
CA GLY G 57 35.18 -2.14 10.59
C GLY G 57 35.29 -1.86 12.08
N VAL G 58 35.08 -2.86 12.92
CA VAL G 58 35.18 -2.67 14.37
C VAL G 58 36.64 -2.38 14.73
N PRO G 59 36.92 -1.33 15.51
CA PRO G 59 38.31 -1.00 15.83
C PRO G 59 38.97 -2.09 16.67
N SER G 60 40.30 -2.07 16.68
CA SER G 60 41.09 -3.05 17.42
C SER G 60 40.96 -2.91 18.93
N ARG G 61 40.32 -1.85 19.42
CA ARG G 61 40.13 -1.69 20.85
C ARG G 61 39.21 -2.76 21.44
N PHE G 62 38.36 -3.38 20.61
CA PHE G 62 37.45 -4.42 21.07
C PHE G 62 38.07 -5.80 20.88
N SER G 63 37.82 -6.67 21.86
CA SER G 63 38.33 -8.04 21.82
C SER G 63 37.39 -8.94 22.60
N GLY G 64 37.44 -10.23 22.29
CA GLY G 64 36.59 -11.20 22.95
C GLY G 64 37.34 -12.52 23.13
N GLY G 65 36.87 -13.30 24.10
CA GLY G 65 37.53 -14.56 24.40
C GLY G 65 36.62 -15.49 25.15
N GLY G 66 37.06 -16.75 25.23
CA GLY G 66 36.34 -17.76 25.98
C GLY G 66 35.91 -18.94 25.13
N SER G 67 35.54 -20.03 25.80
CA SER G 67 35.03 -21.21 25.12
C SER G 67 34.30 -22.09 26.13
N GLY G 68 33.15 -22.60 25.72
CA GLY G 68 32.37 -23.48 26.57
C GLY G 68 31.24 -22.78 27.29
N THR G 69 31.52 -22.28 28.48
CA THR G 69 30.49 -21.64 29.30
C THR G 69 30.82 -20.21 29.69
N ASP G 70 32.08 -19.90 29.98
CA ASP G 70 32.47 -18.58 30.45
C ASP G 70 33.18 -17.83 29.34
N PHE G 71 32.70 -16.62 29.06
CA PHE G 71 33.24 -15.79 27.99
C PHE G 71 33.41 -14.36 28.49
N THR G 72 34.28 -13.62 27.81
CA THR G 72 34.57 -12.25 28.18
C THR G 72 34.52 -11.32 26.96
N PHE G 73 34.20 -10.05 27.23
CA PHE G 73 34.23 -8.99 26.23
C PHE G 73 35.01 -7.84 26.83
N THR G 74 36.05 -7.39 26.12
CA THR G 74 37.03 -6.46 26.67
C THR G 74 37.25 -5.28 25.71
N ILE G 75 37.20 -4.07 26.25
CA ILE G 75 37.64 -2.87 25.57
C ILE G 75 38.94 -2.44 26.23
N THR G 76 40.05 -2.55 25.50
CA THR G 76 41.36 -2.26 26.09
C THR G 76 41.43 -0.81 26.56
N SER G 77 40.96 0.13 25.73
CA SER G 77 40.94 1.54 26.06
C SER G 77 39.55 2.07 25.77
N LEU G 78 38.84 2.49 26.81
CA LEU G 78 37.48 2.99 26.62
C LEU G 78 37.50 4.33 25.92
N GLN G 79 36.46 4.60 25.14
CA GLN G 79 36.39 5.81 24.33
C GLN G 79 35.01 6.43 24.50
N PRO G 80 34.88 7.73 24.22
CA PRO G 80 33.57 8.39 24.39
C PRO G 80 32.49 7.86 23.46
N GLU G 81 32.85 7.41 22.27
CA GLU G 81 31.87 6.86 21.34
C GLU G 81 31.54 5.40 21.62
N ASP G 82 31.95 4.86 22.77
CA ASP G 82 31.69 3.48 23.16
C ASP G 82 30.54 3.37 24.16
N ILE G 83 29.75 4.43 24.32
CA ILE G 83 28.68 4.46 25.31
C ILE G 83 27.46 3.80 24.67
N ALA G 84 27.18 2.55 25.06
CA ALA G 84 26.05 1.79 24.56
C ALA G 84 25.80 0.63 25.52
N THR G 85 24.82 -0.20 25.18
CA THR G 85 24.52 -1.41 25.92
C THR G 85 25.00 -2.61 25.11
N TYR G 86 25.86 -3.43 25.71
CA TYR G 86 26.50 -4.54 25.01
C TYR G 86 25.82 -5.85 25.40
N TYR G 87 25.34 -6.58 24.40
CA TYR G 87 24.66 -7.85 24.59
C TYR G 87 25.53 -9.00 24.08
N CYS G 88 25.44 -10.14 24.75
CA CYS G 88 26.03 -11.37 24.25
C CYS G 88 24.92 -12.34 23.87
N GLN G 89 25.12 -13.03 22.75
CA GLN G 89 24.12 -13.94 22.19
C GLN G 89 24.77 -15.26 21.82
N GLN G 90 24.15 -16.36 22.21
CA GLN G 90 24.58 -17.68 21.78
C GLN G 90 23.81 -18.10 20.53
N TYR G 91 24.44 -18.96 19.74
CA TYR G 91 23.77 -19.57 18.59
C TYR G 91 24.22 -21.01 18.42
N ASP G 92 24.33 -21.73 19.53
CA ASP G 92 24.62 -23.16 19.47
C ASP G 92 23.37 -23.97 19.18
N ASN G 93 22.20 -23.44 19.53
CA ASN G 93 20.95 -24.18 19.37
C ASN G 93 19.81 -23.17 19.28
N LEU G 94 18.67 -23.65 18.83
CA LEU G 94 17.47 -22.84 18.90
C LEU G 94 16.73 -23.11 20.21
N PRO G 95 16.10 -22.10 20.82
CA PRO G 95 16.02 -20.72 20.33
C PRO G 95 17.27 -19.91 20.61
N LEU G 96 17.58 -18.97 19.72
CA LEU G 96 18.70 -18.06 19.95
C LEU G 96 18.36 -17.14 21.12
N THR G 97 19.21 -17.13 22.14
CA THR G 97 18.95 -16.39 23.35
C THR G 97 20.06 -15.39 23.60
N PHE G 98 19.68 -14.22 24.10
CA PHE G 98 20.61 -13.13 24.36
C PHE G 98 20.84 -13.01 25.87
N GLY G 99 21.87 -12.24 26.23
CA GLY G 99 22.18 -11.99 27.61
C GLY G 99 21.33 -10.88 28.20
N GLY G 100 21.59 -10.60 29.48
CA GLY G 100 20.86 -9.55 30.17
C GLY G 100 21.21 -8.15 29.70
N GLY G 101 22.38 -7.97 29.11
CA GLY G 101 22.82 -6.67 28.65
C GLY G 101 23.72 -6.00 29.68
N THR G 102 24.60 -5.14 29.19
CA THR G 102 25.56 -4.44 30.03
C THR G 102 25.66 -3.01 29.54
N LYS G 103 25.24 -2.05 30.38
CA LYS G 103 25.37 -0.64 30.08
C LYS G 103 26.73 -0.14 30.54
N VAL G 104 27.38 0.66 29.69
CA VAL G 104 28.73 1.16 29.96
C VAL G 104 28.64 2.66 30.17
N ASP G 105 29.12 3.12 31.32
CA ASP G 105 29.09 4.52 31.69
C ASP G 105 30.51 5.09 31.72
N ILE G 106 30.59 6.41 31.65
CA ILE G 106 31.85 7.13 31.82
C ILE G 106 31.99 7.57 33.27
N LYS G 107 33.12 7.23 33.89
CA LYS G 107 33.29 7.46 35.32
C LYS G 107 33.44 8.95 35.59
N ARG G 108 32.51 9.52 36.34
CA ARG G 108 32.45 10.94 36.63
C ARG G 108 32.34 11.14 38.13
N THR G 109 32.83 12.29 38.60
CA THR G 109 32.80 12.65 40.01
C THR G 109 31.38 12.53 40.58
N VAL G 110 31.29 11.88 41.75
CA VAL G 110 30.00 11.63 42.40
C VAL G 110 29.28 12.95 42.63
N ALA G 111 28.07 13.08 42.08
CA ALA G 111 27.27 14.29 42.18
C ALA G 111 25.93 13.96 42.82
N ALA G 112 25.53 14.79 43.79
CA ALA G 112 24.27 14.60 44.49
C ALA G 112 23.12 15.22 43.68
N PRO G 113 21.94 14.61 43.74
CA PRO G 113 20.80 15.13 42.97
C PRO G 113 20.20 16.37 43.61
N SER G 114 19.61 17.21 42.74
CA SER G 114 18.83 18.36 43.17
C SER G 114 17.36 17.96 43.15
N VAL G 115 16.76 17.82 44.33
CA VAL G 115 15.42 17.27 44.45
C VAL G 115 14.41 18.40 44.40
N PHE G 116 13.41 18.27 43.52
CA PHE G 116 12.36 19.25 43.37
C PHE G 116 11.02 18.53 43.30
N ILE G 117 10.01 19.10 43.93
CA ILE G 117 8.66 18.56 43.90
C ILE G 117 7.74 19.59 43.27
N PHE G 118 6.70 19.11 42.60
CA PHE G 118 5.73 19.96 41.93
C PHE G 118 4.33 19.51 42.30
N PRO G 119 3.56 20.31 43.04
CA PRO G 119 2.17 19.96 43.32
C PRO G 119 1.35 19.95 42.05
N PRO G 120 0.23 19.24 42.03
CA PRO G 120 -0.61 19.23 40.83
C PRO G 120 -1.19 20.61 40.55
N SER G 121 -1.18 20.99 39.28
CA SER G 121 -1.69 22.29 38.88
C SER G 121 -3.20 22.39 39.11
N ASP G 122 -3.68 23.62 39.31
CA ASP G 122 -5.11 23.82 39.50
C ASP G 122 -5.89 23.43 38.25
N GLU G 123 -5.27 23.53 37.06
CA GLU G 123 -5.93 23.11 35.83
C GLU G 123 -6.17 21.61 35.80
N GLN G 124 -5.21 20.82 36.30
CA GLN G 124 -5.37 19.37 36.29
C GLN G 124 -6.39 18.91 37.32
N LEU G 125 -6.40 19.53 38.50
CA LEU G 125 -7.34 19.16 39.54
C LEU G 125 -8.79 19.38 39.12
N LYS G 126 -9.04 20.28 38.17
CA LYS G 126 -10.39 20.48 37.66
C LYS G 126 -10.89 19.27 36.87
N SER G 127 -9.99 18.46 36.34
CA SER G 127 -10.35 17.29 35.55
C SER G 127 -10.58 16.05 36.40
N GLY G 128 -10.27 16.10 37.70
CA GLY G 128 -10.48 14.95 38.56
C GLY G 128 -9.28 14.04 38.73
N THR G 129 -8.07 14.51 38.41
CA THR G 129 -6.87 13.71 38.55
C THR G 129 -5.75 14.59 39.10
N ALA G 130 -4.94 14.02 39.98
CA ALA G 130 -3.84 14.72 40.61
C ALA G 130 -2.54 13.98 40.32
N SER G 131 -1.52 14.72 39.88
CA SER G 131 -0.22 14.15 39.56
C SER G 131 0.86 14.98 40.25
N VAL G 132 1.56 14.37 41.19
CA VAL G 132 2.68 15.00 41.88
C VAL G 132 3.96 14.56 41.19
N VAL G 133 4.86 15.50 40.91
CA VAL G 133 6.05 15.24 40.14
C VAL G 133 7.26 15.41 41.06
N CYS G 134 8.20 14.47 41.00
CA CYS G 134 9.46 14.59 41.73
C CYS G 134 10.62 14.58 40.75
N LEU G 135 11.47 15.60 40.84
CA LEU G 135 12.57 15.81 39.92
C LEU G 135 13.90 15.61 40.65
N LEU G 136 14.77 14.81 40.04
CA LEU G 136 16.14 14.61 40.52
C LEU G 136 17.06 15.12 39.41
N ASN G 137 17.51 16.37 39.53
CA ASN G 137 18.23 17.02 38.45
C ASN G 137 19.74 16.87 38.65
N ASN G 138 20.41 16.33 37.63
CA ASN G 138 21.87 16.28 37.56
C ASN G 138 22.48 15.54 38.74
N PHE G 139 22.62 14.22 38.63
CA PHE G 139 23.24 13.41 39.67
C PHE G 139 24.07 12.32 39.02
N TYR G 140 24.88 11.65 39.84
CA TYR G 140 25.71 10.55 39.39
C TYR G 140 26.12 9.75 40.61
N PRO G 141 26.09 8.41 40.57
CA PRO G 141 25.74 7.56 39.42
C PRO G 141 24.24 7.49 39.13
N ARG G 142 23.87 6.61 38.18
CA ARG G 142 22.48 6.52 37.76
C ARG G 142 21.61 5.90 38.84
N GLU G 143 22.17 5.07 39.72
CA GLU G 143 21.39 4.40 40.73
C GLU G 143 20.77 5.40 41.70
N ALA G 144 19.43 5.43 41.73
CA ALA G 144 18.69 6.33 42.60
C ALA G 144 17.37 5.69 42.98
N LYS G 145 16.96 5.89 44.23
CA LYS G 145 15.75 5.31 44.78
C LYS G 145 14.86 6.43 45.29
N VAL G 146 13.60 6.40 44.88
CA VAL G 146 12.62 7.41 45.24
C VAL G 146 11.45 6.73 45.95
N GLN G 147 11.09 7.24 47.13
CA GLN G 147 9.96 6.74 47.90
C GLN G 147 8.98 7.86 48.19
N TRP G 148 7.69 7.56 48.03
CA TRP G 148 6.62 8.52 48.25
C TRP G 148 5.99 8.32 49.62
N LYS G 149 5.59 9.42 50.24
CA LYS G 149 4.92 9.40 51.54
C LYS G 149 3.67 10.25 51.45
N VAL G 150 2.53 9.68 51.83
CA VAL G 150 1.26 10.37 51.88
C VAL G 150 0.73 10.24 53.30
N ASP G 151 0.91 11.27 54.11
CA ASP G 151 0.57 11.26 55.53
C ASP G 151 1.31 10.12 56.25
N ASN G 152 2.63 10.14 56.11
CA ASN G 152 3.54 9.17 56.74
C ASN G 152 3.24 7.74 56.30
N ALA G 153 2.55 7.56 55.17
CA ALA G 153 2.23 6.25 54.63
C ALA G 153 3.04 6.01 53.37
N LEU G 154 3.85 4.96 53.38
CA LEU G 154 4.67 4.64 52.22
C LEU G 154 3.79 4.18 51.07
N GLN G 155 4.00 4.76 49.89
CA GLN G 155 3.20 4.46 48.71
C GLN G 155 3.88 3.40 47.86
N SER G 156 3.06 2.58 47.19
CA SER G 156 3.56 1.55 46.30
C SER G 156 2.48 1.20 45.28
N GLY G 157 2.89 1.00 44.04
CA GLY G 157 1.98 0.62 42.99
C GLY G 157 1.23 1.75 42.33
N ASN G 158 1.56 3.00 42.66
CA ASN G 158 0.87 4.17 42.10
C ASN G 158 1.85 5.24 41.65
N SER G 159 3.04 4.83 41.20
CA SER G 159 4.04 5.80 40.76
C SER G 159 4.87 5.20 39.64
N GLN G 160 5.40 6.07 38.78
CA GLN G 160 6.27 5.66 37.68
C GLN G 160 7.39 6.68 37.53
N GLU G 161 8.53 6.23 37.00
CA GLU G 161 9.69 7.09 36.83
C GLU G 161 10.25 6.91 35.42
N SER G 162 11.00 7.92 34.98
CA SER G 162 11.65 7.92 33.68
C SER G 162 12.94 8.70 33.77
N VAL G 163 14.04 8.09 33.31
CA VAL G 163 15.36 8.69 33.37
C VAL G 163 15.77 9.17 31.98
N THR G 164 16.59 10.22 31.94
CA THR G 164 17.16 10.72 30.70
C THR G 164 18.47 10.02 30.39
N GLU G 165 18.93 10.17 29.16
CA GLU G 165 20.25 9.69 28.80
C GLU G 165 21.32 10.57 29.43
N GLN G 166 22.50 9.97 29.64
CA GLN G 166 23.61 10.69 30.26
C GLN G 166 23.98 11.90 29.40
N ASP G 167 23.93 13.09 30.00
CA ASP G 167 24.27 14.31 29.29
C ASP G 167 25.71 14.24 28.79
N SER G 168 25.90 14.51 27.51
CA SER G 168 27.21 14.43 26.88
C SER G 168 28.15 15.55 27.31
N LYS G 169 27.71 16.46 28.18
CA LYS G 169 28.52 17.59 28.62
C LYS G 169 28.90 17.53 30.09
N ASP G 170 27.96 17.17 30.97
CA ASP G 170 28.24 17.08 32.40
C ASP G 170 28.20 15.65 32.92
N SER G 171 27.84 14.68 32.08
CA SER G 171 27.87 13.26 32.44
C SER G 171 27.00 12.93 33.65
N THR G 172 25.93 13.69 33.84
CA THR G 172 25.00 13.47 34.94
C THR G 172 23.68 12.93 34.41
N TYR G 173 22.87 12.41 35.32
CA TYR G 173 21.56 11.86 35.01
C TYR G 173 20.46 12.72 35.62
N SER G 174 19.26 12.59 35.05
CA SER G 174 18.08 13.26 35.57
C SER G 174 16.94 12.26 35.68
N LEU G 175 16.13 12.39 36.73
CA LEU G 175 15.07 11.44 37.01
C LEU G 175 13.76 12.20 37.23
N SER G 176 12.65 11.59 36.80
CA SER G 176 11.33 12.19 36.93
C SER G 176 10.36 11.13 37.44
N SER G 177 9.90 11.29 38.67
CA SER G 177 8.92 10.38 39.26
C SER G 177 7.57 11.10 39.33
N THR G 178 6.50 10.36 39.05
CA THR G 178 5.15 10.93 38.99
C THR G 178 4.21 10.07 39.81
N LEU G 179 3.68 10.63 40.89
CA LEU G 179 2.68 9.95 41.72
C LEU G 179 1.30 10.34 41.24
N THR G 180 0.50 9.36 40.82
CA THR G 180 -0.79 9.58 40.21
C THR G 180 -1.88 9.10 41.16
N LEU G 181 -2.63 10.03 41.72
CA LEU G 181 -3.78 9.74 42.58
C LEU G 181 -5.02 10.40 41.99
N SER G 182 -6.19 9.91 42.42
CA SER G 182 -7.43 10.57 42.06
C SER G 182 -7.58 11.86 42.86
N LYS G 183 -8.43 12.77 42.34
CA LYS G 183 -8.65 14.04 43.02
C LYS G 183 -9.26 13.82 44.40
N ALA G 184 -10.15 12.84 44.52
CA ALA G 184 -10.79 12.56 45.81
C ALA G 184 -9.75 12.15 46.85
N ASP G 185 -8.88 11.20 46.51
CA ASP G 185 -7.85 10.76 47.43
C ASP G 185 -6.81 11.85 47.68
N TYR G 186 -6.62 12.75 46.72
CA TYR G 186 -5.68 13.84 46.90
C TYR G 186 -6.17 14.85 47.95
N GLU G 187 -7.48 15.02 48.07
CA GLU G 187 -8.04 15.98 49.01
C GLU G 187 -8.17 15.43 50.42
N LYS G 188 -8.05 14.12 50.61
CA LYS G 188 -8.18 13.54 51.95
C LYS G 188 -6.88 13.60 52.75
N HIS G 189 -5.75 13.86 52.10
CA HIS G 189 -4.44 13.88 52.75
C HIS G 189 -3.78 15.23 52.56
N LYS G 190 -2.71 15.46 53.32
CA LYS G 190 -2.08 16.78 53.35
C LYS G 190 -0.59 16.78 53.03
N VAL G 191 0.15 15.77 53.50
CA VAL G 191 1.61 15.77 53.40
C VAL G 191 2.04 14.93 52.20
N TYR G 192 2.92 15.49 51.38
CA TYR G 192 3.50 14.79 50.23
C TYR G 192 5.00 15.05 50.22
N ALA G 193 5.77 14.02 50.53
CA ALA G 193 7.22 14.10 50.58
C ALA G 193 7.80 13.23 49.47
N CYS G 194 9.01 13.58 49.01
CA CYS G 194 9.72 12.75 48.04
C CYS G 194 11.04 12.32 48.68
N GLU G 195 11.03 11.15 49.29
CA GLU G 195 12.21 10.60 49.93
C GLU G 195 13.17 10.07 48.88
N VAL G 196 14.35 10.68 48.79
CA VAL G 196 15.38 10.28 47.84
C VAL G 196 16.55 9.67 48.61
N THR G 197 17.15 8.62 48.04
CA THR G 197 18.34 8.00 48.59
C THR G 197 19.36 7.88 47.47
N HIS G 198 20.52 8.51 47.64
CA HIS G 198 21.54 8.52 46.60
C HIS G 198 22.91 8.42 47.24
N GLN G 199 23.87 7.89 46.47
CA GLN G 199 25.22 7.68 46.98
C GLN G 199 25.88 9.00 47.35
N GLY G 200 25.69 10.04 46.54
CA GLY G 200 26.27 11.34 46.83
C GLY G 200 25.72 12.00 48.08
N LEU G 201 24.56 11.56 48.56
CA LEU G 201 23.94 12.07 49.77
C LEU G 201 24.31 11.17 50.94
N SER G 202 24.91 11.76 51.97
CA SER G 202 25.24 11.02 53.19
C SER G 202 24.00 10.67 54.01
N SER G 203 22.85 11.25 53.68
CA SER G 203 21.59 10.95 54.35
C SER G 203 20.46 11.26 53.38
N PRO G 204 19.33 10.58 53.49
CA PRO G 204 18.22 10.84 52.56
C PRO G 204 17.71 12.27 52.66
N VAL G 205 17.50 12.90 51.51
CA VAL G 205 17.03 14.27 51.43
C VAL G 205 15.54 14.26 51.13
N THR G 206 14.76 14.93 51.95
CA THR G 206 13.30 14.98 51.81
C THR G 206 12.86 16.41 51.56
N LYS G 207 12.01 16.60 50.55
CA LYS G 207 11.42 17.89 50.23
C LYS G 207 9.91 17.69 50.17
N SER G 208 9.17 18.42 51.00
CA SER G 208 7.73 18.21 51.15
C SER G 208 6.97 19.51 50.91
N PHE G 209 5.65 19.38 50.80
CA PHE G 209 4.74 20.51 50.67
C PHE G 209 3.39 20.12 51.27
N ASN G 210 2.71 21.10 51.85
CA ASN G 210 1.39 20.91 52.42
C ASN G 210 0.34 21.39 51.43
N ARG G 211 -0.68 20.55 51.19
CA ARG G 211 -1.72 20.87 50.22
C ARG G 211 -2.53 22.08 50.66
N GLY G 212 -2.27 23.23 50.05
CA GLY G 212 -2.99 24.44 50.38
C GLY G 212 -2.19 25.71 50.15
N GLU G 213 -0.99 25.77 50.74
CA GLU G 213 -0.15 26.96 50.61
C GLU G 213 0.53 27.00 49.25
N VAL H 2 -57.98 63.51 -16.70
CA VAL H 2 -56.93 64.27 -17.37
C VAL H 2 -57.31 64.52 -18.82
N GLN H 3 -56.71 65.54 -19.43
CA GLN H 3 -57.05 65.92 -20.80
C GLN H 3 -55.79 66.27 -21.56
N LEU H 4 -55.77 65.94 -22.85
CA LEU H 4 -54.66 66.22 -23.74
C LEU H 4 -55.17 67.01 -24.94
N VAL H 5 -54.47 68.10 -25.27
CA VAL H 5 -54.85 68.98 -26.36
C VAL H 5 -53.66 69.12 -27.30
N GLU H 6 -53.91 68.98 -28.60
CA GLU H 6 -52.88 69.12 -29.61
C GLU H 6 -52.84 70.54 -30.16
N SER H 7 -51.70 70.90 -30.73
CA SER H 7 -51.50 72.23 -31.30
C SER H 7 -50.46 72.15 -32.40
N GLY H 8 -50.68 72.88 -33.48
CA GLY H 8 -49.74 72.91 -34.58
C GLY H 8 -50.41 73.22 -35.90
N PRO H 9 -49.62 73.64 -36.89
CA PRO H 9 -50.18 73.95 -38.21
C PRO H 9 -50.85 72.72 -38.81
N GLY H 10 -52.00 72.95 -39.43
CA GLY H 10 -52.73 71.89 -40.09
C GLY H 10 -52.31 71.60 -41.51
N LEU H 11 -51.32 72.33 -42.04
CA LEU H 11 -50.79 72.12 -43.38
C LEU H 11 -49.26 72.05 -43.32
N VAL H 12 -48.68 71.07 -44.01
CA VAL H 12 -47.23 70.92 -44.11
C VAL H 12 -46.88 70.59 -45.55
N LYS H 13 -45.97 71.37 -46.14
CA LYS H 13 -45.53 71.10 -47.50
C LYS H 13 -44.60 69.90 -47.51
N PRO H 14 -44.54 69.16 -48.62
CA PRO H 14 -43.70 67.97 -48.68
C PRO H 14 -42.22 68.31 -48.50
N SER H 15 -41.48 67.33 -47.98
CA SER H 15 -40.04 67.46 -47.75
C SER H 15 -39.72 68.59 -46.76
N GLU H 16 -40.65 68.88 -45.85
CA GLU H 16 -40.44 69.84 -44.79
C GLU H 16 -40.87 69.24 -43.45
N THR H 17 -40.42 69.87 -42.37
CA THR H 17 -40.67 69.34 -41.04
C THR H 17 -42.09 69.64 -40.58
N LEU H 18 -42.73 68.64 -39.97
CA LEU H 18 -44.04 68.80 -39.36
C LEU H 18 -43.86 68.92 -37.84
N SER H 19 -44.26 70.06 -37.30
CA SER H 19 -44.17 70.32 -35.87
C SER H 19 -45.55 70.25 -35.24
N LEU H 20 -45.64 69.57 -34.09
CA LEU H 20 -46.87 69.50 -33.31
C LEU H 20 -46.53 69.55 -31.83
N THR H 21 -47.39 70.20 -31.05
CA THR H 21 -47.22 70.33 -29.61
C THR H 21 -48.50 69.92 -28.92
N CYS H 22 -48.38 69.00 -27.96
CA CYS H 22 -49.51 68.54 -27.14
C CYS H 22 -49.38 69.11 -25.74
N THR H 23 -50.47 69.67 -25.23
CA THR H 23 -50.49 70.30 -23.92
C THR H 23 -51.49 69.57 -23.04
N VAL H 24 -51.01 69.06 -21.90
CA VAL H 24 -51.85 68.31 -20.98
C VAL H 24 -52.31 69.23 -19.88
N SER H 25 -53.49 68.96 -19.33
CA SER H 25 -54.08 69.79 -18.30
C SER H 25 -55.03 68.91 -17.48
N GLY H 26 -54.45 67.98 -16.75
CA GLY H 26 -55.23 67.10 -15.90
C GLY H 26 -54.36 66.38 -14.88
N GLY H 27 -53.05 66.57 -15.01
CA GLY H 27 -52.11 65.96 -14.10
C GLY H 27 -50.75 66.63 -14.16
N SER H 28 -49.71 65.84 -14.37
CA SER H 28 -48.36 66.38 -14.48
C SER H 28 -47.54 65.47 -15.38
N ILE H 29 -46.71 66.08 -16.22
CA ILE H 29 -45.82 65.32 -17.08
C ILE H 29 -44.55 64.95 -16.32
N SER H 30 -44.18 65.74 -15.30
CA SER H 30 -43.01 65.46 -14.48
C SER H 30 -43.19 64.25 -13.56
N SER H 31 -44.29 63.52 -13.70
CA SER H 31 -44.55 62.35 -12.86
C SER H 31 -43.67 61.19 -13.26
N SER H 32 -43.24 60.42 -12.28
CA SER H 32 -42.38 59.26 -12.51
C SER H 32 -43.19 57.97 -12.59
N SER H 33 -44.18 57.94 -13.47
CA SER H 33 -45.07 56.78 -13.56
C SER H 33 -45.71 56.64 -14.93
N HIS H 34 -45.55 57.64 -15.80
CA HIS H 34 -46.28 57.69 -17.05
C HIS H 34 -45.39 58.18 -18.19
N TYR H 35 -45.64 57.65 -19.38
CA TYR H 35 -45.02 58.08 -20.62
C TYR H 35 -46.01 58.92 -21.43
N TRP H 36 -45.47 59.73 -22.33
CA TRP H 36 -46.26 60.64 -23.16
C TRP H 36 -45.90 60.39 -24.62
N GLY H 37 -46.86 59.92 -25.40
CA GLY H 37 -46.60 59.48 -26.76
C GLY H 37 -47.45 60.17 -27.80
N TRP H 38 -47.22 59.75 -29.05
CA TRP H 38 -47.95 60.25 -30.22
C TRP H 38 -48.37 59.06 -31.05
N ILE H 39 -49.65 59.04 -31.45
CA ILE H 39 -50.19 57.98 -32.29
C ILE H 39 -50.92 58.63 -33.46
N ARG H 40 -50.61 58.17 -34.67
CA ARG H 40 -51.22 58.71 -35.87
C ARG H 40 -51.96 57.59 -36.61
N GLN H 41 -52.95 57.99 -37.41
CA GLN H 41 -53.64 57.06 -38.29
C GLN H 41 -54.12 57.79 -39.55
N PRO H 42 -53.73 57.31 -40.72
CA PRO H 42 -54.20 57.93 -41.96
C PRO H 42 -55.71 57.77 -42.08
N PRO H 43 -56.36 58.62 -42.87
CA PRO H 43 -57.82 58.52 -43.01
C PRO H 43 -58.23 57.15 -43.54
N GLY H 44 -59.10 56.48 -42.79
CA GLY H 44 -59.55 55.16 -43.15
C GLY H 44 -58.52 54.07 -43.00
N LYS H 45 -57.52 54.26 -42.15
CA LYS H 45 -56.45 53.29 -41.93
C LYS H 45 -56.34 52.98 -40.44
N GLY H 46 -55.39 52.13 -40.09
CA GLY H 46 -55.20 51.69 -38.72
C GLY H 46 -54.25 52.58 -37.94
N LEU H 47 -54.10 52.27 -36.66
CA LEU H 47 -53.27 53.07 -35.77
C LEU H 47 -51.80 52.72 -35.92
N GLU H 48 -50.95 53.74 -35.75
CA GLU H 48 -49.50 53.58 -35.85
C GLU H 48 -48.86 54.44 -34.77
N TRP H 49 -48.25 53.80 -33.77
CA TRP H 49 -47.55 54.53 -32.73
C TRP H 49 -46.31 55.21 -33.30
N ILE H 50 -46.11 56.47 -32.93
CA ILE H 50 -44.97 57.25 -33.40
C ILE H 50 -43.82 57.13 -32.42
N GLY H 51 -43.97 57.72 -31.24
CA GLY H 51 -42.94 57.66 -30.23
C GLY H 51 -43.42 58.17 -28.88
N SER H 52 -42.86 57.63 -27.80
CA SER H 52 -43.21 58.04 -26.46
C SER H 52 -42.00 58.66 -25.77
N ILE H 53 -42.24 59.71 -24.99
CA ILE H 53 -41.18 60.46 -24.34
C ILE H 53 -41.41 60.44 -22.85
N TYR H 54 -40.31 60.41 -22.11
CA TYR H 54 -40.31 60.47 -20.66
C TYR H 54 -40.03 61.89 -20.21
N TYR H 55 -40.26 62.14 -18.91
CA TYR H 55 -40.08 63.50 -18.39
C TYR H 55 -38.63 63.93 -18.42
N SER H 56 -37.68 62.98 -18.50
CA SER H 56 -36.27 63.33 -18.61
C SER H 56 -35.99 63.89 -20.00
N GLU H 57 -35.36 63.10 -20.87
CA GLU H 57 -35.08 63.54 -22.23
C GLU H 57 -35.11 62.36 -23.20
N SER H 58 -34.64 61.21 -22.75
CA SER H 58 -34.58 60.05 -23.63
C SER H 58 -35.99 59.61 -24.02
N ALA H 59 -36.07 58.92 -25.15
CA ALA H 59 -37.34 58.46 -25.69
C ALA H 59 -37.07 57.35 -26.68
N TYR H 60 -38.14 56.67 -27.08
CA TYR H 60 -38.06 55.61 -28.09
C TYR H 60 -39.19 55.79 -29.09
N TYR H 61 -38.86 55.60 -30.38
CA TYR H 61 -39.81 55.78 -31.46
C TYR H 61 -39.93 54.51 -32.30
N ASN H 62 -40.66 54.62 -33.43
CA ASN H 62 -40.87 53.55 -34.40
C ASN H 62 -39.66 53.48 -35.33
N PRO H 63 -39.24 52.27 -35.73
CA PRO H 63 -38.11 52.17 -36.68
C PRO H 63 -38.41 52.76 -38.05
N SER H 64 -39.67 52.80 -38.46
CA SER H 64 -39.99 53.32 -39.78
C SER H 64 -39.64 54.80 -39.88
N LEU H 65 -40.13 55.59 -38.92
CA LEU H 65 -39.87 57.01 -38.88
C LEU H 65 -38.80 57.40 -37.87
N LYS H 66 -37.87 56.48 -37.55
CA LYS H 66 -36.90 56.82 -36.52
C LYS H 66 -35.93 57.92 -36.98
N SER H 67 -35.50 57.88 -38.24
CA SER H 67 -34.51 58.86 -38.72
C SER H 67 -35.11 60.28 -38.81
N ARG H 68 -36.32 60.38 -39.32
CA ARG H 68 -36.92 61.69 -39.58
C ARG H 68 -37.90 62.10 -38.49
N VAL H 69 -37.57 61.78 -37.22
CA VAL H 69 -38.41 62.15 -36.09
C VAL H 69 -37.51 62.54 -34.94
N THR H 70 -37.99 63.50 -34.16
CA THR H 70 -37.43 63.85 -32.88
C THR H 70 -38.59 64.29 -32.00
N MET H 71 -38.50 64.01 -30.72
CA MET H 71 -39.51 64.44 -29.78
C MET H 71 -38.85 65.20 -28.65
N SER H 72 -39.57 66.17 -28.11
CA SER H 72 -39.06 67.04 -27.07
C SER H 72 -40.15 67.24 -26.03
N ILE H 73 -39.73 67.70 -24.85
CA ILE H 73 -40.61 67.82 -23.70
C ILE H 73 -40.28 69.12 -22.97
N ASP H 74 -41.29 69.67 -22.28
CA ASP H 74 -41.13 70.89 -21.51
C ASP H 74 -41.99 70.77 -20.25
N THR H 75 -41.37 70.38 -19.14
CA THR H 75 -42.09 70.27 -17.88
C THR H 75 -42.62 71.62 -17.42
N SER H 76 -41.87 72.69 -17.69
CA SER H 76 -42.27 74.03 -17.25
C SER H 76 -43.64 74.40 -17.82
N LYS H 77 -43.81 74.29 -19.13
CA LYS H 77 -45.09 74.56 -19.76
C LYS H 77 -46.03 73.37 -19.70
N ASN H 78 -45.59 72.25 -19.13
CA ASN H 78 -46.40 71.03 -18.96
C ASN H 78 -46.97 70.57 -20.30
N GLN H 79 -46.06 70.32 -21.25
CA GLN H 79 -46.44 69.93 -22.60
C GLN H 79 -45.25 69.26 -23.27
N PHE H 80 -45.55 68.41 -24.25
CA PHE H 80 -44.53 67.74 -25.05
C PHE H 80 -44.87 67.92 -26.53
N SER H 81 -43.83 67.91 -27.36
CA SER H 81 -43.97 68.25 -28.77
C SER H 81 -43.51 67.10 -29.65
N LEU H 82 -43.70 67.28 -30.96
CA LEU H 82 -43.36 66.27 -31.95
C LEU H 82 -42.78 66.97 -33.18
N LYS H 83 -41.72 66.37 -33.74
CA LYS H 83 -41.08 66.87 -34.95
C LYS H 83 -40.90 65.72 -35.92
N LEU H 84 -41.38 65.90 -37.15
CA LEU H 84 -41.29 64.87 -38.19
C LEU H 84 -40.63 65.49 -39.42
N ASN H 85 -39.36 65.17 -39.64
CA ASN H 85 -38.61 65.75 -40.75
C ASN H 85 -39.00 65.09 -42.07
N SER H 86 -38.79 65.84 -43.16
CA SER H 86 -38.97 65.35 -44.53
C SER H 86 -40.31 64.64 -44.72
N VAL H 87 -41.38 65.41 -44.47
CA VAL H 87 -42.71 64.83 -44.51
C VAL H 87 -43.11 64.56 -45.95
N THR H 88 -43.50 63.32 -46.23
CA THR H 88 -44.02 62.95 -47.52
C THR H 88 -45.55 63.01 -47.49
N ALA H 89 -46.17 62.63 -48.61
CA ALA H 89 -47.62 62.65 -48.70
C ALA H 89 -48.27 61.48 -47.99
N ALA H 90 -47.50 60.50 -47.54
CA ALA H 90 -48.03 59.36 -46.80
C ALA H 90 -48.15 59.64 -45.31
N ASP H 91 -47.71 60.82 -44.86
CA ASP H 91 -47.88 61.24 -43.48
C ASP H 91 -49.21 61.92 -43.23
N THR H 92 -50.10 61.95 -44.23
CA THR H 92 -51.44 62.51 -44.11
C THR H 92 -52.24 61.67 -43.13
N ALA H 93 -52.42 62.17 -41.91
CA ALA H 93 -53.05 61.39 -40.86
C ALA H 93 -53.57 62.32 -39.76
N VAL H 94 -54.35 61.73 -38.85
CA VAL H 94 -54.77 62.39 -37.62
C VAL H 94 -53.80 61.98 -36.52
N TYR H 95 -53.21 62.96 -35.83
CA TYR H 95 -52.15 62.74 -34.86
C TYR H 95 -52.71 62.94 -33.45
N TYR H 96 -52.71 61.88 -32.65
CA TYR H 96 -53.16 61.91 -31.27
C TYR H 96 -51.96 61.97 -30.33
N CYS H 97 -52.19 62.55 -29.15
CA CYS H 97 -51.24 62.45 -28.03
C CYS H 97 -51.98 61.81 -26.87
N ALA H 98 -51.43 60.70 -26.37
CA ALA H 98 -52.07 59.92 -25.33
C ALA H 98 -51.15 59.80 -24.12
N ARG H 99 -51.68 59.19 -23.07
CA ARG H 99 -50.94 58.91 -21.84
C ARG H 99 -50.57 57.44 -21.83
N VAL H 100 -49.31 57.14 -21.56
CA VAL H 100 -48.81 55.77 -21.61
C VAL H 100 -48.47 55.34 -20.19
N THR H 101 -48.75 54.08 -19.85
CA THR H 101 -48.43 53.51 -18.55
C THR H 101 -47.73 52.17 -18.76
N GLU H 102 -46.46 52.10 -18.35
CA GLU H 102 -45.64 50.89 -18.46
C GLU H 102 -45.24 50.42 -17.07
N PRO H 103 -46.02 49.53 -16.44
CA PRO H 103 -45.67 49.05 -15.10
C PRO H 103 -44.71 47.85 -15.08
N ARG H 104 -44.89 46.91 -16.00
CA ARG H 104 -44.12 45.65 -15.99
C ARG H 104 -43.12 45.61 -17.14
N TRP H 105 -43.35 44.77 -18.13
CA TRP H 105 -42.45 44.73 -19.28
C TRP H 105 -43.23 44.81 -20.59
N THR H 106 -44.04 43.80 -20.88
CA THR H 106 -44.86 43.84 -22.09
C THR H 106 -46.14 44.64 -21.88
N SER H 107 -46.37 45.17 -20.68
CA SER H 107 -47.56 45.95 -20.38
C SER H 107 -47.29 47.40 -20.78
N CYS H 108 -47.92 47.83 -21.88
CA CYS H 108 -47.78 49.20 -22.37
C CYS H 108 -49.11 49.56 -23.04
N TYR H 109 -49.99 50.20 -22.27
CA TYR H 109 -51.29 50.61 -22.74
C TYR H 109 -51.39 52.13 -22.69
N PHE H 110 -52.28 52.67 -23.52
CA PHE H 110 -52.52 54.11 -23.59
C PHE H 110 -53.79 54.42 -22.80
N ASP H 111 -53.62 55.05 -21.63
CA ASP H 111 -54.71 55.29 -20.68
C ASP H 111 -55.80 56.20 -21.24
N TYR H 112 -55.55 57.51 -21.24
CA TYR H 112 -56.49 58.50 -21.74
C TYR H 112 -55.92 59.13 -23.00
N TRP H 113 -56.67 59.06 -24.09
CA TRP H 113 -56.25 59.64 -25.36
C TRP H 113 -56.68 61.09 -25.46
N GLY H 114 -56.06 61.81 -26.40
CA GLY H 114 -56.49 63.14 -26.77
C GLY H 114 -57.34 63.09 -28.01
N GLN H 115 -58.03 64.22 -28.27
CA GLN H 115 -58.95 64.25 -29.40
C GLN H 115 -58.22 64.19 -30.73
N GLY H 116 -57.06 64.83 -30.82
CA GLY H 116 -56.26 64.68 -32.02
C GLY H 116 -56.53 65.77 -33.04
N THR H 117 -55.50 66.06 -33.83
CA THR H 117 -55.61 67.04 -34.90
C THR H 117 -55.26 66.37 -36.22
N LEU H 118 -55.91 66.85 -37.29
CA LEU H 118 -55.68 66.31 -38.62
C LEU H 118 -54.72 67.25 -39.35
N VAL H 119 -53.52 66.76 -39.65
CA VAL H 119 -52.55 67.47 -40.47
C VAL H 119 -52.53 66.81 -41.84
N THR H 120 -52.88 67.57 -42.87
CA THR H 120 -52.91 67.09 -44.25
C THR H 120 -51.68 67.63 -44.98
N VAL H 121 -50.83 66.73 -45.46
CA VAL H 121 -49.63 67.13 -46.17
C VAL H 121 -49.92 67.10 -47.66
N SER H 122 -49.99 68.27 -48.26
CA SER H 122 -50.25 68.40 -49.69
C SER H 122 -49.70 69.74 -50.15
N SER H 123 -49.50 69.87 -51.45
CA SER H 123 -49.08 71.14 -52.01
C SER H 123 -50.24 71.88 -52.64
N ALA H 124 -51.45 71.33 -52.57
CA ALA H 124 -52.59 71.94 -53.23
C ALA H 124 -53.01 73.22 -52.52
N SER H 125 -53.77 74.04 -53.23
CA SER H 125 -54.19 75.34 -52.73
C SER H 125 -55.54 75.23 -52.03
N THR H 126 -55.70 75.98 -50.95
CA THR H 126 -56.99 76.06 -50.26
C THR H 126 -58.03 76.68 -51.17
N LYS H 127 -59.08 75.92 -51.50
CA LYS H 127 -60.10 76.35 -52.44
C LYS H 127 -61.48 75.97 -51.93
N GLY H 128 -62.44 76.89 -52.08
CA GLY H 128 -63.82 76.61 -51.76
C GLY H 128 -64.45 75.68 -52.78
N PRO H 129 -65.50 74.98 -52.37
CA PRO H 129 -66.11 73.98 -53.25
C PRO H 129 -67.12 74.59 -54.22
N SER H 130 -67.20 73.96 -55.39
CA SER H 130 -68.27 74.26 -56.34
C SER H 130 -69.44 73.33 -56.07
N VAL H 131 -70.62 73.92 -55.89
CA VAL H 131 -71.82 73.17 -55.50
C VAL H 131 -72.72 73.05 -56.70
N PHE H 132 -72.86 71.82 -57.22
CA PHE H 132 -73.73 71.58 -58.36
C PHE H 132 -74.90 70.71 -57.96
N PRO H 133 -76.09 70.94 -58.50
CA PRO H 133 -77.26 70.17 -58.08
C PRO H 133 -77.35 68.82 -58.76
N LEU H 134 -77.81 67.83 -58.01
CA LEU H 134 -78.20 66.53 -58.55
C LEU H 134 -79.72 66.54 -58.64
N ALA H 135 -80.23 66.99 -59.77
CA ALA H 135 -81.67 67.23 -59.90
C ALA H 135 -82.43 65.90 -59.85
N PRO H 136 -83.62 65.88 -59.24
CA PRO H 136 -84.41 64.63 -59.21
C PRO H 136 -84.86 64.23 -60.60
N SER H 137 -84.77 62.93 -60.88
CA SER H 137 -85.11 62.42 -62.21
C SER H 137 -86.57 62.67 -62.53
N SER H 138 -86.84 62.98 -63.80
CA SER H 138 -88.19 63.22 -64.27
C SER H 138 -89.02 61.95 -64.26
N GLY H 144 -94.18 57.15 -55.14
CA GLY H 144 -93.05 56.51 -54.48
C GLY H 144 -92.05 57.50 -53.91
N THR H 145 -90.77 57.18 -54.03
CA THR H 145 -89.70 57.98 -53.48
C THR H 145 -88.81 58.49 -54.60
N ALA H 146 -88.43 59.76 -54.52
CA ALA H 146 -87.53 60.39 -55.47
C ALA H 146 -86.24 60.78 -54.77
N ALA H 147 -85.13 60.73 -55.51
CA ALA H 147 -83.81 61.01 -54.97
C ALA H 147 -83.26 62.30 -55.57
N LEU H 148 -82.73 63.17 -54.72
CA LEU H 148 -82.07 64.39 -55.15
C LEU H 148 -80.87 64.63 -54.22
N GLY H 149 -80.04 65.59 -54.58
CA GLY H 149 -78.85 65.85 -53.77
C GLY H 149 -78.01 66.98 -54.34
N CYS H 150 -76.81 67.09 -53.78
CA CYS H 150 -75.85 68.12 -54.15
C CYS H 150 -74.46 67.50 -54.34
N LEU H 151 -73.75 67.98 -55.36
CA LEU H 151 -72.39 67.55 -55.64
C LEU H 151 -71.43 68.64 -55.17
N VAL H 152 -70.63 68.33 -54.15
CA VAL H 152 -69.67 69.25 -53.57
C VAL H 152 -68.31 68.87 -54.12
N LYS H 153 -67.87 69.58 -55.16
CA LYS H 153 -66.70 69.17 -55.93
C LYS H 153 -65.62 70.24 -55.88
N ASP H 154 -64.36 69.79 -55.83
CA ASP H 154 -63.17 70.62 -55.97
C ASP H 154 -63.04 71.63 -54.83
N TYR H 155 -62.67 71.11 -53.66
CA TYR H 155 -62.35 71.94 -52.52
C TYR H 155 -61.10 71.39 -51.83
N PHE H 156 -60.50 72.23 -50.98
CA PHE H 156 -59.33 71.84 -50.21
C PHE H 156 -59.15 72.83 -49.07
N PRO H 157 -58.80 72.36 -47.86
CA PRO H 157 -58.72 70.94 -47.51
C PRO H 157 -59.99 70.45 -46.82
N GLU H 158 -59.90 69.27 -46.21
CA GLU H 158 -61.01 68.78 -45.41
C GLU H 158 -61.17 69.63 -44.15
N PRO H 159 -62.39 69.74 -43.60
CA PRO H 159 -63.64 69.15 -44.10
C PRO H 159 -64.65 70.19 -44.59
N VAL H 160 -65.80 69.70 -45.05
CA VAL H 160 -66.97 70.55 -45.30
C VAL H 160 -68.13 69.97 -44.50
N THR H 161 -69.12 70.83 -44.27
CA THR H 161 -70.35 70.44 -43.59
C THR H 161 -71.54 70.73 -44.50
N VAL H 162 -72.41 69.75 -44.68
CA VAL H 162 -73.56 69.85 -45.57
C VAL H 162 -74.82 69.64 -44.77
N SER H 163 -75.77 70.57 -44.91
CA SER H 163 -77.09 70.45 -44.30
C SER H 163 -78.15 70.68 -45.37
N TRP H 164 -79.39 70.32 -45.03
CA TRP H 164 -80.50 70.44 -45.96
C TRP H 164 -81.62 71.23 -45.29
N ASN H 165 -82.09 72.27 -45.98
CA ASN H 165 -83.15 73.15 -45.47
C ASN H 165 -82.75 73.77 -44.14
N SER H 166 -81.47 74.13 -44.02
CA SER H 166 -80.94 74.78 -42.83
C SER H 166 -81.17 73.93 -41.58
N GLY H 167 -80.96 72.62 -41.71
CA GLY H 167 -81.12 71.70 -40.60
C GLY H 167 -82.53 71.17 -40.40
N ALA H 168 -83.52 71.72 -41.11
CA ALA H 168 -84.90 71.26 -40.96
C ALA H 168 -85.15 69.91 -41.63
N LEU H 169 -84.25 69.45 -42.50
CA LEU H 169 -84.39 68.17 -43.19
C LEU H 169 -83.20 67.29 -42.83
N THR H 170 -83.47 66.20 -42.10
CA THR H 170 -82.40 65.27 -41.73
C THR H 170 -82.77 63.86 -42.14
N SER H 171 -84.07 63.54 -42.15
CA SER H 171 -84.51 62.19 -42.44
C SER H 171 -84.23 61.83 -43.89
N GLY H 172 -83.55 60.71 -44.10
CA GLY H 172 -83.19 60.28 -45.43
C GLY H 172 -81.97 60.94 -46.02
N VAL H 173 -81.22 61.72 -45.23
CA VAL H 173 -80.05 62.43 -45.72
C VAL H 173 -78.84 61.51 -45.61
N HIS H 174 -78.07 61.42 -46.70
CA HIS H 174 -76.82 60.67 -46.71
C HIS H 174 -75.74 61.58 -47.26
N THR H 175 -74.82 62.01 -46.40
CA THR H 175 -73.65 62.77 -46.83
C THR H 175 -72.47 61.81 -46.88
N PHE H 176 -71.96 61.57 -48.09
CA PHE H 176 -70.93 60.56 -48.25
C PHE H 176 -69.56 61.11 -47.88
N PRO H 177 -68.66 60.25 -47.41
CA PRO H 177 -67.27 60.68 -47.17
C PRO H 177 -66.64 61.17 -48.47
N ALA H 178 -65.77 62.17 -48.33
CA ALA H 178 -65.13 62.76 -49.50
C ALA H 178 -64.07 61.81 -50.08
N VAL H 179 -63.84 61.95 -51.38
CA VAL H 179 -62.77 61.22 -52.07
C VAL H 179 -61.72 62.23 -52.51
N LEU H 180 -60.47 61.81 -52.48
CA LEU H 180 -59.36 62.67 -52.91
C LEU H 180 -59.10 62.43 -54.39
N GLN H 181 -59.37 63.45 -55.20
CA GLN H 181 -59.20 63.32 -56.64
C GLN H 181 -57.72 63.41 -57.02
N SER H 182 -57.45 63.09 -58.29
CA SER H 182 -56.07 63.14 -58.77
C SER H 182 -55.53 64.56 -58.84
N SER H 183 -56.40 65.57 -58.82
CA SER H 183 -55.95 66.96 -58.84
C SER H 183 -55.47 67.44 -57.48
N GLY H 184 -55.62 66.64 -56.43
CA GLY H 184 -55.29 67.05 -55.09
C GLY H 184 -56.44 67.63 -54.30
N LEU H 185 -57.59 67.83 -54.93
CA LEU H 185 -58.77 68.39 -54.29
C LEU H 185 -59.75 67.28 -53.92
N TYR H 186 -60.55 67.52 -52.89
CA TYR H 186 -61.55 66.58 -52.43
C TYR H 186 -62.89 66.81 -53.13
N SER H 187 -63.75 65.81 -53.07
CA SER H 187 -65.09 65.89 -53.65
C SER H 187 -66.00 64.88 -52.97
N LEU H 188 -67.20 65.31 -52.59
CA LEU H 188 -68.19 64.43 -51.97
C LEU H 188 -69.57 64.81 -52.48
N SER H 189 -70.53 63.94 -52.18
CA SER H 189 -71.91 64.15 -52.57
C SER H 189 -72.81 63.94 -51.37
N SER H 190 -73.91 64.69 -51.33
CA SER H 190 -74.92 64.56 -50.29
C SER H 190 -76.27 64.43 -50.96
N VAL H 191 -77.01 63.37 -50.61
CA VAL H 191 -78.29 63.08 -51.23
C VAL H 191 -79.34 62.91 -50.13
N VAL H 192 -80.61 63.02 -50.53
CA VAL H 192 -81.73 62.85 -49.62
C VAL H 192 -82.89 62.28 -50.42
N THR H 193 -83.60 61.32 -49.81
CA THR H 193 -84.75 60.68 -50.43
C THR H 193 -86.03 61.30 -49.88
N VAL H 194 -86.84 61.84 -50.77
CA VAL H 194 -88.08 62.52 -50.39
C VAL H 194 -89.23 61.92 -51.21
N PRO H 195 -90.46 62.04 -50.73
CA PRO H 195 -91.59 61.55 -51.52
C PRO H 195 -91.70 62.30 -52.84
N SER H 196 -92.03 61.55 -53.89
CA SER H 196 -92.09 62.13 -55.24
C SER H 196 -93.16 63.19 -55.35
N SER H 197 -94.20 63.13 -54.51
CA SER H 197 -95.28 64.12 -54.58
C SER H 197 -94.83 65.49 -54.09
N SER H 198 -93.80 65.57 -53.26
CA SER H 198 -93.35 66.84 -52.71
C SER H 198 -92.41 67.61 -53.64
N LEU H 199 -92.09 67.05 -54.81
CA LEU H 199 -91.12 67.71 -55.69
C LEU H 199 -91.66 69.02 -56.24
N GLY H 200 -92.96 69.08 -56.52
CA GLY H 200 -93.55 70.27 -57.09
C GLY H 200 -94.00 71.32 -56.11
N THR H 201 -94.06 71.00 -54.82
CA THR H 201 -94.52 71.94 -53.81
C THR H 201 -93.50 72.25 -52.74
N GLN H 202 -92.66 71.28 -52.36
CA GLN H 202 -91.66 71.47 -51.31
C GLN H 202 -90.32 71.78 -51.93
N THR H 203 -89.71 72.90 -51.51
CA THR H 203 -88.40 73.31 -52.01
C THR H 203 -87.31 72.75 -51.12
N TYR H 204 -86.22 72.29 -51.74
CA TYR H 204 -85.10 71.67 -51.05
C TYR H 204 -83.82 72.44 -51.35
N ILE H 205 -83.12 72.85 -50.30
CA ILE H 205 -81.91 73.64 -50.42
C ILE H 205 -80.81 72.99 -49.59
N CYS H 206 -79.66 72.73 -50.21
CA CYS H 206 -78.52 72.19 -49.50
C CYS H 206 -77.57 73.33 -49.14
N ASN H 207 -77.09 73.30 -47.89
CA ASN H 207 -76.21 74.35 -47.36
C ASN H 207 -74.82 73.75 -47.14
N VAL H 208 -73.85 74.26 -47.89
CA VAL H 208 -72.47 73.79 -47.85
C VAL H 208 -71.61 74.84 -47.19
N ASN H 209 -70.80 74.44 -46.20
CA ASN H 209 -69.92 75.34 -45.49
C ASN H 209 -68.49 74.78 -45.54
N HIS H 210 -67.54 75.63 -45.88
CA HIS H 210 -66.12 75.26 -45.94
C HIS H 210 -65.34 76.33 -45.18
N LYS H 211 -65.03 76.03 -43.91
CA LYS H 211 -64.38 77.03 -43.07
C LYS H 211 -63.00 77.46 -43.55
N PRO H 212 -62.10 76.57 -44.00
CA PRO H 212 -60.77 77.05 -44.40
C PRO H 212 -60.78 78.10 -45.50
N SER H 213 -61.84 78.18 -46.30
CA SER H 213 -61.94 79.18 -47.35
C SER H 213 -63.03 80.22 -47.09
N ASN H 214 -63.70 80.16 -45.94
CA ASN H 214 -64.79 81.07 -45.60
C ASN H 214 -65.89 81.04 -46.64
N THR H 215 -66.25 79.85 -47.10
CA THR H 215 -67.21 79.66 -48.17
C THR H 215 -68.49 79.05 -47.62
N LYS H 216 -69.61 79.74 -47.84
CA LYS H 216 -70.94 79.23 -47.49
C LYS H 216 -71.83 79.37 -48.71
N VAL H 217 -72.33 78.24 -49.21
CA VAL H 217 -73.10 78.20 -50.44
C VAL H 217 -74.43 77.52 -50.18
N ASP H 218 -75.52 78.15 -50.60
CA ASP H 218 -76.86 77.57 -50.55
C ASP H 218 -77.31 77.33 -51.98
N LYS H 219 -77.57 76.07 -52.33
CA LYS H 219 -77.92 75.69 -53.68
C LYS H 219 -79.33 75.12 -53.70
N LYS H 220 -80.20 75.72 -54.52
CA LYS H 220 -81.55 75.19 -54.69
C LYS H 220 -81.54 74.05 -55.68
N VAL H 221 -82.09 72.90 -55.27
CA VAL H 221 -82.16 71.71 -56.11
C VAL H 221 -83.59 71.55 -56.57
N GLU H 222 -83.82 71.75 -57.88
CA GLU H 222 -85.13 71.70 -58.48
C GLU H 222 -85.17 70.66 -59.60
N PRO H 223 -86.34 70.11 -59.90
CA PRO H 223 -86.46 69.22 -61.07
C PRO H 223 -86.14 69.96 -62.36
N LYS H 224 -85.38 69.31 -63.23
CA LYS H 224 -84.93 69.94 -64.45
C LYS H 224 -86.04 69.93 -65.50
N SER H 225 -86.26 71.07 -66.13
CA SER H 225 -87.26 71.19 -67.19
C SER H 225 -86.61 70.99 -68.55
N CYS H 226 -87.38 70.39 -69.46
CA CYS H 226 -86.90 70.10 -70.80
C CYS H 226 -86.58 71.38 -71.58
N GLU I 1 -39.95 38.51 -37.07
CA GLU I 1 -40.61 39.67 -36.49
C GLU I 1 -41.98 39.31 -35.96
N ILE I 2 -42.32 39.83 -34.78
CA ILE I 2 -43.62 39.58 -34.15
C ILE I 2 -44.69 40.35 -34.91
N VAL I 3 -45.37 39.67 -35.84
CA VAL I 3 -46.39 40.31 -36.67
C VAL I 3 -47.77 40.10 -36.03
N MET I 4 -48.58 41.14 -36.05
CA MET I 4 -49.91 41.13 -35.44
C MET I 4 -50.95 40.95 -36.53
N THR I 5 -51.81 39.93 -36.37
CA THR I 5 -52.87 39.65 -37.33
C THR I 5 -54.19 39.52 -36.58
N GLN I 6 -55.08 40.49 -36.76
CA GLN I 6 -56.41 40.44 -36.17
C GLN I 6 -57.38 39.72 -37.09
N SER I 7 -58.43 39.17 -36.49
CA SER I 7 -59.44 38.44 -37.24
C SER I 7 -60.78 38.54 -36.52
N PRO I 8 -61.88 38.77 -37.25
CA PRO I 8 -61.89 39.00 -38.71
C PRO I 8 -61.82 40.48 -39.06
N ALA I 9 -61.67 40.79 -40.35
CA ALA I 9 -61.67 42.18 -40.76
C ALA I 9 -63.00 42.85 -40.45
N THR I 10 -64.11 42.17 -40.74
CA THR I 10 -65.45 42.68 -40.51
C THR I 10 -66.26 41.65 -39.74
N LEU I 11 -67.08 42.13 -38.80
CA LEU I 11 -67.94 41.28 -37.99
C LEU I 11 -69.37 41.79 -38.09
N SER I 12 -70.28 40.89 -38.51
CA SER I 12 -71.68 41.23 -38.71
C SER I 12 -72.52 40.53 -37.63
N LEU I 13 -72.97 41.30 -36.64
CA LEU I 13 -73.78 40.79 -35.55
C LEU I 13 -74.77 41.86 -35.13
N SER I 14 -75.84 41.44 -34.47
CA SER I 14 -76.93 42.33 -34.08
C SER I 14 -76.97 42.52 -32.57
N PRO I 15 -77.59 43.60 -32.09
CA PRO I 15 -77.67 43.80 -30.63
C PRO I 15 -78.31 42.64 -29.92
N GLY I 16 -77.71 42.24 -28.79
CA GLY I 16 -78.16 41.12 -28.00
C GLY I 16 -77.24 39.91 -28.07
N GLU I 17 -76.47 39.78 -29.14
CA GLU I 17 -75.57 38.65 -29.35
C GLU I 17 -74.21 38.92 -28.72
N ARG I 18 -73.26 38.01 -28.91
CA ARG I 18 -71.91 38.16 -28.38
C ARG I 18 -70.89 37.99 -29.49
N ALA I 19 -69.87 38.85 -29.48
CA ALA I 19 -68.83 38.87 -30.49
C ALA I 19 -67.53 38.32 -29.92
N THR I 20 -66.72 37.73 -30.80
CA THR I 20 -65.46 37.10 -30.42
C THR I 20 -64.39 37.56 -31.41
N LEU I 21 -63.59 38.54 -30.99
CA LEU I 21 -62.51 39.06 -31.83
C LEU I 21 -61.22 38.32 -31.51
N SER I 22 -60.44 38.04 -32.55
CA SER I 22 -59.22 37.25 -32.44
C SER I 22 -58.01 38.10 -32.81
N CYS I 23 -56.99 38.05 -31.96
CA CYS I 23 -55.75 38.81 -32.15
C CYS I 23 -54.60 37.86 -31.82
N ARG I 24 -54.24 37.01 -32.78
CA ARG I 24 -53.14 36.07 -32.62
C ARG I 24 -51.82 36.72 -32.99
N THR I 25 -50.82 36.55 -32.11
CA THR I 25 -49.48 37.04 -32.40
C THR I 25 -48.74 36.01 -33.25
N SER I 26 -47.61 36.43 -33.81
CA SER I 26 -46.78 35.53 -34.58
C SER I 26 -46.20 34.44 -33.70
N GLN I 27 -45.84 33.33 -34.33
CA GLN I 27 -45.24 32.19 -33.62
C GLN I 27 -44.01 32.66 -32.87
N SER I 28 -44.21 33.15 -31.64
CA SER I 28 -43.11 33.70 -30.84
C SER I 28 -43.51 33.90 -29.39
N VAL I 29 -43.17 35.06 -28.83
CA VAL I 29 -43.37 35.35 -27.42
C VAL I 29 -44.85 35.46 -27.07
N THR I 30 -45.14 35.51 -25.78
CA THR I 30 -46.50 35.59 -25.27
C THR I 30 -46.48 36.30 -23.92
N SER I 31 -47.45 37.20 -23.71
CA SER I 31 -47.48 37.99 -22.49
C SER I 31 -48.81 38.71 -22.30
N TYR I 32 -48.81 40.03 -22.47
CA TYR I 32 -49.99 40.85 -22.27
C TYR I 32 -50.49 41.39 -23.61
N LEU I 33 -51.70 41.92 -23.58
CA LEU I 33 -52.31 42.51 -24.77
C LEU I 33 -53.33 43.55 -24.34
N ALA I 34 -53.45 44.61 -25.14
CA ALA I 34 -54.37 45.70 -24.89
C ALA I 34 -55.36 45.82 -26.04
N TRP I 35 -56.63 45.94 -25.72
CA TRP I 35 -57.70 46.12 -26.69
C TRP I 35 -58.21 47.55 -26.64
N TYR I 36 -58.54 48.09 -27.82
CA TYR I 36 -59.04 49.45 -27.93
C TYR I 36 -60.30 49.48 -28.78
N GLN I 37 -61.16 50.45 -28.51
CA GLN I 37 -62.36 50.70 -29.29
C GLN I 37 -62.30 52.10 -29.86
N GLN I 38 -62.67 52.24 -31.14
CA GLN I 38 -62.64 53.53 -31.83
C GLN I 38 -63.92 53.71 -32.62
N ARG I 39 -64.68 54.74 -32.29
CA ARG I 39 -65.85 55.15 -33.04
C ARG I 39 -65.50 56.19 -34.08
N PRO I 40 -66.30 56.34 -35.13
CA PRO I 40 -65.97 57.28 -36.21
C PRO I 40 -65.79 58.71 -35.69
N GLY I 41 -64.66 59.32 -36.06
CA GLY I 41 -64.36 60.68 -35.67
C GLY I 41 -63.90 60.85 -34.24
N GLN I 42 -63.71 59.78 -33.49
CA GLN I 42 -63.31 59.84 -32.10
C GLN I 42 -61.99 59.13 -31.91
N ALA I 43 -61.24 59.56 -30.90
CA ALA I 43 -60.01 58.89 -30.55
C ALA I 43 -60.30 57.48 -30.04
N PRO I 44 -59.40 56.53 -30.29
CA PRO I 44 -59.60 55.17 -29.77
C PRO I 44 -59.63 55.18 -28.24
N ARG I 45 -60.55 54.39 -27.69
CA ARG I 45 -60.76 54.29 -26.24
C ARG I 45 -60.15 53.00 -25.71
N LEU I 46 -59.49 53.09 -24.56
CA LEU I 46 -58.92 51.91 -23.93
C LEU I 46 -60.03 51.03 -23.36
N LEU I 47 -60.05 49.76 -23.77
CA LEU I 47 -61.05 48.80 -23.31
C LEU I 47 -60.49 47.84 -22.27
N ILE I 48 -59.37 47.19 -22.59
CA ILE I 48 -58.78 46.16 -21.74
C ILE I 48 -57.27 46.27 -21.83
N TYR I 49 -56.60 46.27 -20.68
CA TYR I 49 -55.15 46.23 -20.60
C TYR I 49 -54.73 44.98 -19.85
N ASP I 50 -53.45 44.61 -20.02
CA ASP I 50 -52.86 43.43 -19.37
C ASP I 50 -53.72 42.19 -19.60
N ALA I 51 -53.82 41.82 -20.87
CA ALA I 51 -54.54 40.62 -21.30
C ALA I 51 -56.05 40.70 -21.04
N SER I 52 -56.45 40.90 -19.78
CA SER I 52 -57.88 40.88 -19.41
C SER I 52 -58.12 41.70 -18.15
N ASP I 53 -57.92 43.01 -18.23
CA ASP I 53 -58.27 43.92 -17.14
C ASP I 53 -59.09 45.05 -17.72
N ARG I 54 -60.35 45.13 -17.30
CA ARG I 54 -61.22 46.21 -17.78
C ARG I 54 -60.68 47.56 -17.34
N ALA I 55 -60.65 48.51 -18.26
CA ALA I 55 -60.19 49.86 -17.96
C ALA I 55 -61.23 50.60 -17.13
N THR I 56 -60.82 51.77 -16.61
CA THR I 56 -61.70 52.58 -15.77
C THR I 56 -62.93 53.03 -16.54
N GLY I 57 -64.06 52.37 -16.32
CA GLY I 57 -65.31 52.72 -16.95
C GLY I 57 -65.80 51.80 -18.06
N ILE I 58 -65.36 50.55 -18.09
CA ILE I 58 -65.75 49.59 -19.12
C ILE I 58 -66.81 48.68 -18.54
N PRO I 59 -67.94 48.48 -19.22
CA PRO I 59 -68.99 47.61 -18.68
C PRO I 59 -68.51 46.18 -18.51
N ALA I 60 -69.23 45.43 -17.66
CA ALA I 60 -68.87 44.05 -17.38
C ALA I 60 -69.03 43.13 -18.59
N ARG I 61 -69.73 43.58 -19.64
CA ARG I 61 -69.94 42.74 -20.80
C ARG I 61 -68.67 42.56 -21.62
N PHE I 62 -67.65 43.38 -21.40
CA PHE I 62 -66.37 43.24 -22.09
C PHE I 62 -65.45 42.33 -21.30
N SER I 63 -64.77 41.43 -22.02
CA SER I 63 -63.85 40.49 -21.40
C SER I 63 -62.79 40.07 -22.41
N GLY I 64 -61.68 39.55 -21.89
CA GLY I 64 -60.57 39.14 -22.72
C GLY I 64 -60.01 37.78 -22.33
N SER I 65 -59.77 36.92 -23.32
CA SER I 65 -59.18 35.60 -23.06
C SER I 65 -57.66 35.68 -23.21
N GLY I 66 -57.04 36.39 -22.26
CA GLY I 66 -55.61 36.56 -22.27
C GLY I 66 -54.84 35.30 -21.91
N SER I 67 -54.50 34.48 -22.92
CA SER I 67 -53.82 33.22 -22.67
C SER I 67 -52.48 33.27 -23.41
N GLY I 68 -52.26 32.37 -24.37
CA GLY I 68 -50.98 32.29 -25.07
C GLY I 68 -51.13 32.56 -26.55
N THR I 69 -50.09 33.17 -27.12
CA THR I 69 -50.04 33.53 -28.54
C THR I 69 -51.34 34.19 -29.01
N ASP I 70 -52.38 33.39 -29.18
CA ASP I 70 -53.67 33.91 -29.61
C ASP I 70 -54.46 34.44 -28.42
N PHE I 71 -55.08 35.60 -28.61
CA PHE I 71 -55.91 36.24 -27.61
C PHE I 71 -57.32 36.41 -28.16
N THR I 72 -58.23 36.89 -27.31
CA THR I 72 -59.62 37.00 -27.72
C THR I 72 -60.33 38.04 -26.86
N LEU I 73 -60.97 39.00 -27.52
CA LEU I 73 -61.84 39.96 -26.85
C LEU I 73 -63.29 39.54 -27.06
N THR I 74 -64.06 39.56 -25.98
CA THR I 74 -65.44 39.08 -26.02
C THR I 74 -66.37 40.15 -25.46
N ILE I 75 -67.46 40.40 -26.18
CA ILE I 75 -68.48 41.37 -25.78
C ILE I 75 -69.76 40.59 -25.53
N SER I 76 -70.17 40.52 -24.27
CA SER I 76 -71.30 39.69 -23.85
C SER I 76 -72.60 40.08 -24.55
N ASN I 77 -73.17 41.22 -24.18
CA ASN I 77 -74.46 41.67 -24.70
C ASN I 77 -74.22 42.91 -25.56
N LEU I 78 -74.14 42.71 -26.87
CA LEU I 78 -73.93 43.81 -27.81
C LEU I 78 -74.99 44.89 -27.64
N GLU I 79 -74.55 46.08 -27.23
CA GLU I 79 -75.40 47.24 -27.14
C GLU I 79 -75.40 48.01 -28.45
N PRO I 80 -76.41 48.85 -28.70
CA PRO I 80 -76.43 49.60 -29.97
C PRO I 80 -75.17 50.40 -30.25
N GLU I 81 -74.62 51.08 -29.24
CA GLU I 81 -73.43 51.91 -29.41
C GLU I 81 -72.13 51.14 -29.21
N ASP I 82 -72.14 49.83 -29.42
CA ASP I 82 -70.97 48.97 -29.23
C ASP I 82 -70.35 48.51 -30.55
N PHE I 83 -70.79 49.07 -31.67
CA PHE I 83 -70.35 48.63 -32.99
C PHE I 83 -69.36 49.65 -33.53
N ALA I 84 -68.08 49.28 -33.56
CA ALA I 84 -67.02 50.18 -33.99
C ALA I 84 -65.84 49.33 -34.44
N VAL I 85 -64.69 49.98 -34.59
CA VAL I 85 -63.45 49.30 -34.98
C VAL I 85 -62.65 49.03 -33.71
N TYR I 86 -62.10 47.82 -33.60
CA TYR I 86 -61.37 47.40 -32.41
C TYR I 86 -59.94 47.04 -32.78
N TYR I 87 -58.99 47.59 -32.03
CA TYR I 87 -57.57 47.38 -32.27
C TYR I 87 -56.94 46.73 -31.05
N CYS I 88 -56.21 45.64 -31.26
CA CYS I 88 -55.35 45.09 -30.22
C CYS I 88 -53.93 45.63 -30.39
N GLN I 89 -53.25 45.80 -29.26
CA GLN I 89 -51.94 46.41 -29.25
C GLN I 89 -51.00 45.64 -28.32
N LEU I 90 -49.82 45.29 -28.83
CA LEU I 90 -48.77 44.60 -28.09
C LEU I 90 -47.61 45.56 -27.85
N ARG I 91 -46.64 45.12 -27.02
CA ARG I 91 -45.38 45.85 -26.83
C ARG I 91 -44.26 44.81 -26.72
N SER I 92 -43.75 44.38 -27.86
CA SER I 92 -42.67 43.41 -27.87
C SER I 92 -41.32 44.12 -27.83
N ASN I 93 -40.24 43.34 -27.93
CA ASN I 93 -38.91 43.93 -27.89
C ASN I 93 -38.65 44.76 -29.15
N TRP I 94 -38.85 44.17 -30.32
CA TRP I 94 -38.63 44.85 -31.58
C TRP I 94 -39.51 44.23 -32.66
N PRO I 95 -40.48 44.98 -33.21
CA PRO I 95 -40.68 46.40 -32.93
C PRO I 95 -41.55 46.64 -31.71
N PRO I 96 -41.28 47.72 -30.99
CA PRO I 96 -42.10 48.05 -29.83
C PRO I 96 -43.44 48.65 -30.25
N ILE I 97 -44.49 48.27 -29.51
CA ILE I 97 -45.83 48.81 -29.71
C ILE I 97 -46.30 48.56 -31.13
N THR I 98 -46.63 47.30 -31.43
CA THR I 98 -47.27 46.94 -32.69
C THR I 98 -48.79 47.01 -32.52
N PHE I 99 -49.46 47.48 -33.58
CA PHE I 99 -50.90 47.61 -33.57
C PHE I 99 -51.53 46.61 -34.53
N GLY I 100 -52.73 46.15 -34.17
CA GLY I 100 -53.44 45.22 -35.03
C GLY I 100 -54.06 45.92 -36.23
N GLN I 101 -54.49 45.11 -37.20
CA GLN I 101 -55.08 45.64 -38.41
C GLN I 101 -56.50 46.16 -38.20
N GLY I 102 -57.14 45.79 -37.09
CA GLY I 102 -58.46 46.29 -36.76
C GLY I 102 -59.60 45.40 -37.19
N THR I 103 -60.61 45.27 -36.34
CA THR I 103 -61.82 44.52 -36.63
C THR I 103 -63.00 45.47 -36.63
N ARG I 104 -63.70 45.56 -37.76
CA ARG I 104 -64.87 46.42 -37.89
C ARG I 104 -66.11 45.63 -37.47
N LEU I 105 -66.81 46.13 -36.45
CA LEU I 105 -68.00 45.47 -35.93
C LEU I 105 -69.23 46.26 -36.38
N GLU I 106 -70.06 45.62 -37.20
CA GLU I 106 -71.26 46.24 -37.74
C GLU I 106 -72.50 45.42 -37.40
N THR I 107 -73.66 46.04 -37.53
CA THR I 107 -74.93 45.42 -37.20
C THR I 107 -75.48 44.67 -38.41
N LYS I 108 -75.60 43.35 -38.28
CA LYS I 108 -76.13 42.53 -39.36
C LYS I 108 -77.65 42.53 -39.38
N ARG I 109 -78.23 42.56 -40.58
CA ARG I 109 -79.66 42.57 -40.77
C ARG I 109 -80.00 41.70 -41.97
N THR I 110 -81.25 41.79 -42.42
CA THR I 110 -81.71 41.04 -43.59
C THR I 110 -81.13 41.64 -44.86
N VAL I 111 -80.99 40.80 -45.89
CA VAL I 111 -80.49 41.26 -47.17
C VAL I 111 -81.44 42.29 -47.76
N ALA I 112 -80.91 43.45 -48.13
CA ALA I 112 -81.71 44.56 -48.65
C ALA I 112 -81.16 44.99 -50.00
N ALA I 113 -82.04 45.06 -51.01
CA ALA I 113 -81.65 45.48 -52.34
C ALA I 113 -81.45 46.99 -52.38
N PRO I 114 -80.44 47.48 -53.10
CA PRO I 114 -80.21 48.92 -53.16
C PRO I 114 -81.15 49.61 -54.14
N SER I 115 -81.61 50.79 -53.75
CA SER I 115 -82.36 51.65 -54.65
C SER I 115 -81.35 52.44 -55.49
N VAL I 116 -81.38 52.23 -56.81
CA VAL I 116 -80.37 52.76 -57.71
C VAL I 116 -80.91 54.03 -58.36
N PHE I 117 -80.10 55.08 -58.35
CA PHE I 117 -80.43 56.35 -58.99
C PHE I 117 -79.20 56.88 -59.71
N ILE I 118 -79.40 57.44 -60.90
CA ILE I 118 -78.33 58.02 -61.70
C ILE I 118 -78.64 59.48 -61.96
N PHE I 119 -77.62 60.34 -61.84
CA PHE I 119 -77.78 61.78 -61.96
C PHE I 119 -76.86 62.31 -63.06
N PRO I 120 -77.40 62.91 -64.11
CA PRO I 120 -76.54 63.51 -65.14
C PRO I 120 -75.86 64.75 -64.61
N PRO I 121 -74.78 65.20 -65.25
CA PRO I 121 -74.14 66.44 -64.82
C PRO I 121 -75.04 67.64 -65.05
N SER I 122 -75.01 68.57 -64.10
CA SER I 122 -75.81 69.77 -64.21
C SER I 122 -75.29 70.67 -65.31
N ASP I 123 -76.20 71.47 -65.90
CA ASP I 123 -75.79 72.42 -66.91
C ASP I 123 -74.83 73.47 -66.37
N GLU I 124 -74.88 73.73 -65.05
CA GLU I 124 -73.95 74.68 -64.47
C GLU I 124 -72.51 74.16 -64.48
N GLN I 125 -72.33 72.86 -64.22
CA GLN I 125 -70.98 72.29 -64.22
C GLN I 125 -70.43 72.15 -65.62
N LEU I 126 -71.29 71.88 -66.61
CA LEU I 126 -70.82 71.75 -67.99
C LEU I 126 -70.20 73.04 -68.49
N LYS I 127 -70.66 74.19 -67.98
CA LYS I 127 -70.05 75.46 -68.35
C LYS I 127 -68.62 75.58 -67.85
N SER I 128 -68.23 74.79 -66.85
CA SER I 128 -66.87 74.82 -66.31
C SER I 128 -65.91 73.93 -67.08
N GLY I 129 -66.41 73.09 -67.99
CA GLY I 129 -65.57 72.20 -68.76
C GLY I 129 -65.45 70.80 -68.21
N THR I 130 -66.15 70.48 -67.11
CA THR I 130 -66.09 69.17 -66.49
C THR I 130 -67.49 68.61 -66.36
N ALA I 131 -67.61 67.29 -66.49
CA ALA I 131 -68.89 66.60 -66.37
C ALA I 131 -68.74 65.45 -65.38
N SER I 132 -69.55 65.48 -64.32
CA SER I 132 -69.56 64.42 -63.31
C SER I 132 -70.91 63.72 -63.33
N VAL I 133 -70.89 62.39 -63.47
CA VAL I 133 -72.09 61.56 -63.44
C VAL I 133 -72.11 60.80 -62.12
N VAL I 134 -73.25 60.87 -61.41
CA VAL I 134 -73.37 60.32 -60.08
C VAL I 134 -74.32 59.12 -60.10
N CYS I 135 -73.89 58.01 -59.51
CA CYS I 135 -74.70 56.80 -59.36
C CYS I 135 -74.89 56.54 -57.87
N LEU I 136 -76.15 56.41 -57.46
CA LEU I 136 -76.50 56.27 -56.05
C LEU I 136 -77.01 54.86 -55.79
N LEU I 137 -76.46 54.22 -54.76
CA LEU I 137 -76.95 52.94 -54.25
C LEU I 137 -77.40 53.20 -52.81
N ASN I 138 -78.72 53.23 -52.60
CA ASN I 138 -79.29 53.71 -51.35
C ASN I 138 -79.85 52.56 -50.53
N ASN I 139 -79.42 52.48 -49.27
CA ASN I 139 -80.01 51.60 -48.27
C ASN I 139 -79.99 50.12 -48.69
N PHE I 140 -78.82 49.49 -48.63
CA PHE I 140 -78.66 48.09 -48.97
C PHE I 140 -77.85 47.37 -47.90
N TYR I 141 -77.89 46.05 -47.94
CA TYR I 141 -77.09 45.21 -47.05
C TYR I 141 -76.91 43.85 -47.70
N PRO I 142 -75.70 43.27 -47.66
CA PRO I 142 -74.46 43.79 -47.05
C PRO I 142 -73.84 44.92 -47.85
N ARG I 143 -72.75 45.49 -47.35
CA ARG I 143 -72.13 46.64 -48.03
C ARG I 143 -71.39 46.22 -49.29
N GLU I 144 -71.11 44.93 -49.47
CA GLU I 144 -70.43 44.46 -50.67
C GLU I 144 -71.30 44.72 -51.91
N ALA I 145 -70.85 45.61 -52.78
CA ALA I 145 -71.60 45.95 -53.99
C ALA I 145 -70.62 46.32 -55.09
N LYS I 146 -71.06 46.11 -56.33
CA LYS I 146 -70.24 46.38 -57.51
C LYS I 146 -70.97 47.36 -58.41
N VAL I 147 -70.28 48.44 -58.78
CA VAL I 147 -70.81 49.45 -59.68
C VAL I 147 -69.99 49.44 -60.95
N GLN I 148 -70.64 49.17 -62.08
CA GLN I 148 -69.98 49.08 -63.37
C GLN I 148 -70.49 50.21 -64.26
N TRP I 149 -69.61 51.15 -64.60
CA TRP I 149 -69.97 52.24 -65.49
C TRP I 149 -69.88 51.81 -66.94
N LYS I 150 -70.89 52.21 -67.73
CA LYS I 150 -70.93 51.91 -69.15
C LYS I 150 -71.23 53.19 -69.92
N VAL I 151 -70.39 53.50 -70.90
CA VAL I 151 -70.57 54.65 -71.77
C VAL I 151 -70.60 54.13 -73.19
N ASP I 152 -71.77 54.17 -73.82
CA ASP I 152 -71.99 53.57 -75.14
C ASP I 152 -71.65 52.08 -75.11
N ASN I 153 -72.11 51.41 -74.06
CA ASN I 153 -71.90 49.97 -73.81
C ASN I 153 -70.43 49.62 -73.61
N ALA I 154 -69.56 50.61 -73.41
CA ALA I 154 -68.15 50.39 -73.15
C ALA I 154 -67.90 50.45 -71.65
N LEU I 155 -67.34 49.38 -71.10
CA LEU I 155 -67.07 49.32 -69.67
C LEU I 155 -65.98 50.32 -69.31
N GLN I 156 -66.27 51.21 -68.37
CA GLN I 156 -65.35 52.26 -67.95
C GLN I 156 -64.59 51.83 -66.71
N SER I 157 -63.31 52.19 -66.65
CA SER I 157 -62.47 51.88 -65.51
C SER I 157 -61.33 52.89 -65.44
N GLY I 158 -61.07 53.38 -64.23
CA GLY I 158 -59.98 54.32 -64.00
C GLY I 158 -60.40 55.76 -63.87
N ASN I 159 -61.64 56.10 -64.19
CA ASN I 159 -62.12 57.47 -64.14
C ASN I 159 -63.30 57.62 -63.19
N SER I 160 -63.38 56.77 -62.16
CA SER I 160 -64.50 56.79 -61.24
C SER I 160 -64.00 56.58 -59.82
N GLN I 161 -64.63 57.28 -58.88
CA GLN I 161 -64.37 57.09 -57.46
C GLN I 161 -65.69 56.85 -56.76
N GLU I 162 -65.65 56.03 -55.70
CA GLU I 162 -66.85 55.70 -54.95
C GLU I 162 -66.59 55.89 -53.46
N SER I 163 -67.69 56.09 -52.72
CA SER I 163 -67.63 56.35 -51.29
C SER I 163 -68.83 55.69 -50.62
N VAL I 164 -68.61 55.12 -49.44
CA VAL I 164 -69.64 54.41 -48.71
C VAL I 164 -69.79 55.04 -47.34
N THR I 165 -71.04 55.21 -46.90
CA THR I 165 -71.31 55.75 -45.58
C THR I 165 -71.14 54.66 -44.51
N GLU I 166 -71.12 55.10 -43.26
CA GLU I 166 -71.15 54.15 -42.15
C GLU I 166 -72.54 53.53 -42.04
N GLN I 167 -72.65 52.49 -41.22
CA GLN I 167 -73.93 51.83 -41.01
C GLN I 167 -74.94 52.80 -40.45
N ASP I 168 -76.14 52.80 -41.02
CA ASP I 168 -77.20 53.68 -40.52
C ASP I 168 -77.60 53.27 -39.12
N SER I 169 -77.73 54.25 -38.23
CA SER I 169 -78.08 53.96 -36.84
C SER I 169 -79.49 53.44 -36.66
N LYS I 170 -80.33 53.50 -37.70
CA LYS I 170 -81.73 53.10 -37.59
C LYS I 170 -82.00 51.76 -38.27
N ASP I 171 -81.69 51.64 -39.56
CA ASP I 171 -82.04 50.45 -40.34
C ASP I 171 -80.82 49.59 -40.67
N SER I 172 -79.63 49.96 -40.22
CA SER I 172 -78.42 49.14 -40.34
C SER I 172 -78.01 48.90 -41.78
N THR I 173 -78.41 49.78 -42.69
CA THR I 173 -78.06 49.65 -44.10
C THR I 173 -76.93 50.60 -44.49
N TYR I 174 -76.35 50.34 -45.65
CA TYR I 174 -75.30 51.17 -46.21
C TYR I 174 -75.81 51.96 -47.39
N SER I 175 -75.02 52.95 -47.79
CA SER I 175 -75.29 53.74 -48.99
C SER I 175 -73.98 53.99 -49.71
N LEU I 176 -74.01 53.88 -51.04
CA LEU I 176 -72.81 54.05 -51.86
C LEU I 176 -73.05 55.12 -52.92
N SER I 177 -72.02 55.92 -53.18
CA SER I 177 -72.06 56.96 -54.20
C SER I 177 -70.82 56.86 -55.06
N SER I 178 -71.01 56.67 -56.37
CA SER I 178 -69.91 56.56 -57.32
C SER I 178 -70.00 57.71 -58.31
N THR I 179 -68.88 58.40 -58.52
CA THR I 179 -68.83 59.59 -59.36
C THR I 179 -67.93 59.34 -60.55
N LEU I 180 -68.51 59.43 -61.76
CA LEU I 180 -67.77 59.27 -63.01
C LEU I 180 -67.40 60.65 -63.54
N THR I 181 -66.11 60.91 -63.69
CA THR I 181 -65.60 62.22 -64.07
C THR I 181 -65.00 62.17 -65.46
N LEU I 182 -65.56 62.98 -66.37
CA LEU I 182 -65.05 63.14 -67.73
C LEU I 182 -64.93 64.62 -68.04
N SER I 183 -64.14 64.93 -69.06
CA SER I 183 -64.10 66.29 -69.57
C SER I 183 -65.37 66.59 -70.38
N LYS I 184 -65.66 67.88 -70.53
CA LYS I 184 -66.85 68.27 -71.28
C LYS I 184 -66.77 67.80 -72.73
N ALA I 185 -65.56 67.80 -73.31
CA ALA I 185 -65.39 67.34 -74.68
C ALA I 185 -65.67 65.84 -74.79
N ASP I 186 -65.06 65.04 -73.91
CA ASP I 186 -65.30 63.61 -73.92
C ASP I 186 -66.75 63.27 -73.59
N TYR I 187 -67.39 64.09 -72.74
CA TYR I 187 -68.77 63.83 -72.37
C TYR I 187 -69.72 63.99 -73.56
N GLU I 188 -69.42 64.90 -74.48
CA GLU I 188 -70.30 65.18 -75.60
C GLU I 188 -70.05 64.28 -76.81
N LYS I 189 -69.09 63.37 -76.74
CA LYS I 189 -68.84 62.44 -77.83
C LYS I 189 -69.66 61.16 -77.71
N HIS I 190 -70.47 61.02 -76.67
CA HIS I 190 -71.22 59.81 -76.42
C HIS I 190 -72.66 60.16 -76.06
N LYS I 191 -73.52 59.15 -76.07
CA LYS I 191 -74.95 59.35 -75.86
C LYS I 191 -75.48 58.62 -74.63
N VAL I 192 -75.24 57.32 -74.52
CA VAL I 192 -75.82 56.50 -73.46
C VAL I 192 -74.84 56.42 -72.29
N TYR I 193 -75.31 56.81 -71.11
CA TYR I 193 -74.56 56.69 -69.86
C TYR I 193 -75.38 55.84 -68.88
N ALA I 194 -74.72 54.86 -68.26
CA ALA I 194 -75.41 53.98 -67.34
C ALA I 194 -74.43 53.41 -66.34
N CYS I 195 -74.94 53.12 -65.13
CA CYS I 195 -74.19 52.38 -64.13
C CYS I 195 -74.93 51.08 -63.81
N GLU I 196 -74.20 49.97 -63.89
CA GLU I 196 -74.76 48.64 -63.65
C GLU I 196 -74.44 48.23 -62.22
N VAL I 197 -75.48 47.92 -61.45
CA VAL I 197 -75.34 47.57 -60.04
C VAL I 197 -75.63 46.09 -59.88
N THR I 198 -74.66 45.35 -59.34
CA THR I 198 -74.83 43.95 -58.98
C THR I 198 -74.75 43.84 -57.46
N HIS I 199 -75.74 43.18 -56.87
CA HIS I 199 -75.80 43.05 -55.42
C HIS I 199 -76.47 41.74 -55.06
N GLN I 200 -76.22 41.26 -53.84
CA GLN I 200 -76.79 40.00 -53.40
C GLN I 200 -78.31 40.04 -53.37
N GLY I 201 -78.90 41.18 -53.05
CA GLY I 201 -80.33 41.33 -53.02
C GLY I 201 -81.00 41.47 -54.38
N LEU I 202 -80.23 41.45 -55.45
CA LEU I 202 -80.75 41.59 -56.81
C LEU I 202 -80.61 40.27 -57.55
N SER I 203 -81.73 39.78 -58.11
CA SER I 203 -81.68 38.55 -58.89
C SER I 203 -80.88 38.73 -60.17
N SER I 204 -80.89 39.94 -60.73
CA SER I 204 -80.13 40.28 -61.92
C SER I 204 -79.52 41.65 -61.73
N PRO I 205 -78.43 41.95 -62.44
CA PRO I 205 -77.84 43.30 -62.34
C PRO I 205 -78.82 44.37 -62.78
N VAL I 206 -79.01 45.37 -61.92
CA VAL I 206 -79.93 46.47 -62.19
C VAL I 206 -79.14 47.60 -62.83
N THR I 207 -79.67 48.16 -63.92
CA THR I 207 -79.01 49.21 -64.67
C THR I 207 -79.94 50.41 -64.81
N LYS I 208 -79.48 51.57 -64.39
CA LYS I 208 -80.15 52.83 -64.63
C LYS I 208 -79.35 53.63 -65.66
N SER I 209 -80.05 54.22 -66.63
CA SER I 209 -79.39 54.88 -67.74
C SER I 209 -80.11 56.18 -68.09
N PHE I 210 -79.41 57.03 -68.83
CA PHE I 210 -80.00 58.23 -69.40
C PHE I 210 -79.27 58.54 -70.70
N ASN I 211 -79.90 59.34 -71.55
CA ASN I 211 -79.33 59.76 -72.81
C ASN I 211 -78.97 61.24 -72.74
N ARG I 212 -77.74 61.56 -73.15
CA ARG I 212 -77.27 62.94 -73.11
C ARG I 212 -78.10 63.81 -74.04
N GLY I 213 -78.64 64.91 -73.50
CA GLY I 213 -79.46 65.84 -74.25
C GLY I 213 -80.95 65.63 -74.09
N GLU I 214 -81.39 64.42 -73.75
CA GLU I 214 -82.80 64.12 -73.57
C GLU I 214 -83.17 64.25 -72.10
N CYS I 215 -84.21 65.02 -71.82
CA CYS I 215 -84.66 65.20 -70.45
C CYS I 215 -85.35 63.93 -69.93
N ASN J 16 -2.60 46.62 0.35
CA ASN J 16 -2.78 47.62 1.40
C ASN J 16 -4.20 47.58 1.94
N LEU J 17 -5.17 47.93 1.10
CA LEU J 17 -6.57 47.99 1.49
C LEU J 17 -7.41 47.27 0.44
N CYS J 18 -8.40 46.50 0.91
CA CYS J 18 -9.20 45.69 -0.01
C CYS J 18 -9.92 46.57 -1.03
N PRO J 19 -9.90 46.19 -2.31
CA PRO J 19 -10.55 47.00 -3.36
C PRO J 19 -12.06 46.78 -3.41
N PHE J 20 -12.74 47.08 -2.30
CA PHE J 20 -14.20 47.02 -2.31
C PHE J 20 -14.81 48.02 -3.28
N GLY J 21 -14.07 49.05 -3.67
CA GLY J 21 -14.61 50.02 -4.60
C GLY J 21 -14.88 49.45 -5.98
N GLU J 22 -14.03 48.51 -6.42
CA GLU J 22 -14.20 47.94 -7.75
C GLU J 22 -15.44 47.07 -7.86
N VAL J 23 -16.01 46.63 -6.74
CA VAL J 23 -17.17 45.75 -6.78
C VAL J 23 -18.44 46.58 -6.69
N PHE J 24 -18.59 47.35 -5.61
CA PHE J 24 -19.80 48.13 -5.41
C PHE J 24 -19.94 49.23 -6.45
N ASN J 25 -18.86 49.97 -6.68
CA ASN J 25 -18.90 51.12 -7.56
C ASN J 25 -18.53 50.78 -9.00
N ALA J 26 -18.71 49.53 -9.42
CA ALA J 26 -18.44 49.16 -10.80
C ALA J 26 -19.38 49.89 -11.75
N THR J 27 -18.85 50.25 -12.93
CA THR J 27 -19.66 50.97 -13.90
C THR J 27 -20.77 50.10 -14.48
N ARG J 28 -20.48 48.81 -14.68
CA ARG J 28 -21.45 47.86 -15.21
C ARG J 28 -21.54 46.66 -14.29
N PHE J 29 -22.76 46.18 -14.06
CA PHE J 29 -23.01 44.96 -13.30
C PHE J 29 -23.46 43.84 -14.24
N ALA J 30 -23.31 42.61 -13.76
CA ALA J 30 -23.62 41.44 -14.58
C ALA J 30 -25.06 40.99 -14.37
N SER J 31 -25.56 40.23 -15.33
CA SER J 31 -26.88 39.63 -15.19
C SER J 31 -26.83 38.51 -14.15
N VAL J 32 -27.99 38.24 -13.55
CA VAL J 32 -28.01 37.28 -12.44
C VAL J 32 -27.72 35.86 -12.93
N TYR J 33 -28.09 35.53 -14.17
CA TYR J 33 -27.82 34.19 -14.68
C TYR J 33 -26.32 33.95 -14.84
N ALA J 34 -25.56 35.01 -15.09
CA ALA J 34 -24.11 34.92 -15.20
C ALA J 34 -23.46 35.84 -14.17
N TRP J 35 -23.80 35.64 -12.90
CA TRP J 35 -23.30 36.50 -11.83
C TRP J 35 -21.78 36.43 -11.74
N ASN J 36 -21.17 37.57 -11.43
CA ASN J 36 -19.73 37.71 -11.38
C ASN J 36 -19.21 37.57 -9.96
N ARG J 37 -18.14 36.81 -9.79
CA ARG J 37 -17.50 36.62 -8.50
C ARG J 37 -16.09 37.20 -8.54
N LYS J 38 -15.76 38.03 -7.55
CA LYS J 38 -14.43 38.55 -7.37
C LYS J 38 -13.82 38.02 -6.08
N ARG J 39 -12.56 37.62 -6.15
CA ARG J 39 -11.85 37.05 -5.01
C ARG J 39 -11.11 38.17 -4.28
N ILE J 40 -11.41 38.32 -2.99
CA ILE J 40 -10.79 39.33 -2.14
C ILE J 40 -9.81 38.62 -1.22
N SER J 41 -8.52 38.86 -1.42
CA SER J 41 -7.48 38.20 -0.62
C SER J 41 -6.32 39.15 -0.41
N ASN J 42 -5.61 38.94 0.70
CA ASN J 42 -4.35 39.63 1.01
C ASN J 42 -4.55 41.14 1.06
N CYS J 43 -5.44 41.57 1.96
CA CYS J 43 -5.74 42.98 2.10
C CYS J 43 -6.49 43.21 3.41
N VAL J 44 -6.37 44.43 3.93
CA VAL J 44 -7.13 44.84 5.11
C VAL J 44 -8.51 45.28 4.66
N ALA J 45 -9.55 44.65 5.21
CA ALA J 45 -10.93 44.85 4.77
C ALA J 45 -11.60 45.86 5.69
N ASP J 46 -11.95 47.02 5.13
CA ASP J 46 -12.60 48.10 5.87
C ASP J 46 -14.11 47.96 5.65
N TYR J 47 -14.79 47.38 6.63
CA TYR J 47 -16.25 47.29 6.61
C TYR J 47 -16.91 48.48 7.27
N SER J 48 -16.14 49.38 7.87
CA SER J 48 -16.71 50.56 8.49
C SER J 48 -17.48 51.41 7.48
N VAL J 49 -16.91 51.60 6.29
CA VAL J 49 -17.56 52.41 5.26
C VAL J 49 -18.95 51.87 4.95
N LEU J 50 -19.08 50.55 4.84
CA LEU J 50 -20.38 49.96 4.52
C LEU J 50 -21.39 50.12 5.66
N TYR J 51 -20.92 50.09 6.91
CA TYR J 51 -21.81 50.29 8.05
C TYR J 51 -22.38 51.70 8.07
N ASN J 52 -21.51 52.71 8.02
CA ASN J 52 -21.97 54.11 8.09
C ASN J 52 -22.81 54.48 6.87
N SER J 53 -22.47 53.94 5.70
CA SER J 53 -23.22 54.25 4.48
C SER J 53 -24.69 53.87 4.65
N ALA J 54 -25.56 54.87 4.54
CA ALA J 54 -26.99 54.65 4.70
C ALA J 54 -27.69 54.67 3.35
N SER J 55 -27.12 53.96 2.39
CA SER J 55 -27.69 53.89 1.05
C SER J 55 -28.13 52.48 0.65
N PHE J 56 -27.81 51.47 1.45
CA PHE J 56 -28.14 50.09 1.12
C PHE J 56 -29.56 49.79 1.60
N SER J 57 -30.42 49.35 0.67
CA SER J 57 -31.78 48.95 1.03
C SER J 57 -31.82 47.61 1.73
N THR J 58 -30.76 46.82 1.62
CA THR J 58 -30.66 45.52 2.27
C THR J 58 -29.24 45.37 2.78
N PHE J 59 -29.11 44.87 4.00
CA PHE J 59 -27.79 44.60 4.57
C PHE J 59 -27.95 43.48 5.59
N LYS J 60 -28.41 42.32 5.12
CA LYS J 60 -28.67 41.18 5.99
C LYS J 60 -27.44 40.29 6.03
N CYS J 61 -26.94 40.01 7.23
CA CYS J 61 -25.80 39.13 7.44
C CYS J 61 -26.27 37.84 8.12
N TYR J 62 -25.68 36.72 7.71
CA TYR J 62 -26.00 35.41 8.24
C TYR J 62 -24.72 34.76 8.77
N GLY J 63 -24.80 34.22 9.99
CA GLY J 63 -23.66 33.59 10.61
C GLY J 63 -22.62 34.53 11.18
N VAL J 64 -22.74 35.84 10.94
CA VAL J 64 -21.79 36.82 11.43
C VAL J 64 -22.54 38.13 11.66
N SER J 65 -22.06 38.91 12.62
CA SER J 65 -22.72 40.20 12.83
C SER J 65 -21.94 41.31 12.15
N PRO J 66 -22.62 42.28 11.54
CA PRO J 66 -21.89 43.34 10.83
C PRO J 66 -21.11 44.26 11.75
N THR J 67 -21.55 44.44 13.00
CA THR J 67 -20.82 45.30 13.92
C THR J 67 -19.46 44.69 14.29
N LYS J 68 -19.46 43.44 14.72
CA LYS J 68 -18.24 42.77 15.15
C LYS J 68 -17.49 42.17 13.97
N LEU J 69 -17.24 42.98 12.94
CA LEU J 69 -16.59 42.51 11.72
C LEU J 69 -15.20 43.08 11.50
N ASN J 70 -14.86 44.19 12.15
CA ASN J 70 -13.53 44.77 12.03
C ASN J 70 -12.50 44.13 12.96
N ASP J 71 -12.78 42.92 13.47
CA ASP J 71 -11.84 42.23 14.33
C ASP J 71 -11.87 40.72 14.08
N LEU J 72 -12.34 40.28 12.92
CA LEU J 72 -12.43 38.88 12.58
C LEU J 72 -11.71 38.65 11.27
N CYS J 73 -10.62 37.87 11.32
CA CYS J 73 -9.83 37.58 10.13
C CYS J 73 -10.39 36.37 9.40
N PHE J 74 -10.26 36.39 8.07
CA PHE J 74 -10.71 35.30 7.23
C PHE J 74 -9.62 34.93 6.23
N THR J 75 -9.62 33.65 5.82
CA THR J 75 -8.62 33.20 4.86
C THR J 75 -8.87 33.78 3.47
N ASN J 76 -10.14 33.92 3.09
CA ASN J 76 -10.51 34.46 1.80
C ASN J 76 -11.91 35.05 1.89
N VAL J 77 -12.16 36.07 1.07
CA VAL J 77 -13.47 36.72 0.96
C VAL J 77 -13.88 36.75 -0.49
N TYR J 78 -15.15 36.45 -0.76
CA TYR J 78 -15.68 36.41 -2.11
C TYR J 78 -16.88 37.34 -2.24
N ALA J 79 -16.93 38.09 -3.35
CA ALA J 79 -17.97 39.07 -3.58
C ALA J 79 -18.70 38.73 -4.88
N ASP J 80 -19.94 38.27 -4.75
CA ASP J 80 -20.78 37.96 -5.90
C ASP J 80 -21.71 39.15 -6.16
N SER J 81 -21.76 39.59 -7.41
CA SER J 81 -22.53 40.78 -7.79
C SER J 81 -23.37 40.50 -9.03
N PHE J 82 -24.59 41.03 -9.03
CA PHE J 82 -25.53 40.84 -10.13
C PHE J 82 -26.64 41.89 -10.00
N VAL J 83 -27.65 41.79 -10.86
CA VAL J 83 -28.78 42.72 -10.89
C VAL J 83 -30.07 41.93 -11.05
N ILE J 84 -31.03 42.18 -10.15
CA ILE J 84 -32.37 41.61 -10.20
C ILE J 84 -33.36 42.73 -9.87
N ARG J 85 -34.65 42.38 -9.86
CA ARG J 85 -35.68 43.36 -9.54
C ARG J 85 -36.08 43.25 -8.08
N GLY J 86 -36.88 44.22 -7.63
CA GLY J 86 -37.11 44.41 -6.20
C GLY J 86 -37.73 43.20 -5.53
N ASP J 87 -38.79 42.65 -6.12
CA ASP J 87 -39.50 41.55 -5.49
C ASP J 87 -38.69 40.26 -5.47
N GLU J 88 -37.49 40.25 -6.04
CA GLU J 88 -36.62 39.09 -6.02
C GLU J 88 -35.47 39.21 -5.02
N VAL J 89 -35.25 40.40 -4.46
CA VAL J 89 -34.19 40.57 -3.47
C VAL J 89 -34.42 39.66 -2.28
N ARG J 90 -35.69 39.42 -1.93
CA ARG J 90 -35.98 38.52 -0.81
C ARG J 90 -35.52 37.09 -1.08
N GLN J 91 -35.24 36.75 -2.34
CA GLN J 91 -34.81 35.39 -2.65
C GLN J 91 -33.32 35.18 -2.41
N ILE J 92 -32.53 36.25 -2.34
CA ILE J 92 -31.10 36.13 -2.08
C ILE J 92 -30.89 35.90 -0.59
N ALA J 93 -31.17 34.69 -0.14
CA ALA J 93 -31.05 34.32 1.26
C ALA J 93 -31.10 32.80 1.36
N PRO J 94 -30.53 32.22 2.42
CA PRO J 94 -30.56 30.76 2.56
C PRO J 94 -31.99 30.25 2.71
N GLY J 95 -32.26 29.11 2.07
CA GLY J 95 -33.56 28.48 2.18
C GLY J 95 -34.68 29.18 1.44
N GLN J 96 -34.36 29.98 0.43
CA GLN J 96 -35.35 30.69 -0.36
C GLN J 96 -35.57 29.98 -1.70
N THR J 97 -36.79 30.09 -2.21
CA THR J 97 -37.14 29.50 -3.49
C THR J 97 -37.95 30.51 -4.30
N GLY J 98 -38.05 30.25 -5.59
CA GLY J 98 -38.77 31.14 -6.49
C GLY J 98 -38.35 30.95 -7.93
N ASN J 99 -37.66 31.93 -8.50
CA ASN J 99 -37.17 31.78 -9.85
C ASN J 99 -35.71 32.20 -9.93
N ILE J 100 -35.29 33.08 -9.02
CA ILE J 100 -33.89 33.49 -8.97
C ILE J 100 -33.08 32.55 -8.11
N ALA J 101 -33.62 32.13 -6.97
CA ALA J 101 -32.91 31.19 -6.11
C ALA J 101 -32.91 29.78 -6.68
N ASP J 102 -33.81 29.48 -7.61
CA ASP J 102 -33.89 28.14 -8.19
C ASP J 102 -33.12 28.00 -9.50
N TYR J 103 -33.07 29.06 -10.33
CA TYR J 103 -32.50 28.96 -11.66
C TYR J 103 -31.31 29.89 -11.89
N ASN J 104 -30.96 30.73 -10.92
CA ASN J 104 -29.93 31.74 -11.18
C ASN J 104 -28.85 31.78 -10.11
N TYR J 105 -29.24 31.96 -8.85
CA TYR J 105 -28.27 32.14 -7.77
C TYR J 105 -28.85 31.55 -6.49
N LYS J 106 -28.23 30.48 -6.00
CA LYS J 106 -28.68 29.77 -4.81
C LYS J 106 -27.63 29.87 -3.71
N LEU J 107 -28.07 30.20 -2.51
CA LEU J 107 -27.20 30.24 -1.34
C LEU J 107 -27.37 28.97 -0.51
N PRO J 108 -26.30 28.48 0.10
CA PRO J 108 -26.44 27.29 0.95
C PRO J 108 -27.17 27.61 2.23
N ASP J 109 -27.73 26.57 2.85
CA ASP J 109 -28.47 26.76 4.10
C ASP J 109 -27.57 27.33 5.19
N ASP J 110 -26.35 26.83 5.28
CA ASP J 110 -25.39 27.25 6.31
C ASP J 110 -24.54 28.43 5.84
N PHE J 111 -25.18 29.43 5.24
CA PHE J 111 -24.46 30.55 4.68
C PHE J 111 -23.81 31.37 5.78
N THR J 112 -22.57 31.81 5.54
CA THR J 112 -21.85 32.70 6.45
C THR J 112 -21.36 33.90 5.64
N GLY J 113 -22.10 34.99 5.72
CA GLY J 113 -21.75 36.18 4.97
C GLY J 113 -22.87 37.21 5.07
N CYS J 114 -22.79 38.20 4.19
CA CYS J 114 -23.76 39.28 4.16
C CYS J 114 -24.31 39.47 2.76
N VAL J 115 -25.58 39.83 2.69
CA VAL J 115 -26.26 40.17 1.44
C VAL J 115 -26.56 41.66 1.47
N ILE J 116 -26.04 42.38 0.50
CA ILE J 116 -26.17 43.83 0.42
C ILE J 116 -26.79 44.18 -0.94
N ALA J 117 -27.80 45.04 -0.92
CA ALA J 117 -28.53 45.39 -2.12
C ALA J 117 -29.02 46.84 -2.02
N TRP J 118 -29.17 47.48 -3.17
CA TRP J 118 -29.62 48.85 -3.23
C TRP J 118 -30.35 49.08 -4.55
N ASN J 119 -31.21 50.10 -4.56
CA ASN J 119 -31.98 50.43 -5.75
C ASN J 119 -31.09 51.14 -6.77
N SER J 120 -31.11 50.64 -7.99
CA SER J 120 -30.31 51.24 -9.07
C SER J 120 -31.20 51.62 -10.24
N ASN J 121 -32.33 52.25 -9.97
CA ASN J 121 -33.23 52.62 -11.05
C ASN J 121 -32.64 53.73 -11.91
N ASN J 122 -31.87 54.63 -11.32
CA ASN J 122 -31.32 55.75 -12.09
C ASN J 122 -30.23 55.31 -13.06
N LEU J 123 -29.63 54.15 -12.83
CA LEU J 123 -28.52 53.68 -13.65
C LEU J 123 -28.89 52.54 -14.58
N ASP J 124 -29.69 51.58 -14.12
CA ASP J 124 -29.97 50.36 -14.88
C ASP J 124 -31.32 50.40 -15.57
N SER J 125 -31.89 51.58 -15.78
CA SER J 125 -33.17 51.72 -16.47
C SER J 125 -32.99 52.59 -17.70
N LYS J 126 -33.52 52.11 -18.82
CA LYS J 126 -33.54 52.87 -20.07
C LYS J 126 -34.97 53.33 -20.34
N VAL J 127 -35.10 54.50 -20.94
CA VAL J 127 -36.44 55.03 -21.23
C VAL J 127 -37.16 54.14 -22.24
N GLY J 128 -36.45 53.70 -23.26
CA GLY J 128 -37.05 52.79 -24.22
C GLY J 128 -37.12 51.34 -23.77
N GLY J 129 -36.45 51.00 -22.67
CA GLY J 129 -36.38 49.62 -22.24
C GLY J 129 -34.96 49.11 -22.18
N ASN J 130 -34.50 48.73 -20.99
CA ASN J 130 -33.16 48.18 -20.80
C ASN J 130 -33.25 46.66 -20.87
N TYR J 131 -32.94 46.09 -22.03
CA TYR J 131 -32.97 44.65 -22.23
C TYR J 131 -31.60 43.99 -22.09
N ASN J 132 -30.61 44.71 -21.54
CA ASN J 132 -29.28 44.14 -21.38
C ASN J 132 -29.20 43.19 -20.20
N TYR J 133 -30.05 43.36 -19.19
CA TYR J 133 -30.04 42.48 -18.03
C TYR J 133 -31.00 41.32 -18.26
N LEU J 134 -30.52 40.10 -18.01
CA LEU J 134 -31.29 38.90 -18.27
C LEU J 134 -31.36 38.04 -17.02
N TYR J 135 -32.28 37.08 -17.04
CA TYR J 135 -32.39 36.10 -15.98
C TYR J 135 -32.91 34.79 -16.57
N ARG J 136 -32.56 33.68 -15.92
CA ARG J 136 -32.99 32.37 -16.40
C ARG J 136 -34.42 32.09 -15.97
N LEU J 137 -35.22 31.56 -16.89
CA LEU J 137 -36.64 31.31 -16.64
C LEU J 137 -37.00 29.84 -16.57
N PHE J 138 -36.29 28.98 -17.29
CA PHE J 138 -36.59 27.55 -17.31
C PHE J 138 -35.33 26.74 -17.06
N ARG J 139 -35.47 25.64 -16.32
CA ARG J 139 -34.35 24.74 -16.07
C ARG J 139 -34.89 23.40 -15.60
N LYS J 140 -34.15 22.34 -15.93
CA LYS J 140 -34.59 20.99 -15.59
C LYS J 140 -34.58 20.73 -14.09
N SER J 141 -33.68 21.39 -13.36
CA SER J 141 -33.57 21.17 -11.93
C SER J 141 -33.06 22.45 -11.28
N ASN J 142 -33.29 22.56 -9.98
CA ASN J 142 -32.84 23.72 -9.23
C ASN J 142 -31.32 23.76 -9.16
N LEU J 143 -30.77 24.97 -9.01
CA LEU J 143 -29.34 25.12 -8.90
C LEU J 143 -28.84 24.66 -7.54
N LYS J 144 -27.67 24.02 -7.53
CA LYS J 144 -26.98 23.75 -6.29
C LYS J 144 -26.36 25.05 -5.77
N PRO J 145 -25.95 25.08 -4.50
CA PRO J 145 -25.36 26.31 -3.95
C PRO J 145 -24.17 26.80 -4.76
N PHE J 146 -24.16 28.10 -5.05
CA PHE J 146 -23.05 28.78 -5.73
C PHE J 146 -22.78 28.19 -7.10
N GLU J 147 -23.80 27.63 -7.74
CA GLU J 147 -23.67 27.08 -9.08
C GLU J 147 -24.03 28.15 -10.10
N ARG J 148 -23.28 28.19 -11.18
CA ARG J 148 -23.51 29.14 -12.26
C ARG J 148 -23.85 28.38 -13.53
N ASP J 149 -24.96 28.75 -14.17
CA ASP J 149 -25.42 28.14 -15.41
C ASP J 149 -25.56 29.23 -16.45
N ILE J 150 -24.76 29.14 -17.52
CA ILE J 150 -24.81 30.11 -18.60
C ILE J 150 -25.15 29.48 -19.94
N SER J 151 -25.64 28.23 -19.94
CA SER J 151 -26.01 27.56 -21.17
C SER J 151 -27.23 28.22 -21.80
N THR J 152 -27.27 28.21 -23.12
CA THR J 152 -28.35 28.81 -23.89
C THR J 152 -29.07 27.78 -24.76
N GLU J 153 -29.12 26.53 -24.30
CA GLU J 153 -29.80 25.48 -25.03
C GLU J 153 -31.30 25.55 -24.78
N ILE J 154 -32.08 25.37 -25.86
CA ILE J 154 -33.53 25.46 -25.77
C ILE J 154 -34.08 24.46 -24.76
N TYR J 155 -35.00 24.92 -23.92
CA TYR J 155 -35.59 24.10 -22.87
C TYR J 155 -36.82 23.39 -23.42
N GLN J 156 -36.79 22.05 -23.43
CA GLN J 156 -37.90 21.25 -23.92
C GLN J 156 -38.91 21.04 -22.80
N ALA J 157 -40.12 21.58 -22.98
CA ALA J 157 -41.19 21.45 -22.00
C ALA J 157 -42.37 20.65 -22.53
N GLY J 158 -42.16 19.87 -23.60
CA GLY J 158 -43.24 19.13 -24.23
C GLY J 158 -42.77 17.80 -24.75
N SER J 159 -43.72 17.02 -25.26
CA SER J 159 -43.43 15.70 -25.81
C SER J 159 -42.38 15.79 -26.93
N THR J 160 -42.71 16.49 -28.00
CA THR J 160 -41.79 16.63 -29.11
C THR J 160 -40.54 17.38 -28.67
N PRO J 161 -39.34 16.87 -28.95
CA PRO J 161 -38.11 17.57 -28.56
C PRO J 161 -37.84 18.77 -29.46
N CYS J 162 -36.95 19.62 -28.98
CA CYS J 162 -36.56 20.84 -29.68
C CYS J 162 -35.13 20.67 -30.20
N ASN J 163 -34.95 20.85 -31.50
CA ASN J 163 -33.63 20.72 -32.12
C ASN J 163 -32.97 22.08 -32.29
N GLY J 164 -32.98 22.89 -31.23
CA GLY J 164 -32.44 24.23 -31.29
C GLY J 164 -33.40 25.28 -31.80
N VAL J 165 -34.66 24.93 -32.01
CA VAL J 165 -35.65 25.84 -32.55
C VAL J 165 -36.80 25.98 -31.56
N LYS J 166 -37.32 27.19 -31.43
CA LYS J 166 -38.44 27.45 -30.54
C LYS J 166 -39.76 27.00 -31.19
N GLY J 167 -40.81 27.00 -30.39
CA GLY J 167 -42.12 26.61 -30.88
C GLY J 167 -42.94 25.99 -29.76
N PHE J 168 -43.78 25.01 -30.13
CA PHE J 168 -44.63 24.33 -29.17
C PHE J 168 -43.82 23.71 -28.05
N ASN J 169 -43.92 24.28 -26.84
CA ASN J 169 -43.18 23.81 -25.67
C ASN J 169 -41.68 23.76 -25.95
N CYS J 170 -41.17 24.83 -26.55
CA CYS J 170 -39.75 24.96 -26.88
C CYS J 170 -39.40 26.44 -26.71
N TYR J 171 -38.97 26.81 -25.50
CA TYR J 171 -38.72 28.20 -25.16
C TYR J 171 -37.24 28.42 -24.89
N PHE J 172 -36.81 29.65 -25.13
CA PHE J 172 -35.45 30.05 -24.80
C PHE J 172 -35.30 30.09 -23.28
N PRO J 173 -34.18 29.59 -22.73
CA PRO J 173 -34.03 29.55 -21.27
C PRO J 173 -33.82 30.91 -20.63
N LEU J 174 -33.49 31.95 -21.40
CA LEU J 174 -33.20 33.25 -20.84
C LEU J 174 -34.28 34.25 -21.23
N GLN J 175 -34.61 35.13 -20.29
CA GLN J 175 -35.60 36.18 -20.49
C GLN J 175 -35.03 37.48 -19.97
N SER J 176 -35.56 38.60 -20.47
CA SER J 176 -35.02 39.91 -20.16
C SER J 176 -35.93 40.65 -19.19
N TYR J 177 -35.30 41.44 -18.31
CA TYR J 177 -36.03 42.41 -17.50
C TYR J 177 -36.40 43.63 -18.34
N GLY J 178 -37.48 44.30 -17.96
CA GLY J 178 -37.83 45.52 -18.64
C GLY J 178 -36.89 46.65 -18.27
N PHE J 179 -36.80 46.91 -16.97
CA PHE J 179 -35.97 47.96 -16.39
C PHE J 179 -36.19 49.30 -17.08
N GLN J 180 -37.27 49.99 -16.70
CA GLN J 180 -37.62 51.31 -17.16
C GLN J 180 -38.06 52.14 -15.98
N PRO J 181 -37.90 53.46 -16.03
CA PRO J 181 -38.14 54.29 -14.84
C PRO J 181 -39.60 54.35 -14.39
N THR J 182 -40.54 53.89 -15.19
CA THR J 182 -41.96 54.01 -14.88
C THR J 182 -42.53 52.78 -14.17
N TYR J 183 -41.67 51.90 -13.65
CA TYR J 183 -42.18 50.71 -12.97
C TYR J 183 -42.40 50.99 -11.49
N GLY J 184 -43.04 50.04 -10.83
CA GLY J 184 -43.10 50.07 -9.38
C GLY J 184 -41.79 49.63 -8.79
N VAL J 185 -41.63 49.88 -7.49
CA VAL J 185 -40.38 49.53 -6.82
C VAL J 185 -40.13 48.03 -6.91
N GLY J 186 -41.19 47.23 -6.90
CA GLY J 186 -41.07 45.78 -7.01
C GLY J 186 -40.48 45.30 -8.33
N TYR J 187 -40.51 46.13 -9.36
CA TYR J 187 -39.99 45.77 -10.67
C TYR J 187 -38.73 46.54 -11.06
N GLN J 188 -38.31 47.51 -10.25
CA GLN J 188 -37.13 48.31 -10.58
C GLN J 188 -35.85 47.50 -10.37
N PRO J 189 -34.77 47.86 -11.08
CA PRO J 189 -33.52 47.11 -10.95
C PRO J 189 -32.84 47.37 -9.60
N TYR J 190 -32.32 46.28 -9.01
CA TYR J 190 -31.59 46.33 -7.75
C TYR J 190 -30.26 45.62 -7.90
N ARG J 191 -29.18 46.28 -7.48
CA ARG J 191 -27.85 45.71 -7.55
C ARG J 191 -27.51 45.03 -6.22
N VAL J 192 -27.10 43.77 -6.31
CA VAL J 192 -26.83 42.95 -5.13
C VAL J 192 -25.35 42.61 -5.08
N VAL J 193 -24.77 42.66 -3.89
CA VAL J 193 -23.40 42.21 -3.65
C VAL J 193 -23.43 41.21 -2.50
N VAL J 194 -23.08 39.96 -2.78
CA VAL J 194 -23.14 38.89 -1.79
C VAL J 194 -21.72 38.62 -1.32
N LEU J 195 -21.39 39.10 -0.12
CA LEU J 195 -20.09 38.87 0.48
C LEU J 195 -20.12 37.55 1.26
N SER J 196 -19.35 36.56 0.80
CA SER J 196 -19.24 35.28 1.46
C SER J 196 -17.84 35.12 2.03
N PHE J 197 -17.75 34.62 3.26
CA PHE J 197 -16.49 34.44 3.96
C PHE J 197 -16.23 32.95 4.15
N GLU J 198 -15.02 32.52 3.82
CA GLU J 198 -14.58 31.15 4.08
C GLU J 198 -13.44 31.17 5.08
N LEU J 199 -13.43 30.19 5.98
CA LEU J 199 -12.44 30.09 7.05
C LEU J 199 -11.90 28.67 7.06
N LEU J 200 -10.66 28.50 6.57
CA LEU J 200 -10.01 27.22 6.55
C LEU J 200 -9.03 27.11 7.73
N HIS J 201 -8.41 25.94 7.83
CA HIS J 201 -7.34 25.73 8.81
C HIS J 201 -6.01 26.19 8.22
N ALA J 202 -6.00 27.45 7.80
CA ALA J 202 -4.90 28.07 7.08
C ALA J 202 -4.72 29.49 7.58
N PRO J 203 -3.56 30.11 7.35
CA PRO J 203 -3.37 31.51 7.72
C PRO J 203 -4.38 32.41 7.03
N ALA J 204 -4.88 33.40 7.78
CA ALA J 204 -5.90 34.31 7.29
C ALA J 204 -5.26 35.52 6.62
N THR J 205 -5.68 35.81 5.38
CA THR J 205 -5.13 36.91 4.62
C THR J 205 -5.98 38.18 4.66
N VAL J 206 -7.27 38.07 4.94
CA VAL J 206 -8.19 39.21 4.97
C VAL J 206 -8.66 39.41 6.39
N CYS J 207 -8.18 40.48 7.04
CA CYS J 207 -8.58 40.80 8.40
C CYS J 207 -9.48 42.03 8.42
N GLY J 208 -9.35 42.86 9.44
CA GLY J 208 -10.18 44.05 9.53
C GLY J 208 -9.47 45.24 10.14
C1 NAG K . 49.46 -27.92 11.17
C2 NAG K . 49.79 -26.85 10.12
C3 NAG K . 50.98 -27.30 9.27
C4 NAG K . 52.16 -27.69 10.15
C5 NAG K . 51.73 -28.72 11.18
C6 NAG K . 52.80 -29.05 12.19
C7 NAG K . 47.88 -25.48 9.41
C8 NAG K . 46.73 -25.36 8.46
N2 NAG K . 48.64 -26.58 9.27
O3 NAG K . 51.35 -26.24 8.39
O4 NAG K . 53.21 -28.20 9.33
O5 NAG K . 50.62 -28.21 11.93
O6 NAG K . 53.04 -27.93 13.03
O7 NAG K . 48.12 -24.64 10.26
C1 NAG K . 54.48 -27.58 9.67
C2 NAG K . 55.57 -28.44 9.06
C3 NAG K . 56.95 -27.86 9.39
C4 NAG K . 57.00 -26.39 8.97
C5 NAG K . 55.84 -25.61 9.57
C6 NAG K . 55.78 -24.19 9.08
C7 NAG K . 55.27 -30.85 8.72
C8 NAG K . 55.21 -32.20 9.37
N2 NAG K . 55.48 -29.82 9.53
O3 NAG K . 57.96 -28.60 8.73
O4 NAG K . 58.24 -25.81 9.41
O5 NAG K . 54.59 -26.24 9.19
O6 NAG K . 54.46 -23.67 9.12
O7 NAG K . 55.11 -30.70 7.50
C1 FUC K . 53.59 -28.38 14.29
C2 FUC K . 55.04 -27.87 14.33
C3 FUC K . 55.05 -26.34 14.35
C4 FUC K . 54.19 -25.80 15.51
C5 FUC K . 52.79 -26.43 15.48
C6 FUC K . 51.96 -26.12 16.71
O2 FUC K . 55.82 -28.38 13.26
O3 FUC K . 56.38 -25.86 14.54
O4 FUC K . 54.81 -26.09 16.76
O5 FUC K . 52.86 -27.87 15.38
C1 NAG L . -18.38 54.37 -3.98
C2 NAG L . -17.61 54.26 -2.66
C3 NAG L . -18.10 55.31 -1.67
C4 NAG L . -18.07 56.70 -2.28
C5 NAG L . -18.84 56.70 -3.61
C6 NAG L . -18.73 58.01 -4.36
C7 NAG L . -16.74 52.03 -2.12
C8 NAG L . -17.04 50.70 -1.48
N2 NAG L . -17.73 52.92 -2.10
O3 NAG L . -17.29 55.27 -0.49
O4 NAG L . -18.65 57.63 -1.37
O5 NAG L . -18.30 55.70 -4.47
O6 NAG L . -17.40 58.17 -4.87
O7 NAG L . -15.65 52.27 -2.63
C1 NAG L . -17.81 58.79 -1.22
C2 NAG L . -18.65 59.89 -0.56
C3 NAG L . -17.83 61.16 -0.39
C4 NAG L . -16.54 60.85 0.36
C5 NAG L . -15.78 59.71 -0.32
C6 NAG L . -14.55 59.28 0.45
C7 NAG L . -21.09 59.96 -0.83
C8 NAG L . -22.22 60.27 -1.76
N2 NAG L . -19.86 60.14 -1.32
O3 NAG L . -18.59 62.12 0.33
O4 NAG L . -15.70 62.01 0.38
O5 NAG L . -16.63 58.56 -0.43
O6 NAG L . -14.25 57.92 0.22
O7 NAG L . -21.28 59.56 0.31
C1 FUC L . -17.43 59.06 -5.99
C2 FUC L . -16.73 60.36 -5.56
C3 FUC L . -15.25 60.08 -5.26
C4 FUC L . -14.56 59.39 -6.45
C5 FUC L . -15.37 58.18 -6.91
C6 FUC L . -14.87 57.58 -8.22
O2 FUC L . -17.37 60.98 -4.45
O3 FUC L . -14.57 61.30 -4.99
O4 FUC L . -14.41 60.31 -7.53
O5 FUC L . -16.77 58.49 -7.11
#